data_1OVB
# 
_entry.id   1OVB 
# 
_audit_conform.dict_name       mmcif_pdbx.dic 
_audit_conform.dict_version    5.398 
_audit_conform.dict_location   http://mmcif.pdb.org/dictionaries/ascii/mmcif_pdbx.dic 
# 
loop_
_database_2.database_id 
_database_2.database_code 
_database_2.pdbx_database_accession 
_database_2.pdbx_DOI 
PDB   1OVB         pdb_00001ovb 10.2210/pdb1ovb/pdb 
WWPDB D_1000175527 ?            ?                   
# 
loop_
_pdbx_audit_revision_history.ordinal 
_pdbx_audit_revision_history.data_content_type 
_pdbx_audit_revision_history.major_revision 
_pdbx_audit_revision_history.minor_revision 
_pdbx_audit_revision_history.revision_date 
1 'Structure model' 1 0 1994-01-31 
2 'Structure model' 1 1 2008-03-24 
3 'Structure model' 1 2 2011-07-13 
4 'Structure model' 1 3 2024-06-05 
5 'Structure model' 1 4 2024-10-30 
# 
_pdbx_audit_revision_details.ordinal             1 
_pdbx_audit_revision_details.revision_ordinal    1 
_pdbx_audit_revision_details.data_content_type   'Structure model' 
_pdbx_audit_revision_details.provider            repository 
_pdbx_audit_revision_details.type                'Initial release' 
_pdbx_audit_revision_details.description         ? 
_pdbx_audit_revision_details.details             ? 
# 
loop_
_pdbx_audit_revision_group.ordinal 
_pdbx_audit_revision_group.revision_ordinal 
_pdbx_audit_revision_group.data_content_type 
_pdbx_audit_revision_group.group 
1 2 'Structure model' 'Version format compliance' 
2 3 'Structure model' 'Version format compliance' 
3 4 'Structure model' 'Data collection'           
4 4 'Structure model' 'Database references'       
5 4 'Structure model' 'Derived calculations'      
6 4 'Structure model' Other                       
7 5 'Structure model' 'Structure summary'         
# 
loop_
_pdbx_audit_revision_category.ordinal 
_pdbx_audit_revision_category.revision_ordinal 
_pdbx_audit_revision_category.data_content_type 
_pdbx_audit_revision_category.category 
1  4 'Structure model' chem_comp_atom            
2  4 'Structure model' chem_comp_bond            
3  4 'Structure model' database_2                
4  4 'Structure model' pdbx_database_status      
5  4 'Structure model' pdbx_struct_conn_angle    
6  4 'Structure model' struct_conn               
7  4 'Structure model' struct_ref_seq_dif        
8  4 'Structure model' struct_site               
9  5 'Structure model' pdbx_entry_details        
10 5 'Structure model' pdbx_modification_feature 
# 
loop_
_pdbx_audit_revision_item.ordinal 
_pdbx_audit_revision_item.revision_ordinal 
_pdbx_audit_revision_item.data_content_type 
_pdbx_audit_revision_item.item 
1  4 'Structure model' '_database_2.pdbx_DOI'                         
2  4 'Structure model' '_database_2.pdbx_database_accession'          
3  4 'Structure model' '_pdbx_database_status.process_site'           
4  4 'Structure model' '_pdbx_struct_conn_angle.ptnr1_auth_comp_id'   
5  4 'Structure model' '_pdbx_struct_conn_angle.ptnr1_auth_seq_id'    
6  4 'Structure model' '_pdbx_struct_conn_angle.ptnr1_label_asym_id'  
7  4 'Structure model' '_pdbx_struct_conn_angle.ptnr1_label_atom_id'  
8  4 'Structure model' '_pdbx_struct_conn_angle.ptnr1_label_comp_id'  
9  4 'Structure model' '_pdbx_struct_conn_angle.ptnr1_label_seq_id'   
10 4 'Structure model' '_pdbx_struct_conn_angle.ptnr3_auth_comp_id'   
11 4 'Structure model' '_pdbx_struct_conn_angle.ptnr3_auth_seq_id'    
12 4 'Structure model' '_pdbx_struct_conn_angle.ptnr3_label_asym_id'  
13 4 'Structure model' '_pdbx_struct_conn_angle.ptnr3_label_atom_id'  
14 4 'Structure model' '_pdbx_struct_conn_angle.ptnr3_label_comp_id'  
15 4 'Structure model' '_pdbx_struct_conn_angle.ptnr3_label_seq_id'   
16 4 'Structure model' '_pdbx_struct_conn_angle.value'                
17 4 'Structure model' '_struct_conn.pdbx_dist_value'                 
18 4 'Structure model' '_struct_conn.ptnr1_auth_comp_id'              
19 4 'Structure model' '_struct_conn.ptnr1_auth_seq_id'               
20 4 'Structure model' '_struct_conn.ptnr1_label_asym_id'             
21 4 'Structure model' '_struct_conn.ptnr1_label_atom_id'             
22 4 'Structure model' '_struct_conn.ptnr1_label_comp_id'             
23 4 'Structure model' '_struct_conn.ptnr1_label_seq_id'              
24 4 'Structure model' '_struct_conn.ptnr2_auth_comp_id'              
25 4 'Structure model' '_struct_conn.ptnr2_auth_seq_id'               
26 4 'Structure model' '_struct_conn.ptnr2_label_asym_id'             
27 4 'Structure model' '_struct_conn.ptnr2_label_atom_id'             
28 4 'Structure model' '_struct_conn.ptnr2_label_comp_id'             
29 4 'Structure model' '_struct_conn.ptnr2_label_seq_id'              
30 4 'Structure model' '_struct_ref_seq_dif.details'                  
31 4 'Structure model' '_struct_site.pdbx_auth_asym_id'               
32 4 'Structure model' '_struct_site.pdbx_auth_comp_id'               
33 4 'Structure model' '_struct_site.pdbx_auth_seq_id'                
34 5 'Structure model' '_pdbx_entry_details.has_protein_modification' 
# 
_pdbx_database_status.status_code                     REL 
_pdbx_database_status.entry_id                        1OVB 
_pdbx_database_status.recvd_initial_deposition_date   1992-10-05 
_pdbx_database_status.deposit_site                    ? 
_pdbx_database_status.process_site                    BNL 
_pdbx_database_status.status_code_sf                  REL 
_pdbx_database_status.status_code_mr                  ? 
_pdbx_database_status.SG_entry                        ? 
_pdbx_database_status.pdb_format_compatible           Y 
_pdbx_database_status.status_code_cs                  ? 
_pdbx_database_status.status_code_nmr_data            ? 
_pdbx_database_status.methods_development_category    ? 
# 
loop_
_audit_author.name 
_audit_author.pdbx_ordinal 
'Kuser, P.'   1 
'Lindley, P.' 2 
'Sarra, R.'   3 
# 
loop_
_citation.id 
_citation.title 
_citation.journal_abbrev 
_citation.journal_volume 
_citation.page_first 
_citation.page_last 
_citation.year 
_citation.journal_id_ASTM 
_citation.country 
_citation.journal_id_ISSN 
_citation.journal_id_CSD 
_citation.book_publisher 
_citation.pdbx_database_id_PubMed 
_citation.pdbx_database_id_DOI 
primary 
;The mechanism of iron uptake by transferrins: the structure of an 18 kDa NII-domain fragment from duck ovotransferrin at 2.3 A resolution.
;
'Acta Crystallogr.,Sect.D' 49 292  304 1993 ABCRE6 DK 0907-4449 0766 ? 15299534 10.1107/S0907444992012101 
1       'New Perspectives on the Structure and Function of Transferrins' J.Inorg.Biochem.           47 147  ?   1992 JIBIDJ US 
0162-0134 0525 ? ?        ?                         
2       
;High-Resolution X-Ray Studies on Rabbit Serum Transferrin-Preliminary Structure Analysis of the N-Terminal Half-Molecule at 2.3 Angstroms Resolution
;
'Acta Crystallogr.,Sect.B' 46 763  ?   1990 ASBSDK DK 0108-7681 0622 ? ?        ?                         
3       'Molecular Structure of Serum Transferrin at 3.3 Angstroms Resolution' Biochemistry               27 5804 ?   1988 BICHAW 
US 0006-2960 0033 ? ?        ?                         
# 
loop_
_citation_author.citation_id 
_citation_author.name 
_citation_author.ordinal 
_citation_author.identifier_ORCID 
primary 'Lindley, P.F.' 1  ? 
primary 'Bajaj, M.'     2  ? 
primary 'Evans, R.W.'   3  ? 
primary 'Garratt, R.C.' 4  ? 
primary 'Hasnain, S.S.' 5  ? 
primary 'Jhoti, H.'     6  ? 
primary 'Kuser, P.'     7  ? 
primary 'Neu, M.'       8  ? 
primary 'Patel, K.'     9  ? 
primary 'Sarra, R.'     10 ? 
primary 'Strange, R.'   11 ? 
primary 'Walton, A.'    12 ? 
1       'Baker, E.N.'   13 ? 
1       'Lindley, P.F.' 14 ? 
2       'Sarra, R.'     15 ? 
2       'Garratt, R.'   16 ? 
2       'Gorinsky, B.'  17 ? 
2       'Jhoti, H.'     18 ? 
2       'Lindley, P.'   19 ? 
3       'Bailey, S.'    20 ? 
3       'Evans, R.W.'   21 ? 
3       'Garratt, R.C.' 22 ? 
3       'Gorinsky, B.'  23 ? 
3       'Hasnain, S.'   24 ? 
3       'Horsburgh, C.' 25 ? 
3       'Jhoti, H.'     26 ? 
3       'Lindley, P.F.' 27 ? 
3       'Mydin, A.'     28 ? 
3       'Sarra, R.'     29 ? 
3       'Watson, J.L.'  30 ? 
# 
loop_
_entity.id 
_entity.type 
_entity.src_method 
_entity.pdbx_description 
_entity.formula_weight 
_entity.pdbx_number_of_molecules 
_entity.pdbx_ec 
_entity.pdbx_mutation 
_entity.pdbx_fragment 
_entity.details 
1 polymer     man OVOTRANSFERRIN  17428.719 1   ? ? ? ? 
2 non-polymer syn 'FE (III) ION'  55.845    1   ? ? ? ? 
3 non-polymer syn 'CARBONATE ION' 60.009    1   ? ? ? ? 
4 water       nat water           18.015    106 ? ? ? ? 
# 
_entity_poly.entity_id                      1 
_entity_poly.type                           'polypeptide(L)' 
_entity_poly.nstd_linkage                   no 
_entity_poly.nstd_monomer                   no 
_entity_poly.pdbx_seq_one_letter_code       
;SYYAVAVVKKGTDFMIKDLRGKTSCHTGLGRSAGWNIPIGTLIHREDIEWEGIESGSVEQAVAKFFSASCVPGATIEQKL
CRQCKGDAKTKCLRNAPYSGYSGAFQCLKDGKGDVAFVKHTTVQENAPEEKDEYELLCLDGSRQPVDSYKTCNWARVAA
;
_entity_poly.pdbx_seq_one_letter_code_can   
;SYYAVAVVKKGTDFMIKDLRGKTSCHTGLGRSAGWNIPIGTLIHREDIEWEGIESGSVEQAVAKFFSASCVPGATIEQKL
CRQCKGDAKTKCLRNAPYSGYSGAFQCLKDGKGDVAFVKHTTVQENAPEEKDEYELLCLDGSRQPVDSYKTCNWARVAA
;
_entity_poly.pdbx_strand_id                 A 
_entity_poly.pdbx_target_identifier         ? 
# 
loop_
_pdbx_entity_nonpoly.entity_id 
_pdbx_entity_nonpoly.name 
_pdbx_entity_nonpoly.comp_id 
2 'FE (III) ION'  FE  
3 'CARBONATE ION' CO3 
4 water           HOH 
# 
loop_
_entity_poly_seq.entity_id 
_entity_poly_seq.num 
_entity_poly_seq.mon_id 
_entity_poly_seq.hetero 
1 1   SER n 
1 2   TYR n 
1 3   TYR n 
1 4   ALA n 
1 5   VAL n 
1 6   ALA n 
1 7   VAL n 
1 8   VAL n 
1 9   LYS n 
1 10  LYS n 
1 11  GLY n 
1 12  THR n 
1 13  ASP n 
1 14  PHE n 
1 15  MET n 
1 16  ILE n 
1 17  LYS n 
1 18  ASP n 
1 19  LEU n 
1 20  ARG n 
1 21  GLY n 
1 22  LYS n 
1 23  THR n 
1 24  SER n 
1 25  CYS n 
1 26  HIS n 
1 27  THR n 
1 28  GLY n 
1 29  LEU n 
1 30  GLY n 
1 31  ARG n 
1 32  SER n 
1 33  ALA n 
1 34  GLY n 
1 35  TRP n 
1 36  ASN n 
1 37  ILE n 
1 38  PRO n 
1 39  ILE n 
1 40  GLY n 
1 41  THR n 
1 42  LEU n 
1 43  ILE n 
1 44  HIS n 
1 45  ARG n 
1 46  GLU n 
1 47  ASP n 
1 48  ILE n 
1 49  GLU n 
1 50  TRP n 
1 51  GLU n 
1 52  GLY n 
1 53  ILE n 
1 54  GLU n 
1 55  SER n 
1 56  GLY n 
1 57  SER n 
1 58  VAL n 
1 59  GLU n 
1 60  GLN n 
1 61  ALA n 
1 62  VAL n 
1 63  ALA n 
1 64  LYS n 
1 65  PHE n 
1 66  PHE n 
1 67  SER n 
1 68  ALA n 
1 69  SER n 
1 70  CYS n 
1 71  VAL n 
1 72  PRO n 
1 73  GLY n 
1 74  ALA n 
1 75  THR n 
1 76  ILE n 
1 77  GLU n 
1 78  GLN n 
1 79  LYS n 
1 80  LEU n 
1 81  CYS n 
1 82  ARG n 
1 83  GLN n 
1 84  CYS n 
1 85  LYS n 
1 86  GLY n 
1 87  ASP n 
1 88  ALA n 
1 89  LYS n 
1 90  THR n 
1 91  LYS n 
1 92  CYS n 
1 93  LEU n 
1 94  ARG n 
1 95  ASN n 
1 96  ALA n 
1 97  PRO n 
1 98  TYR n 
1 99  SER n 
1 100 GLY n 
1 101 TYR n 
1 102 SER n 
1 103 GLY n 
1 104 ALA n 
1 105 PHE n 
1 106 GLN n 
1 107 CYS n 
1 108 LEU n 
1 109 LYS n 
1 110 ASP n 
1 111 GLY n 
1 112 LYS n 
1 113 GLY n 
1 114 ASP n 
1 115 VAL n 
1 116 ALA n 
1 117 PHE n 
1 118 VAL n 
1 119 LYS n 
1 120 HIS n 
1 121 THR n 
1 122 THR n 
1 123 VAL n 
1 124 GLN n 
1 125 GLU n 
1 126 ASN n 
1 127 ALA n 
1 128 PRO n 
1 129 GLU n 
1 130 GLU n 
1 131 LYS n 
1 132 ASP n 
1 133 GLU n 
1 134 TYR n 
1 135 GLU n 
1 136 LEU n 
1 137 LEU n 
1 138 CYS n 
1 139 LEU n 
1 140 ASP n 
1 141 GLY n 
1 142 SER n 
1 143 ARG n 
1 144 GLN n 
1 145 PRO n 
1 146 VAL n 
1 147 ASP n 
1 148 SER n 
1 149 TYR n 
1 150 LYS n 
1 151 THR n 
1 152 CYS n 
1 153 ASN n 
1 154 TRP n 
1 155 ALA n 
1 156 ARG n 
1 157 VAL n 
1 158 ALA n 
1 159 ALA n 
# 
_entity_src_gen.entity_id                          1 
_entity_src_gen.pdbx_src_id                        1 
_entity_src_gen.pdbx_alt_source_flag               sample 
_entity_src_gen.pdbx_seq_type                      ? 
_entity_src_gen.pdbx_beg_seq_num                   ? 
_entity_src_gen.pdbx_end_seq_num                   ? 
_entity_src_gen.gene_src_common_name               ? 
_entity_src_gen.gene_src_genus                     Anas 
_entity_src_gen.pdbx_gene_src_gene                 ? 
_entity_src_gen.gene_src_species                   ? 
_entity_src_gen.gene_src_strain                    ? 
_entity_src_gen.gene_src_tissue                    ? 
_entity_src_gen.gene_src_tissue_fraction           ? 
_entity_src_gen.gene_src_details                   ? 
_entity_src_gen.pdbx_gene_src_fragment             ? 
_entity_src_gen.pdbx_gene_src_scientific_name      'Anas sp.' 
_entity_src_gen.pdbx_gene_src_ncbi_taxonomy_id     42806 
_entity_src_gen.pdbx_gene_src_variant              ? 
_entity_src_gen.pdbx_gene_src_cell_line            ? 
_entity_src_gen.pdbx_gene_src_atcc                 ? 
_entity_src_gen.pdbx_gene_src_organ                ? 
_entity_src_gen.pdbx_gene_src_organelle            ? 
_entity_src_gen.pdbx_gene_src_cell                 ? 
_entity_src_gen.pdbx_gene_src_cellular_location    ? 
_entity_src_gen.host_org_common_name               ? 
_entity_src_gen.pdbx_host_org_scientific_name      ? 
_entity_src_gen.pdbx_host_org_ncbi_taxonomy_id     ? 
_entity_src_gen.host_org_genus                     ? 
_entity_src_gen.pdbx_host_org_gene                 ? 
_entity_src_gen.pdbx_host_org_organ                ? 
_entity_src_gen.host_org_species                   ? 
_entity_src_gen.pdbx_host_org_tissue               ? 
_entity_src_gen.pdbx_host_org_tissue_fraction      ? 
_entity_src_gen.pdbx_host_org_strain               ? 
_entity_src_gen.pdbx_host_org_variant              ? 
_entity_src_gen.pdbx_host_org_cell_line            ? 
_entity_src_gen.pdbx_host_org_atcc                 ? 
_entity_src_gen.pdbx_host_org_culture_collection   ? 
_entity_src_gen.pdbx_host_org_cell                 ? 
_entity_src_gen.pdbx_host_org_organelle            ? 
_entity_src_gen.pdbx_host_org_cellular_location    ? 
_entity_src_gen.pdbx_host_org_vector_type          ? 
_entity_src_gen.pdbx_host_org_vector               ? 
_entity_src_gen.host_org_details                   ? 
_entity_src_gen.expression_system_id               ? 
_entity_src_gen.plasmid_name                       ? 
_entity_src_gen.plasmid_details                    ? 
_entity_src_gen.pdbx_description                   ? 
# 
loop_
_chem_comp.id 
_chem_comp.type 
_chem_comp.mon_nstd_flag 
_chem_comp.name 
_chem_comp.pdbx_synonyms 
_chem_comp.formula 
_chem_comp.formula_weight 
ALA 'L-peptide linking' y ALANINE         ? 'C3 H7 N O2'     89.093  
ARG 'L-peptide linking' y ARGININE        ? 'C6 H15 N4 O2 1' 175.209 
ASN 'L-peptide linking' y ASPARAGINE      ? 'C4 H8 N2 O3'    132.118 
ASP 'L-peptide linking' y 'ASPARTIC ACID' ? 'C4 H7 N O4'     133.103 
CO3 non-polymer         . 'CARBONATE ION' ? 'C O3 -2'        60.009  
CYS 'L-peptide linking' y CYSTEINE        ? 'C3 H7 N O2 S'   121.158 
FE  non-polymer         . 'FE (III) ION'  ? 'Fe 3'           55.845  
GLN 'L-peptide linking' y GLUTAMINE       ? 'C5 H10 N2 O3'   146.144 
GLU 'L-peptide linking' y 'GLUTAMIC ACID' ? 'C5 H9 N O4'     147.129 
GLY 'peptide linking'   y GLYCINE         ? 'C2 H5 N O2'     75.067  
HIS 'L-peptide linking' y HISTIDINE       ? 'C6 H10 N3 O2 1' 156.162 
HOH non-polymer         . WATER           ? 'H2 O'           18.015  
ILE 'L-peptide linking' y ISOLEUCINE      ? 'C6 H13 N O2'    131.173 
LEU 'L-peptide linking' y LEUCINE         ? 'C6 H13 N O2'    131.173 
LYS 'L-peptide linking' y LYSINE          ? 'C6 H15 N2 O2 1' 147.195 
MET 'L-peptide linking' y METHIONINE      ? 'C5 H11 N O2 S'  149.211 
PHE 'L-peptide linking' y PHENYLALANINE   ? 'C9 H11 N O2'    165.189 
PRO 'L-peptide linking' y PROLINE         ? 'C5 H9 N O2'     115.130 
SER 'L-peptide linking' y SERINE          ? 'C3 H7 N O3'     105.093 
THR 'L-peptide linking' y THREONINE       ? 'C4 H9 N O3'     119.119 
TRP 'L-peptide linking' y TRYPTOPHAN      ? 'C11 H12 N2 O2'  204.225 
TYR 'L-peptide linking' y TYROSINE        ? 'C9 H11 N O3'    181.189 
VAL 'L-peptide linking' y VALINE          ? 'C5 H11 N O2'    117.146 
# 
loop_
_pdbx_poly_seq_scheme.asym_id 
_pdbx_poly_seq_scheme.entity_id 
_pdbx_poly_seq_scheme.seq_id 
_pdbx_poly_seq_scheme.mon_id 
_pdbx_poly_seq_scheme.ndb_seq_num 
_pdbx_poly_seq_scheme.pdb_seq_num 
_pdbx_poly_seq_scheme.auth_seq_num 
_pdbx_poly_seq_scheme.pdb_mon_id 
_pdbx_poly_seq_scheme.auth_mon_id 
_pdbx_poly_seq_scheme.pdb_strand_id 
_pdbx_poly_seq_scheme.pdb_ins_code 
_pdbx_poly_seq_scheme.hetero 
A 1 1   SER 1   94  94  SER SER A . n 
A 1 2   TYR 2   95  95  TYR TYR A . n 
A 1 3   TYR 3   96  96  TYR TYR A . n 
A 1 4   ALA 4   97  97  ALA ALA A . n 
A 1 5   VAL 5   98  98  VAL VAL A . n 
A 1 6   ALA 6   99  99  ALA ALA A . n 
A 1 7   VAL 7   100 100 VAL VAL A . n 
A 1 8   VAL 8   101 101 VAL VAL A . n 
A 1 9   LYS 9   102 102 LYS LYS A . n 
A 1 10  LYS 10  103 103 LYS LYS A . n 
A 1 11  GLY 11  104 104 GLY GLY A . n 
A 1 12  THR 12  105 105 THR THR A . n 
A 1 13  ASP 13  106 106 ASP ASP A . n 
A 1 14  PHE 14  107 107 PHE PHE A . n 
A 1 15  MET 15  108 108 MET MET A . n 
A 1 16  ILE 16  109 109 ILE ILE A . n 
A 1 17  LYS 17  110 110 LYS LYS A . n 
A 1 18  ASP 18  111 111 ASP ASP A . n 
A 1 19  LEU 19  112 112 LEU LEU A . n 
A 1 20  ARG 20  113 113 ARG ARG A . n 
A 1 21  GLY 21  114 114 GLY GLY A . n 
A 1 22  LYS 22  115 115 LYS LYS A . n 
A 1 23  THR 23  116 116 THR THR A . n 
A 1 24  SER 24  117 117 SER SER A . n 
A 1 25  CYS 25  118 118 CYS CYS A . n 
A 1 26  HIS 26  119 119 HIS HIS A . n 
A 1 27  THR 27  120 120 THR THR A . n 
A 1 28  GLY 28  121 121 GLY GLY A . n 
A 1 29  LEU 29  122 122 LEU LEU A . n 
A 1 30  GLY 30  123 123 GLY GLY A . n 
A 1 31  ARG 31  124 124 ARG ARG A . n 
A 1 32  SER 32  125 125 SER SER A . n 
A 1 33  ALA 33  126 126 ALA ALA A . n 
A 1 34  GLY 34  127 127 GLY GLY A . n 
A 1 35  TRP 35  128 128 TRP TRP A . n 
A 1 36  ASN 36  129 129 ASN ASN A . n 
A 1 37  ILE 37  130 130 ILE ILE A . n 
A 1 38  PRO 38  131 131 PRO PRO A . n 
A 1 39  ILE 39  132 132 ILE ILE A . n 
A 1 40  GLY 40  133 133 GLY GLY A . n 
A 1 41  THR 41  134 134 THR THR A . n 
A 1 42  LEU 42  135 135 LEU LEU A . n 
A 1 43  ILE 43  136 136 ILE ILE A . n 
A 1 44  HIS 44  137 137 HIS HIS A . n 
A 1 45  ARG 45  138 138 ARG ARG A . n 
A 1 46  GLU 46  139 139 GLU GLU A . n 
A 1 47  ASP 47  139 139 ASP ASP A A n 
A 1 48  ILE 48  139 139 ILE ILE A B n 
A 1 49  GLU 49  139 139 GLU GLU A C n 
A 1 50  TRP 50  139 139 TRP TRP A D n 
A 1 51  GLU 51  139 139 GLU GLU A E n 
A 1 52  GLY 52  140 140 GLY GLY A . n 
A 1 53  ILE 53  141 141 ILE ILE A . n 
A 1 54  GLU 54  142 142 GLU GLU A . n 
A 1 55  SER 55  143 143 SER SER A . n 
A 1 56  GLY 56  144 144 GLY GLY A . n 
A 1 57  SER 57  145 145 SER SER A . n 
A 1 58  VAL 58  146 146 VAL VAL A . n 
A 1 59  GLU 59  147 147 GLU GLU A . n 
A 1 60  GLN 60  148 148 GLN GLN A . n 
A 1 61  ALA 61  149 149 ALA ALA A . n 
A 1 62  VAL 62  150 150 VAL VAL A . n 
A 1 63  ALA 63  151 151 ALA ALA A . n 
A 1 64  LYS 64  152 152 LYS LYS A . n 
A 1 65  PHE 65  153 153 PHE PHE A . n 
A 1 66  PHE 66  154 154 PHE PHE A . n 
A 1 67  SER 67  155 155 SER SER A . n 
A 1 68  ALA 68  156 156 ALA ALA A . n 
A 1 69  SER 69  157 157 SER SER A . n 
A 1 70  CYS 70  158 158 CYS CYS A . n 
A 1 71  VAL 71  159 159 VAL VAL A . n 
A 1 72  PRO 72  160 160 PRO PRO A . n 
A 1 73  GLY 73  161 161 GLY GLY A . n 
A 1 74  ALA 74  162 162 ALA ALA A . n 
A 1 75  THR 75  163 163 THR THR A . n 
A 1 76  ILE 76  166 166 ILE ILE A . n 
A 1 77  GLU 77  167 167 GLU GLU A . n 
A 1 78  GLN 78  168 168 GLN GLN A . n 
A 1 79  LYS 79  169 169 LYS LYS A . n 
A 1 80  LEU 80  170 170 LEU LEU A . n 
A 1 81  CYS 81  171 171 CYS CYS A . n 
A 1 82  ARG 82  172 172 ARG ARG A . n 
A 1 83  GLN 83  173 173 GLN GLN A . n 
A 1 84  CYS 84  174 174 CYS CYS A . n 
A 1 85  LYS 85  175 175 LYS LYS A . n 
A 1 86  GLY 86  176 176 GLY GLY A . n 
A 1 87  ASP 87  176 176 ASP ASP A A n 
A 1 88  ALA 88  176 176 ALA ALA A B n 
A 1 89  LYS 89  176 176 LYS LYS A C n 
A 1 90  THR 90  176 176 THR THR A D n 
A 1 91  LYS 91  176 176 LYS LYS A E n 
A 1 92  CYS 92  177 177 CYS CYS A . n 
A 1 93  LEU 93  180 180 LEU LEU A . n 
A 1 94  ARG 94  181 181 ARG ARG A . n 
A 1 95  ASN 95  182 182 ASN ASN A . n 
A 1 96  ALA 96  183 183 ALA ALA A . n 
A 1 97  PRO 97  184 184 PRO PRO A . n 
A 1 98  TYR 98  185 185 TYR TYR A . n 
A 1 99  SER 99  186 186 SER SER A . n 
A 1 100 GLY 100 187 187 GLY GLY A . n 
A 1 101 TYR 101 188 188 TYR TYR A . n 
A 1 102 SER 102 189 189 SER SER A . n 
A 1 103 GLY 103 190 190 GLY GLY A . n 
A 1 104 ALA 104 191 191 ALA ALA A . n 
A 1 105 PHE 105 192 192 PHE PHE A . n 
A 1 106 GLN 106 193 193 GLN GLN A . n 
A 1 107 CYS 107 194 194 CYS CYS A . n 
A 1 108 LEU 108 195 195 LEU LEU A . n 
A 1 109 LYS 109 196 196 LYS LYS A . n 
A 1 110 ASP 110 197 197 ASP ASP A . n 
A 1 111 GLY 111 198 198 GLY GLY A . n 
A 1 112 LYS 112 199 199 LYS LYS A . n 
A 1 113 GLY 113 200 200 GLY GLY A . n 
A 1 114 ASP 114 201 201 ASP ASP A . n 
A 1 115 VAL 115 202 202 VAL VAL A . n 
A 1 116 ALA 116 203 203 ALA ALA A . n 
A 1 117 PHE 117 204 204 PHE PHE A . n 
A 1 118 VAL 118 205 205 VAL VAL A . n 
A 1 119 LYS 119 206 206 LYS LYS A . n 
A 1 120 HIS 120 207 207 HIS HIS A . n 
A 1 121 THR 121 208 208 THR THR A . n 
A 1 122 THR 122 209 209 THR THR A . n 
A 1 123 VAL 123 210 210 VAL VAL A . n 
A 1 124 GLN 124 211 211 GLN GLN A . n 
A 1 125 GLU 125 212 212 GLU GLU A . n 
A 1 126 ASN 126 213 213 ASN ASN A . n 
A 1 127 ALA 127 214 214 ALA ALA A . n 
A 1 128 PRO 128 215 215 PRO PRO A . n 
A 1 129 GLU 129 216 216 GLU GLU A . n 
A 1 130 GLU 130 217 217 GLU GLU A . n 
A 1 131 LYS 131 218 218 LYS LYS A . n 
A 1 132 ASP 132 221 221 ASP ASP A . n 
A 1 133 GLU 133 222 222 GLU GLU A . n 
A 1 134 TYR 134 223 223 TYR TYR A . n 
A 1 135 GLU 135 224 224 GLU GLU A . n 
A 1 136 LEU 136 225 225 LEU LEU A . n 
A 1 137 LEU 137 226 226 LEU LEU A . n 
A 1 138 CYS 138 227 227 CYS CYS A . n 
A 1 139 LEU 139 228 228 LEU LEU A . n 
A 1 140 ASP 140 229 229 ASP ASP A . n 
A 1 141 GLY 141 230 230 GLY GLY A . n 
A 1 142 SER 142 231 231 SER SER A . n 
A 1 143 ARG 143 232 232 ARG ARG A . n 
A 1 144 GLN 144 233 233 GLN GLN A . n 
A 1 145 PRO 145 234 234 PRO PRO A . n 
A 1 146 VAL 146 235 235 VAL VAL A . n 
A 1 147 ASP 147 236 236 ASP ASP A . n 
A 1 148 SER 148 237 237 SER SER A . n 
A 1 149 TYR 149 238 238 TYR TYR A . n 
A 1 150 LYS 150 239 239 LYS LYS A . n 
A 1 151 THR 151 240 240 THR THR A . n 
A 1 152 CYS 152 241 241 CYS CYS A . n 
A 1 153 ASN 153 242 242 ASN ASN A . n 
A 1 154 TRP 154 243 243 TRP TRP A . n 
A 1 155 ALA 155 244 244 ALA ALA A . n 
A 1 156 ARG 156 245 245 ARG ARG A . n 
A 1 157 VAL 157 246 246 VAL VAL A . n 
A 1 158 ALA 158 247 247 ALA ALA A . n 
A 1 159 ALA 159 248 248 ALA ALA A . n 
# 
loop_
_pdbx_nonpoly_scheme.asym_id 
_pdbx_nonpoly_scheme.entity_id 
_pdbx_nonpoly_scheme.mon_id 
_pdbx_nonpoly_scheme.ndb_seq_num 
_pdbx_nonpoly_scheme.pdb_seq_num 
_pdbx_nonpoly_scheme.auth_seq_num 
_pdbx_nonpoly_scheme.pdb_mon_id 
_pdbx_nonpoly_scheme.auth_mon_id 
_pdbx_nonpoly_scheme.pdb_strand_id 
_pdbx_nonpoly_scheme.pdb_ins_code 
B 2 FE  1   300 300 FE  FE  A . 
C 3 CO3 1   400 400 CO3 CO3 A . 
D 4 HOH 1   401 1   HOH HOH A . 
D 4 HOH 2   402 2   HOH HOH A . 
D 4 HOH 3   403 3   HOH HOH A . 
D 4 HOH 4   404 4   HOH HOH A . 
D 4 HOH 5   405 5   HOH HOH A . 
D 4 HOH 6   406 6   HOH HOH A . 
D 4 HOH 7   407 7   HOH HOH A . 
D 4 HOH 8   408 8   HOH HOH A . 
D 4 HOH 9   409 9   HOH HOH A . 
D 4 HOH 10  410 10  HOH HOH A . 
D 4 HOH 11  411 11  HOH HOH A . 
D 4 HOH 12  412 12  HOH HOH A . 
D 4 HOH 13  413 13  HOH HOH A . 
D 4 HOH 14  414 14  HOH HOH A . 
D 4 HOH 15  415 15  HOH HOH A . 
D 4 HOH 16  416 16  HOH HOH A . 
D 4 HOH 17  417 17  HOH HOH A . 
D 4 HOH 18  418 18  HOH HOH A . 
D 4 HOH 19  419 19  HOH HOH A . 
D 4 HOH 20  420 20  HOH HOH A . 
D 4 HOH 21  421 21  HOH HOH A . 
D 4 HOH 22  422 22  HOH HOH A . 
D 4 HOH 23  423 23  HOH HOH A . 
D 4 HOH 24  424 24  HOH HOH A . 
D 4 HOH 25  425 25  HOH HOH A . 
D 4 HOH 26  426 26  HOH HOH A . 
D 4 HOH 27  427 27  HOH HOH A . 
D 4 HOH 28  428 28  HOH HOH A . 
D 4 HOH 29  429 29  HOH HOH A . 
D 4 HOH 30  430 30  HOH HOH A . 
D 4 HOH 31  431 31  HOH HOH A . 
D 4 HOH 32  432 32  HOH HOH A . 
D 4 HOH 33  433 33  HOH HOH A . 
D 4 HOH 34  434 34  HOH HOH A . 
D 4 HOH 35  435 35  HOH HOH A . 
D 4 HOH 36  436 36  HOH HOH A . 
D 4 HOH 37  437 37  HOH HOH A . 
D 4 HOH 38  438 38  HOH HOH A . 
D 4 HOH 39  439 39  HOH HOH A . 
D 4 HOH 40  440 40  HOH HOH A . 
D 4 HOH 41  441 41  HOH HOH A . 
D 4 HOH 42  442 42  HOH HOH A . 
D 4 HOH 43  443 43  HOH HOH A . 
D 4 HOH 44  444 44  HOH HOH A . 
D 4 HOH 45  445 45  HOH HOH A . 
D 4 HOH 46  446 46  HOH HOH A . 
D 4 HOH 47  447 47  HOH HOH A . 
D 4 HOH 48  448 48  HOH HOH A . 
D 4 HOH 49  449 49  HOH HOH A . 
D 4 HOH 50  450 50  HOH HOH A . 
D 4 HOH 51  451 51  HOH HOH A . 
D 4 HOH 52  452 52  HOH HOH A . 
D 4 HOH 53  453 53  HOH HOH A . 
D 4 HOH 54  454 54  HOH HOH A . 
D 4 HOH 55  455 55  HOH HOH A . 
D 4 HOH 56  456 56  HOH HOH A . 
D 4 HOH 57  457 57  HOH HOH A . 
D 4 HOH 58  458 58  HOH HOH A . 
D 4 HOH 59  459 59  HOH HOH A . 
D 4 HOH 60  460 60  HOH HOH A . 
D 4 HOH 61  461 61  HOH HOH A . 
D 4 HOH 62  462 62  HOH HOH A . 
D 4 HOH 63  463 63  HOH HOH A . 
D 4 HOH 64  464 64  HOH HOH A . 
D 4 HOH 65  465 65  HOH HOH A . 
D 4 HOH 66  466 66  HOH HOH A . 
D 4 HOH 67  467 67  HOH HOH A . 
D 4 HOH 68  468 68  HOH HOH A . 
D 4 HOH 69  469 69  HOH HOH A . 
D 4 HOH 70  470 70  HOH HOH A . 
D 4 HOH 71  471 71  HOH HOH A . 
D 4 HOH 72  472 72  HOH HOH A . 
D 4 HOH 73  473 73  HOH HOH A . 
D 4 HOH 74  474 74  HOH HOH A . 
D 4 HOH 75  475 75  HOH HOH A . 
D 4 HOH 76  476 76  HOH HOH A . 
D 4 HOH 77  477 77  HOH HOH A . 
D 4 HOH 78  478 78  HOH HOH A . 
D 4 HOH 79  479 79  HOH HOH A . 
D 4 HOH 80  480 80  HOH HOH A . 
D 4 HOH 81  481 81  HOH HOH A . 
D 4 HOH 82  482 82  HOH HOH A . 
D 4 HOH 83  483 83  HOH HOH A . 
D 4 HOH 84  484 84  HOH HOH A . 
D 4 HOH 85  485 85  HOH HOH A . 
D 4 HOH 86  486 86  HOH HOH A . 
D 4 HOH 87  487 87  HOH HOH A . 
D 4 HOH 88  488 88  HOH HOH A . 
D 4 HOH 89  489 89  HOH HOH A . 
D 4 HOH 90  490 90  HOH HOH A . 
D 4 HOH 91  491 91  HOH HOH A . 
D 4 HOH 92  492 92  HOH HOH A . 
D 4 HOH 93  493 93  HOH HOH A . 
D 4 HOH 94  494 94  HOH HOH A . 
D 4 HOH 95  495 95  HOH HOH A . 
D 4 HOH 96  496 96  HOH HOH A . 
D 4 HOH 97  497 97  HOH HOH A . 
D 4 HOH 98  498 98  HOH HOH A . 
D 4 HOH 99  499 99  HOH HOH A . 
D 4 HOH 100 500 100 HOH HOH A . 
D 4 HOH 101 501 101 HOH HOH A . 
D 4 HOH 102 502 102 HOH HOH A . 
D 4 HOH 103 503 103 HOH HOH A . 
D 4 HOH 104 504 104 HOH HOH A . 
D 4 HOH 105 505 105 HOH HOH A . 
D 4 HOH 106 506 106 HOH HOH A . 
# 
loop_
_software.name 
_software.classification 
_software.version 
_software.citation_id 
_software.pdbx_ordinal 
X-PLOR 'model building' . ? 1 
X-PLOR refinement       . ? 2 
X-PLOR phasing          . ? 3 
# 
_cell.entry_id           1OVB 
_cell.length_a           41.500 
_cell.length_b           41.500 
_cell.length_c           81.900 
_cell.angle_alpha        90.00 
_cell.angle_beta         90.00 
_cell.angle_gamma        120.00 
_cell.Z_PDB              3 
_cell.pdbx_unique_axis   ? 
# 
_symmetry.entry_id                         1OVB 
_symmetry.space_group_name_H-M             'P 31' 
_symmetry.pdbx_full_space_group_name_H-M   ? 
_symmetry.cell_setting                     ? 
_symmetry.Int_Tables_number                144 
# 
_exptl.entry_id          1OVB 
_exptl.method            'X-RAY DIFFRACTION' 
_exptl.crystals_number   ? 
# 
_exptl_crystal.id                    1 
_exptl_crystal.density_meas          ? 
_exptl_crystal.density_Matthews      2.34 
_exptl_crystal.density_percent_sol   47.34 
_exptl_crystal.description           ? 
# 
_diffrn.id                     1 
_diffrn.ambient_temp           ? 
_diffrn.ambient_temp_details   ? 
_diffrn.crystal_id             1 
# 
_diffrn_radiation.diffrn_id                        1 
_diffrn_radiation.wavelength_id                    1 
_diffrn_radiation.pdbx_monochromatic_or_laue_m_l   ? 
_diffrn_radiation.monochromator                    ? 
_diffrn_radiation.pdbx_diffrn_protocol             ? 
_diffrn_radiation.pdbx_scattering_type             x-ray 
# 
_diffrn_radiation_wavelength.id           1 
_diffrn_radiation_wavelength.wavelength   . 
_diffrn_radiation_wavelength.wt           1.0 
# 
_refine.entry_id                                 1OVB 
_refine.ls_number_reflns_obs                     6555 
_refine.ls_number_reflns_all                     ? 
_refine.pdbx_ls_sigma_I                          ? 
_refine.pdbx_ls_sigma_F                          ? 
_refine.pdbx_data_cutoff_high_absF               ? 
_refine.pdbx_data_cutoff_low_absF                ? 
_refine.pdbx_data_cutoff_high_rms_absF           ? 
_refine.ls_d_res_low                             7.0 
_refine.ls_d_res_high                            2.3 
_refine.ls_percent_reflns_obs                    ? 
_refine.ls_R_factor_obs                          0.195 
_refine.ls_R_factor_all                          ? 
_refine.ls_R_factor_R_work                       0.195 
_refine.ls_R_factor_R_free                       ? 
_refine.ls_R_factor_R_free_error                 ? 
_refine.ls_R_factor_R_free_error_details         ? 
_refine.ls_percent_reflns_R_free                 ? 
_refine.ls_number_reflns_R_free                  ? 
_refine.ls_number_parameters                     ? 
_refine.ls_number_restraints                     ? 
_refine.occupancy_min                            ? 
_refine.occupancy_max                            ? 
_refine.B_iso_mean                               ? 
_refine.aniso_B[1][1]                            ? 
_refine.aniso_B[2][2]                            ? 
_refine.aniso_B[3][3]                            ? 
_refine.aniso_B[1][2]                            ? 
_refine.aniso_B[1][3]                            ? 
_refine.aniso_B[2][3]                            ? 
_refine.solvent_model_details                    ? 
_refine.solvent_model_param_ksol                 ? 
_refine.solvent_model_param_bsol                 ? 
_refine.pdbx_ls_cross_valid_method               ? 
_refine.details                                  ? 
_refine.pdbx_starting_model                      ? 
_refine.pdbx_method_to_determine_struct          ? 
_refine.pdbx_isotropic_thermal_model             ? 
_refine.pdbx_stereochemistry_target_values       ? 
_refine.pdbx_stereochem_target_val_spec_case     ? 
_refine.pdbx_R_Free_selection_details            ? 
_refine.pdbx_overall_ESU_R                       ? 
_refine.pdbx_overall_ESU_R_Free                  ? 
_refine.overall_SU_ML                            ? 
_refine.overall_SU_B                             ? 
_refine.pdbx_refine_id                           'X-RAY DIFFRACTION' 
_refine.pdbx_diffrn_id                           1 
_refine.pdbx_TLS_residual_ADP_flag               ? 
_refine.correlation_coeff_Fo_to_Fc               ? 
_refine.correlation_coeff_Fo_to_Fc_free          ? 
_refine.pdbx_solvent_vdw_probe_radii             ? 
_refine.pdbx_solvent_ion_probe_radii             ? 
_refine.pdbx_solvent_shrinkage_radii             ? 
_refine.pdbx_overall_phase_error                 ? 
_refine.overall_SU_R_Cruickshank_DPI             ? 
_refine.pdbx_overall_SU_R_free_Cruickshank_DPI   ? 
_refine.pdbx_overall_SU_R_Blow_DPI               ? 
_refine.pdbx_overall_SU_R_free_Blow_DPI          ? 
# 
_refine_hist.pdbx_refine_id                   'X-RAY DIFFRACTION' 
_refine_hist.cycle_id                         LAST 
_refine_hist.pdbx_number_atoms_protein        1220 
_refine_hist.pdbx_number_atoms_nucleic_acid   0 
_refine_hist.pdbx_number_atoms_ligand         5 
_refine_hist.number_atoms_solvent             106 
_refine_hist.number_atoms_total               1331 
_refine_hist.d_res_high                       2.3 
_refine_hist.d_res_low                        7.0 
# 
loop_
_refine_ls_restr.type 
_refine_ls_restr.dev_ideal 
_refine_ls_restr.dev_ideal_target 
_refine_ls_restr.weight 
_refine_ls_restr.number 
_refine_ls_restr.pdbx_refine_id 
_refine_ls_restr.pdbx_restraint_function 
x_bond_d                0.008 ? ? ? 'X-RAY DIFFRACTION' ? 
x_bond_d_na             ?     ? ? ? 'X-RAY DIFFRACTION' ? 
x_bond_d_prot           ?     ? ? ? 'X-RAY DIFFRACTION' ? 
x_angle_d               ?     ? ? ? 'X-RAY DIFFRACTION' ? 
x_angle_d_na            ?     ? ? ? 'X-RAY DIFFRACTION' ? 
x_angle_d_prot          ?     ? ? ? 'X-RAY DIFFRACTION' ? 
x_angle_deg             ?     ? ? ? 'X-RAY DIFFRACTION' ? 
x_angle_deg_na          ?     ? ? ? 'X-RAY DIFFRACTION' ? 
x_angle_deg_prot        ?     ? ? ? 'X-RAY DIFFRACTION' ? 
x_dihedral_angle_d      ?     ? ? ? 'X-RAY DIFFRACTION' ? 
x_dihedral_angle_d_na   ?     ? ? ? 'X-RAY DIFFRACTION' ? 
x_dihedral_angle_d_prot ?     ? ? ? 'X-RAY DIFFRACTION' ? 
x_improper_angle_d      ?     ? ? ? 'X-RAY DIFFRACTION' ? 
x_improper_angle_d_na   ?     ? ? ? 'X-RAY DIFFRACTION' ? 
x_improper_angle_d_prot ?     ? ? ? 'X-RAY DIFFRACTION' ? 
x_mcbond_it             ?     ? ? ? 'X-RAY DIFFRACTION' ? 
x_mcangle_it            ?     ? ? ? 'X-RAY DIFFRACTION' ? 
x_scbond_it             ?     ? ? ? 'X-RAY DIFFRACTION' ? 
x_scangle_it            ?     ? ? ? 'X-RAY DIFFRACTION' ? 
# 
_struct.entry_id                  1OVB 
_struct.title                     
'THE MECHANISM OF IRON UPTAKE BY TRANSFERRINS: THE STRUCTURE OF AN 18KD NII-DOMAIN FRAGMENT AT 2.3 ANGSTROMS RESOLUTION' 
_struct.pdbx_model_details        ? 
_struct.pdbx_CASP_flag            ? 
_struct.pdbx_model_type_details   ? 
# 
_struct_keywords.entry_id        1OVB 
_struct_keywords.pdbx_keywords   'IRON TRANSPORT PROTEIN' 
_struct_keywords.text            'IRON TRANSPORT PROTEIN' 
# 
loop_
_struct_asym.id 
_struct_asym.pdbx_blank_PDB_chainid_flag 
_struct_asym.pdbx_modified 
_struct_asym.entity_id 
_struct_asym.details 
A N N 1 ? 
B N N 2 ? 
C N N 3 ? 
D N N 4 ? 
# 
_struct_ref.id                         1 
_struct_ref.db_name                    UNP 
_struct_ref.db_code                    TRFE_ANAPL 
_struct_ref.entity_id                  1 
_struct_ref.pdbx_db_accession          P56410 
_struct_ref.pdbx_align_begin           1 
_struct_ref.pdbx_seq_one_letter_code   
;APPKTTVRWCTISSAEEKKCNSLKDHMQQERVTLSCVQKATYLDCIKAISNNEADAISLDGGQVFEAGLAPYKLKPIAAE
VYERSGGSTTSYYAVAVVKKGTDFMIKDLRGKTSCHTGLGRSAGWNIPIGTLIHREDIEWEGIESGISEQAVAKFFSASC
VPGATIEQKLCRQCKGDAKTKCLRNGPYSGYSGAFQCLKDGKGDVAFVKHTTVQENAPEEKDEYELLCLDGSRQPVDSYK
TCNWARVAAHAVVARDDSKIDDIWSFLGMQAYSLGVDTTSDFHLFGPPGKKDPVLKDLLFKDSAIMLKRVPELMDSQLYL
GFEYYSAIQSLRKDQLTVGPRENKIQWCAVGKDEKSKCDRWSVVSNGEVECTILDDNKDCIVKITKGEADAISLDGGFVY
TAGVCGLVPVVGESYEDETQCSKDEEQPAYYFAVAVVKKSSAITWNNLQGKKSCHTAVGRTAGWNIPMGLIHNKTGSCDF
DDYFSEGCAPGSPPNSRLCKLCQGSGENLLEKCVASSHEKYYGYTGALRCLVEQGDVAFIKHSTVGENVSGSNKDDWAKG
LTRDDFELLCTNGKRAKTMDYKTCHLAKVPTHAVVARPEKANKIRELLEGQEKLFGLHGTEKERFMMFQSQTKDLLFKAL
TKCLVKLRQGITYKEFLGDEYYASVASLNTCNPSDLLQVCTFLEDK
;
_struct_ref.pdbx_db_isoform            ? 
# 
_struct_ref_seq.align_id                      1 
_struct_ref_seq.ref_id                        1 
_struct_ref_seq.pdbx_PDB_id_code              1OVB 
_struct_ref_seq.pdbx_strand_id                A 
_struct_ref_seq.seq_align_beg                 1 
_struct_ref_seq.pdbx_seq_align_beg_ins_code   ? 
_struct_ref_seq.seq_align_end                 159 
_struct_ref_seq.pdbx_seq_align_end_ins_code   ? 
_struct_ref_seq.pdbx_db_accession             P56410 
_struct_ref_seq.db_align_beg                  91 
_struct_ref_seq.pdbx_db_align_beg_ins_code    ? 
_struct_ref_seq.db_align_end                  249 
_struct_ref_seq.pdbx_db_align_end_ins_code    ? 
_struct_ref_seq.pdbx_auth_seq_align_beg       94 
_struct_ref_seq.pdbx_auth_seq_align_end       248 
# 
loop_
_struct_ref_seq_dif.align_id 
_struct_ref_seq_dif.pdbx_pdb_id_code 
_struct_ref_seq_dif.mon_id 
_struct_ref_seq_dif.pdbx_pdb_strand_id 
_struct_ref_seq_dif.seq_num 
_struct_ref_seq_dif.pdbx_pdb_ins_code 
_struct_ref_seq_dif.pdbx_seq_db_name 
_struct_ref_seq_dif.pdbx_seq_db_accession_code 
_struct_ref_seq_dif.db_mon_id 
_struct_ref_seq_dif.pdbx_seq_db_seq_num 
_struct_ref_seq_dif.details 
_struct_ref_seq_dif.pdbx_auth_seq_num 
_struct_ref_seq_dif.pdbx_ordinal 
1 1OVB SER A 57 ? UNP P56410 ILE 147 conflict 145 1 
1 1OVB VAL A 58 ? UNP P56410 SER 148 conflict 146 2 
1 1OVB ALA A 96 ? UNP P56410 GLY 186 conflict 183 3 
# 
_pdbx_struct_assembly.id                   1 
_pdbx_struct_assembly.details              author_defined_assembly 
_pdbx_struct_assembly.method_details       ? 
_pdbx_struct_assembly.oligomeric_details   monomeric 
_pdbx_struct_assembly.oligomeric_count     1 
# 
_pdbx_struct_assembly_gen.assembly_id       1 
_pdbx_struct_assembly_gen.oper_expression   1 
_pdbx_struct_assembly_gen.asym_id_list      A,B,C,D 
# 
_pdbx_struct_oper_list.id                   1 
_pdbx_struct_oper_list.type                 'identity operation' 
_pdbx_struct_oper_list.name                 1_555 
_pdbx_struct_oper_list.symmetry_operation   x,y,z 
_pdbx_struct_oper_list.matrix[1][1]         1.0000000000 
_pdbx_struct_oper_list.matrix[1][2]         0.0000000000 
_pdbx_struct_oper_list.matrix[1][3]         0.0000000000 
_pdbx_struct_oper_list.vector[1]            0.0000000000 
_pdbx_struct_oper_list.matrix[2][1]         0.0000000000 
_pdbx_struct_oper_list.matrix[2][2]         1.0000000000 
_pdbx_struct_oper_list.matrix[2][3]         0.0000000000 
_pdbx_struct_oper_list.vector[2]            0.0000000000 
_pdbx_struct_oper_list.matrix[3][1]         0.0000000000 
_pdbx_struct_oper_list.matrix[3][2]         0.0000000000 
_pdbx_struct_oper_list.matrix[3][3]         1.0000000000 
_pdbx_struct_oper_list.vector[3]            0.0000000000 
# 
_struct_biol.id   1 
# 
loop_
_struct_conf.conf_type_id 
_struct_conf.id 
_struct_conf.pdbx_PDB_helix_id 
_struct_conf.beg_label_comp_id 
_struct_conf.beg_label_asym_id 
_struct_conf.beg_label_seq_id 
_struct_conf.pdbx_beg_PDB_ins_code 
_struct_conf.end_label_comp_id 
_struct_conf.end_label_asym_id 
_struct_conf.end_label_seq_id 
_struct_conf.pdbx_end_PDB_ins_code 
_struct_conf.beg_auth_comp_id 
_struct_conf.beg_auth_asym_id 
_struct_conf.beg_auth_seq_id 
_struct_conf.end_auth_comp_id 
_struct_conf.end_auth_asym_id 
_struct_conf.end_auth_seq_id 
_struct_conf.pdbx_PDB_helix_class 
_struct_conf.details 
_struct_conf.pdbx_PDB_helix_length 
HELX_P HELX_P1 A4 MET A 15  ? LEU A 19  ? MET A 108 LEU A 112 5 ? 5  
HELX_P HELX_P2 A5 TRP A 35  ? ARG A 45  ? TRP A 128 ARG A 138 1 ? 11 
HELX_P HELX_P3 A6 SER A 57  ? LYS A 64  ? SER A 145 LYS A 152 1 ? 8  
HELX_P HELX_P4 A7 SER A 99  ? ASP A 110 ? SER A 186 ASP A 197 1 ? 12 
HELX_P HELX_P5 A8 THR A 121 ? ALA A 127 ? THR A 208 ALA A 214 1 ? 7  
# 
_struct_conf_type.id          HELX_P 
_struct_conf_type.criteria    ? 
_struct_conf_type.reference   ? 
# 
loop_
_struct_conn.id 
_struct_conn.conn_type_id 
_struct_conn.pdbx_leaving_atom_flag 
_struct_conn.pdbx_PDB_id 
_struct_conn.ptnr1_label_asym_id 
_struct_conn.ptnr1_label_comp_id 
_struct_conn.ptnr1_label_seq_id 
_struct_conn.ptnr1_label_atom_id 
_struct_conn.pdbx_ptnr1_label_alt_id 
_struct_conn.pdbx_ptnr1_PDB_ins_code 
_struct_conn.pdbx_ptnr1_standard_comp_id 
_struct_conn.ptnr1_symmetry 
_struct_conn.ptnr2_label_asym_id 
_struct_conn.ptnr2_label_comp_id 
_struct_conn.ptnr2_label_seq_id 
_struct_conn.ptnr2_label_atom_id 
_struct_conn.pdbx_ptnr2_label_alt_id 
_struct_conn.pdbx_ptnr2_PDB_ins_code 
_struct_conn.ptnr1_auth_asym_id 
_struct_conn.ptnr1_auth_comp_id 
_struct_conn.ptnr1_auth_seq_id 
_struct_conn.ptnr2_auth_asym_id 
_struct_conn.ptnr2_auth_comp_id 
_struct_conn.ptnr2_auth_seq_id 
_struct_conn.ptnr2_symmetry 
_struct_conn.pdbx_ptnr3_label_atom_id 
_struct_conn.pdbx_ptnr3_label_seq_id 
_struct_conn.pdbx_ptnr3_label_comp_id 
_struct_conn.pdbx_ptnr3_label_asym_id 
_struct_conn.pdbx_ptnr3_label_alt_id 
_struct_conn.pdbx_ptnr3_PDB_ins_code 
_struct_conn.details 
_struct_conn.pdbx_dist_value 
_struct_conn.pdbx_value_order 
_struct_conn.pdbx_role 
disulf1 disulf ? ? A CYS 25  SG ? ? ? 1_555 A CYS 107 SG ? ? A CYS 118 A CYS 194 1_555 ? ? ? ? ? ? ? 2.098 ? ? 
disulf2 disulf ? ? A CYS 70  SG ? ? ? 1_555 A CYS 84  SG ? ? A CYS 158 A CYS 174 1_555 ? ? ? ? ? ? ? 2.087 ? ? 
disulf3 disulf ? ? A CYS 81  SG ? ? ? 1_555 A CYS 92  SG ? ? A CYS 171 A CYS 177 1_555 ? ? ? ? ? ? ? 2.100 ? ? 
disulf4 disulf ? ? A CYS 138 SG ? ? ? 1_555 A CYS 152 SG ? ? A CYS 227 A CYS 241 1_555 ? ? ? ? ? ? ? 2.106 ? ? 
metalc1 metalc ? ? A TYR 2   OH ? ? ? 1_555 B FE  .   FE ? ? A TYR 95  A FE  300 1_555 ? ? ? ? ? ? ? 2.012 ? ? 
metalc2 metalc ? ? A TYR 101 OH ? ? ? 1_555 B FE  .   FE ? ? A TYR 188 A FE  300 1_555 ? ? ? ? ? ? ? 1.849 ? ? 
metalc3 metalc ? ? B FE  .   FE ? ? ? 1_555 C CO3 .   O2 ? ? A FE  300 A CO3 400 1_555 ? ? ? ? ? ? ? 2.107 ? ? 
metalc4 metalc ? ? B FE  .   FE ? ? ? 1_555 C CO3 .   O3 ? ? A FE  300 A CO3 400 1_555 ? ? ? ? ? ? ? 2.209 ? ? 
# 
loop_
_struct_conn_type.id 
_struct_conn_type.criteria 
_struct_conn_type.reference 
disulf ? ? 
metalc ? ? 
# 
loop_
_pdbx_struct_conn_angle.id 
_pdbx_struct_conn_angle.ptnr1_label_atom_id 
_pdbx_struct_conn_angle.ptnr1_label_alt_id 
_pdbx_struct_conn_angle.ptnr1_label_asym_id 
_pdbx_struct_conn_angle.ptnr1_label_comp_id 
_pdbx_struct_conn_angle.ptnr1_label_seq_id 
_pdbx_struct_conn_angle.ptnr1_auth_atom_id 
_pdbx_struct_conn_angle.ptnr1_auth_asym_id 
_pdbx_struct_conn_angle.ptnr1_auth_comp_id 
_pdbx_struct_conn_angle.ptnr1_auth_seq_id 
_pdbx_struct_conn_angle.ptnr1_PDB_ins_code 
_pdbx_struct_conn_angle.ptnr1_symmetry 
_pdbx_struct_conn_angle.ptnr2_label_atom_id 
_pdbx_struct_conn_angle.ptnr2_label_alt_id 
_pdbx_struct_conn_angle.ptnr2_label_asym_id 
_pdbx_struct_conn_angle.ptnr2_label_comp_id 
_pdbx_struct_conn_angle.ptnr2_label_seq_id 
_pdbx_struct_conn_angle.ptnr2_auth_atom_id 
_pdbx_struct_conn_angle.ptnr2_auth_asym_id 
_pdbx_struct_conn_angle.ptnr2_auth_comp_id 
_pdbx_struct_conn_angle.ptnr2_auth_seq_id 
_pdbx_struct_conn_angle.ptnr2_PDB_ins_code 
_pdbx_struct_conn_angle.ptnr2_symmetry 
_pdbx_struct_conn_angle.ptnr3_label_atom_id 
_pdbx_struct_conn_angle.ptnr3_label_alt_id 
_pdbx_struct_conn_angle.ptnr3_label_asym_id 
_pdbx_struct_conn_angle.ptnr3_label_comp_id 
_pdbx_struct_conn_angle.ptnr3_label_seq_id 
_pdbx_struct_conn_angle.ptnr3_auth_atom_id 
_pdbx_struct_conn_angle.ptnr3_auth_asym_id 
_pdbx_struct_conn_angle.ptnr3_auth_comp_id 
_pdbx_struct_conn_angle.ptnr3_auth_seq_id 
_pdbx_struct_conn_angle.ptnr3_PDB_ins_code 
_pdbx_struct_conn_angle.ptnr3_symmetry 
_pdbx_struct_conn_angle.value 
_pdbx_struct_conn_angle.value_esd 
1 OH ? A TYR 2   ? A TYR 95  ? 1_555 FE ? B FE . ? A FE 300 ? 1_555 OH ? A TYR 101 ? A TYR 188 ? 1_555 128.7 ? 
2 OH ? A TYR 2   ? A TYR 95  ? 1_555 FE ? B FE . ? A FE 300 ? 1_555 O2 ? C CO3 .   ? A CO3 400 ? 1_555 104.1 ? 
3 OH ? A TYR 101 ? A TYR 188 ? 1_555 FE ? B FE . ? A FE 300 ? 1_555 O2 ? C CO3 .   ? A CO3 400 ? 1_555 104.9 ? 
4 OH ? A TYR 2   ? A TYR 95  ? 1_555 FE ? B FE . ? A FE 300 ? 1_555 O3 ? C CO3 .   ? A CO3 400 ? 1_555 149.6 ? 
5 OH ? A TYR 101 ? A TYR 188 ? 1_555 FE ? B FE . ? A FE 300 ? 1_555 O3 ? C CO3 .   ? A CO3 400 ? 1_555 81.7  ? 
6 O2 ? C CO3 .   ? A CO3 400 ? 1_555 FE ? B FE . ? A FE 300 ? 1_555 O3 ? C CO3 .   ? A CO3 400 ? 1_555 63.0  ? 
# 
loop_
_pdbx_modification_feature.ordinal 
_pdbx_modification_feature.label_comp_id 
_pdbx_modification_feature.label_asym_id 
_pdbx_modification_feature.label_seq_id 
_pdbx_modification_feature.label_alt_id 
_pdbx_modification_feature.modified_residue_label_comp_id 
_pdbx_modification_feature.modified_residue_label_asym_id 
_pdbx_modification_feature.modified_residue_label_seq_id 
_pdbx_modification_feature.modified_residue_label_alt_id 
_pdbx_modification_feature.auth_comp_id 
_pdbx_modification_feature.auth_asym_id 
_pdbx_modification_feature.auth_seq_id 
_pdbx_modification_feature.PDB_ins_code 
_pdbx_modification_feature.symmetry 
_pdbx_modification_feature.modified_residue_auth_comp_id 
_pdbx_modification_feature.modified_residue_auth_asym_id 
_pdbx_modification_feature.modified_residue_auth_seq_id 
_pdbx_modification_feature.modified_residue_PDB_ins_code 
_pdbx_modification_feature.modified_residue_symmetry 
_pdbx_modification_feature.comp_id_linking_atom 
_pdbx_modification_feature.modified_residue_id_linking_atom 
_pdbx_modification_feature.modified_residue_id 
_pdbx_modification_feature.ref_pcm_id 
_pdbx_modification_feature.ref_comp_id 
_pdbx_modification_feature.type 
_pdbx_modification_feature.category 
1 CYS A 25  ? CYS A 107 ? CYS A 118 ? 1_555 CYS A 194 ? 1_555 SG SG . . . None 'Disulfide bridge' 
2 CYS A 70  ? CYS A 84  ? CYS A 158 ? 1_555 CYS A 174 ? 1_555 SG SG . . . None 'Disulfide bridge' 
3 CYS A 81  ? CYS A 92  ? CYS A 171 ? 1_555 CYS A 177 ? 1_555 SG SG . . . None 'Disulfide bridge' 
4 CYS A 138 ? CYS A 152 ? CYS A 227 ? 1_555 CYS A 241 ? 1_555 SG SG . . . None 'Disulfide bridge' 
# 
_struct_sheet.id               B1 
_struct_sheet.type             ? 
_struct_sheet.number_strands   5 
_struct_sheet.details          ? 
# 
loop_
_struct_sheet_order.sheet_id 
_struct_sheet_order.range_id_1 
_struct_sheet_order.range_id_2 
_struct_sheet_order.offset 
_struct_sheet_order.sense 
B1 1 2 ? parallel      
B1 2 3 ? anti-parallel 
B1 3 4 ? parallel      
B1 4 5 ? anti-parallel 
# 
loop_
_struct_sheet_range.sheet_id 
_struct_sheet_range.id 
_struct_sheet_range.beg_label_comp_id 
_struct_sheet_range.beg_label_asym_id 
_struct_sheet_range.beg_label_seq_id 
_struct_sheet_range.pdbx_beg_PDB_ins_code 
_struct_sheet_range.end_label_comp_id 
_struct_sheet_range.end_label_asym_id 
_struct_sheet_range.end_label_seq_id 
_struct_sheet_range.pdbx_end_PDB_ins_code 
_struct_sheet_range.beg_auth_comp_id 
_struct_sheet_range.beg_auth_asym_id 
_struct_sheet_range.beg_auth_seq_id 
_struct_sheet_range.end_auth_comp_id 
_struct_sheet_range.end_auth_asym_id 
_struct_sheet_range.end_auth_seq_id 
B1 1 THR A 23  ? THR A 27  ? THR A 116 THR A 120 
B1 2 VAL A 115 ? HIS A 120 ? VAL A 202 HIS A 207 
B1 3 TYR A 2   ? LYS A 10  ? TYR A 95  LYS A 103 
B1 4 GLU A 133 ? CYS A 138 ? GLU A 222 CYS A 227 
B1 5 SER A 142 ? VAL A 146 ? SER A 231 VAL A 235 
# 
loop_
_struct_site.id 
_struct_site.pdbx_evidence_code 
_struct_site.pdbx_auth_asym_id 
_struct_site.pdbx_auth_comp_id 
_struct_site.pdbx_auth_seq_id 
_struct_site.pdbx_auth_ins_code 
_struct_site.pdbx_num_residues 
_struct_site.details 
FEB Author   ? ?   ?   ? 3 'IRON BINDING SITE'                  
AC1 Software A FE  300 ? 3 'BINDING SITE FOR RESIDUE FE A 300'  
AC2 Software A CO3 400 ? 8 'BINDING SITE FOR RESIDUE CO3 A 400' 
# 
loop_
_struct_site_gen.id 
_struct_site_gen.site_id 
_struct_site_gen.pdbx_num_res 
_struct_site_gen.label_comp_id 
_struct_site_gen.label_asym_id 
_struct_site_gen.label_seq_id 
_struct_site_gen.pdbx_auth_ins_code 
_struct_site_gen.auth_comp_id 
_struct_site_gen.auth_asym_id 
_struct_site_gen.auth_seq_id 
_struct_site_gen.label_atom_id 
_struct_site_gen.label_alt_id 
_struct_site_gen.symmetry 
_struct_site_gen.details 
1  FEB 3 TYR A 2   ? TYR A 95  . ? 1_555 ? 
2  FEB 3 TYR A 101 ? TYR A 188 . ? 1_555 ? 
3  FEB 3 CO3 C .   ? CO3 A 400 . ? 1_555 ? 
4  AC1 3 TYR A 2   ? TYR A 95  . ? 1_555 ? 
5  AC1 3 TYR A 101 ? TYR A 188 . ? 1_555 ? 
6  AC1 3 CO3 C .   ? CO3 A 400 . ? 1_555 ? 
7  AC2 8 TYR A 2   ? TYR A 95  . ? 1_555 ? 
8  AC2 8 THR A 27  ? THR A 120 . ? 1_555 ? 
9  AC2 8 ARG A 31  ? ARG A 124 . ? 1_555 ? 
10 AC2 8 SER A 32  ? SER A 125 . ? 1_555 ? 
11 AC2 8 ALA A 33  ? ALA A 126 . ? 1_555 ? 
12 AC2 8 GLY A 34  ? GLY A 127 . ? 1_555 ? 
13 AC2 8 TYR A 101 ? TYR A 188 . ? 1_555 ? 
14 AC2 8 FE  B .   ? FE  A 300 . ? 1_555 ? 
# 
_pdbx_entry_details.entry_id                   1OVB 
_pdbx_entry_details.compound_details           ? 
_pdbx_entry_details.source_details             ? 
_pdbx_entry_details.nonpolymer_details         ? 
_pdbx_entry_details.sequence_details           'THE SEQUENCE IS THAT DETERMINED BY THE AUTHORS.' 
_pdbx_entry_details.has_ligand_of_interest     ? 
_pdbx_entry_details.has_protein_modification   Y 
# 
_pdbx_validate_close_contact.id               1 
_pdbx_validate_close_contact.PDB_model_num    1 
_pdbx_validate_close_contact.auth_atom_id_1   O 
_pdbx_validate_close_contact.auth_asym_id_1   A 
_pdbx_validate_close_contact.auth_comp_id_1   HOH 
_pdbx_validate_close_contact.auth_seq_id_1    413 
_pdbx_validate_close_contact.PDB_ins_code_1   ? 
_pdbx_validate_close_contact.label_alt_id_1   ? 
_pdbx_validate_close_contact.auth_atom_id_2   O 
_pdbx_validate_close_contact.auth_asym_id_2   A 
_pdbx_validate_close_contact.auth_comp_id_2   HOH 
_pdbx_validate_close_contact.auth_seq_id_2    427 
_pdbx_validate_close_contact.PDB_ins_code_2   ? 
_pdbx_validate_close_contact.label_alt_id_2   ? 
_pdbx_validate_close_contact.dist             2.18 
# 
loop_
_pdbx_validate_symm_contact.id 
_pdbx_validate_symm_contact.PDB_model_num 
_pdbx_validate_symm_contact.auth_atom_id_1 
_pdbx_validate_symm_contact.auth_asym_id_1 
_pdbx_validate_symm_contact.auth_comp_id_1 
_pdbx_validate_symm_contact.auth_seq_id_1 
_pdbx_validate_symm_contact.PDB_ins_code_1 
_pdbx_validate_symm_contact.label_alt_id_1 
_pdbx_validate_symm_contact.site_symmetry_1 
_pdbx_validate_symm_contact.auth_atom_id_2 
_pdbx_validate_symm_contact.auth_asym_id_2 
_pdbx_validate_symm_contact.auth_comp_id_2 
_pdbx_validate_symm_contact.auth_seq_id_2 
_pdbx_validate_symm_contact.PDB_ins_code_2 
_pdbx_validate_symm_contact.label_alt_id_2 
_pdbx_validate_symm_contact.site_symmetry_2 
_pdbx_validate_symm_contact.dist 
1 1 CA A PHE 107 ? ? 1_555 O A HOH 447 ? ? 3_464 1.62 
2 1 O  A ASP 106 ? ? 1_555 O A HOH 447 ? ? 3_464 1.91 
3 1 C  A PHE 107 ? ? 1_555 O A HOH 447 ? ? 3_464 2.07 
4 1 N  A PHE 107 ? ? 1_555 O A HOH 447 ? ? 3_464 2.11 
# 
loop_
_pdbx_validate_rmsd_angle.id 
_pdbx_validate_rmsd_angle.PDB_model_num 
_pdbx_validate_rmsd_angle.auth_atom_id_1 
_pdbx_validate_rmsd_angle.auth_asym_id_1 
_pdbx_validate_rmsd_angle.auth_comp_id_1 
_pdbx_validate_rmsd_angle.auth_seq_id_1 
_pdbx_validate_rmsd_angle.PDB_ins_code_1 
_pdbx_validate_rmsd_angle.label_alt_id_1 
_pdbx_validate_rmsd_angle.auth_atom_id_2 
_pdbx_validate_rmsd_angle.auth_asym_id_2 
_pdbx_validate_rmsd_angle.auth_comp_id_2 
_pdbx_validate_rmsd_angle.auth_seq_id_2 
_pdbx_validate_rmsd_angle.PDB_ins_code_2 
_pdbx_validate_rmsd_angle.label_alt_id_2 
_pdbx_validate_rmsd_angle.auth_atom_id_3 
_pdbx_validate_rmsd_angle.auth_asym_id_3 
_pdbx_validate_rmsd_angle.auth_comp_id_3 
_pdbx_validate_rmsd_angle.auth_seq_id_3 
_pdbx_validate_rmsd_angle.PDB_ins_code_3 
_pdbx_validate_rmsd_angle.label_alt_id_3 
_pdbx_validate_rmsd_angle.angle_value 
_pdbx_validate_rmsd_angle.angle_target_value 
_pdbx_validate_rmsd_angle.angle_deviation 
_pdbx_validate_rmsd_angle.angle_standard_deviation 
_pdbx_validate_rmsd_angle.linker_flag 
1 1 CG A MET 108 ? ? SD A MET 108 ? ? CE  A MET 108 ? ? 109.99 100.20 9.79 1.60 N 
2 1 NE A ARG 113 ? ? CZ A ARG 113 ? ? NH2 A ARG 113 ? ? 123.70 120.30 3.40 0.50 N 
3 1 CA A VAL 159 ? ? CB A VAL 159 ? ? CG2 A VAL 159 ? ? 120.30 110.90 9.40 1.50 N 
# 
loop_
_pdbx_validate_torsion.id 
_pdbx_validate_torsion.PDB_model_num 
_pdbx_validate_torsion.auth_comp_id 
_pdbx_validate_torsion.auth_asym_id 
_pdbx_validate_torsion.auth_seq_id 
_pdbx_validate_torsion.PDB_ins_code 
_pdbx_validate_torsion.label_alt_id 
_pdbx_validate_torsion.phi 
_pdbx_validate_torsion.psi 
1 1 ASP A 106 ? ? -142.11 -3.98  
2 1 TRP A 139 D ? -63.23  92.81  
3 1 SER A 143 ? ? 141.81  101.66 
4 1 ALA A 176 B ? -21.07  -68.78 
5 1 ALA A 214 ? ? -158.46 62.69  
6 1 CYS A 241 ? ? -159.07 68.66  
# 
loop_
_pdbx_validate_peptide_omega.id 
_pdbx_validate_peptide_omega.PDB_model_num 
_pdbx_validate_peptide_omega.auth_comp_id_1 
_pdbx_validate_peptide_omega.auth_asym_id_1 
_pdbx_validate_peptide_omega.auth_seq_id_1 
_pdbx_validate_peptide_omega.PDB_ins_code_1 
_pdbx_validate_peptide_omega.label_alt_id_1 
_pdbx_validate_peptide_omega.auth_comp_id_2 
_pdbx_validate_peptide_omega.auth_asym_id_2 
_pdbx_validate_peptide_omega.auth_seq_id_2 
_pdbx_validate_peptide_omega.PDB_ins_code_2 
_pdbx_validate_peptide_omega.label_alt_id_2 
_pdbx_validate_peptide_omega.omega 
1 1 ILE A 141 ? ? GLU A 142 ? ? 143.26  
2 1 GLU A 142 ? ? SER A 143 ? ? -118.00 
# 
loop_
_pdbx_validate_planes.id 
_pdbx_validate_planes.PDB_model_num 
_pdbx_validate_planes.auth_comp_id 
_pdbx_validate_planes.auth_asym_id 
_pdbx_validate_planes.auth_seq_id 
_pdbx_validate_planes.PDB_ins_code 
_pdbx_validate_planes.label_alt_id 
_pdbx_validate_planes.rmsd 
_pdbx_validate_planes.type 
1 1 ARG A 124 ? ? 0.123 'SIDE CHAIN' 
2 1 ARG A 138 ? ? 0.104 'SIDE CHAIN' 
3 1 ARG A 232 ? ? 0.132 'SIDE CHAIN' 
4 1 ARG A 245 ? ? 0.170 'SIDE CHAIN' 
# 
loop_
_chem_comp_atom.comp_id 
_chem_comp_atom.atom_id 
_chem_comp_atom.type_symbol 
_chem_comp_atom.pdbx_aromatic_flag 
_chem_comp_atom.pdbx_stereo_config 
_chem_comp_atom.pdbx_ordinal 
ALA N    N  N N 1   
ALA CA   C  N S 2   
ALA C    C  N N 3   
ALA O    O  N N 4   
ALA CB   C  N N 5   
ALA OXT  O  N N 6   
ALA H    H  N N 7   
ALA H2   H  N N 8   
ALA HA   H  N N 9   
ALA HB1  H  N N 10  
ALA HB2  H  N N 11  
ALA HB3  H  N N 12  
ALA HXT  H  N N 13  
ARG N    N  N N 14  
ARG CA   C  N S 15  
ARG C    C  N N 16  
ARG O    O  N N 17  
ARG CB   C  N N 18  
ARG CG   C  N N 19  
ARG CD   C  N N 20  
ARG NE   N  N N 21  
ARG CZ   C  N N 22  
ARG NH1  N  N N 23  
ARG NH2  N  N N 24  
ARG OXT  O  N N 25  
ARG H    H  N N 26  
ARG H2   H  N N 27  
ARG HA   H  N N 28  
ARG HB2  H  N N 29  
ARG HB3  H  N N 30  
ARG HG2  H  N N 31  
ARG HG3  H  N N 32  
ARG HD2  H  N N 33  
ARG HD3  H  N N 34  
ARG HE   H  N N 35  
ARG HH11 H  N N 36  
ARG HH12 H  N N 37  
ARG HH21 H  N N 38  
ARG HH22 H  N N 39  
ARG HXT  H  N N 40  
ASN N    N  N N 41  
ASN CA   C  N S 42  
ASN C    C  N N 43  
ASN O    O  N N 44  
ASN CB   C  N N 45  
ASN CG   C  N N 46  
ASN OD1  O  N N 47  
ASN ND2  N  N N 48  
ASN OXT  O  N N 49  
ASN H    H  N N 50  
ASN H2   H  N N 51  
ASN HA   H  N N 52  
ASN HB2  H  N N 53  
ASN HB3  H  N N 54  
ASN HD21 H  N N 55  
ASN HD22 H  N N 56  
ASN HXT  H  N N 57  
ASP N    N  N N 58  
ASP CA   C  N S 59  
ASP C    C  N N 60  
ASP O    O  N N 61  
ASP CB   C  N N 62  
ASP CG   C  N N 63  
ASP OD1  O  N N 64  
ASP OD2  O  N N 65  
ASP OXT  O  N N 66  
ASP H    H  N N 67  
ASP H2   H  N N 68  
ASP HA   H  N N 69  
ASP HB2  H  N N 70  
ASP HB3  H  N N 71  
ASP HD2  H  N N 72  
ASP HXT  H  N N 73  
CO3 C    C  N N 74  
CO3 O1   O  N N 75  
CO3 O2   O  N N 76  
CO3 O3   O  N N 77  
CYS N    N  N N 78  
CYS CA   C  N R 79  
CYS C    C  N N 80  
CYS O    O  N N 81  
CYS CB   C  N N 82  
CYS SG   S  N N 83  
CYS OXT  O  N N 84  
CYS H    H  N N 85  
CYS H2   H  N N 86  
CYS HA   H  N N 87  
CYS HB2  H  N N 88  
CYS HB3  H  N N 89  
CYS HG   H  N N 90  
CYS HXT  H  N N 91  
FE  FE   FE N N 92  
GLN N    N  N N 93  
GLN CA   C  N S 94  
GLN C    C  N N 95  
GLN O    O  N N 96  
GLN CB   C  N N 97  
GLN CG   C  N N 98  
GLN CD   C  N N 99  
GLN OE1  O  N N 100 
GLN NE2  N  N N 101 
GLN OXT  O  N N 102 
GLN H    H  N N 103 
GLN H2   H  N N 104 
GLN HA   H  N N 105 
GLN HB2  H  N N 106 
GLN HB3  H  N N 107 
GLN HG2  H  N N 108 
GLN HG3  H  N N 109 
GLN HE21 H  N N 110 
GLN HE22 H  N N 111 
GLN HXT  H  N N 112 
GLU N    N  N N 113 
GLU CA   C  N S 114 
GLU C    C  N N 115 
GLU O    O  N N 116 
GLU CB   C  N N 117 
GLU CG   C  N N 118 
GLU CD   C  N N 119 
GLU OE1  O  N N 120 
GLU OE2  O  N N 121 
GLU OXT  O  N N 122 
GLU H    H  N N 123 
GLU H2   H  N N 124 
GLU HA   H  N N 125 
GLU HB2  H  N N 126 
GLU HB3  H  N N 127 
GLU HG2  H  N N 128 
GLU HG3  H  N N 129 
GLU HE2  H  N N 130 
GLU HXT  H  N N 131 
GLY N    N  N N 132 
GLY CA   C  N N 133 
GLY C    C  N N 134 
GLY O    O  N N 135 
GLY OXT  O  N N 136 
GLY H    H  N N 137 
GLY H2   H  N N 138 
GLY HA2  H  N N 139 
GLY HA3  H  N N 140 
GLY HXT  H  N N 141 
HIS N    N  N N 142 
HIS CA   C  N S 143 
HIS C    C  N N 144 
HIS O    O  N N 145 
HIS CB   C  N N 146 
HIS CG   C  Y N 147 
HIS ND1  N  Y N 148 
HIS CD2  C  Y N 149 
HIS CE1  C  Y N 150 
HIS NE2  N  Y N 151 
HIS OXT  O  N N 152 
HIS H    H  N N 153 
HIS H2   H  N N 154 
HIS HA   H  N N 155 
HIS HB2  H  N N 156 
HIS HB3  H  N N 157 
HIS HD1  H  N N 158 
HIS HD2  H  N N 159 
HIS HE1  H  N N 160 
HIS HE2  H  N N 161 
HIS HXT  H  N N 162 
HOH O    O  N N 163 
HOH H1   H  N N 164 
HOH H2   H  N N 165 
ILE N    N  N N 166 
ILE CA   C  N S 167 
ILE C    C  N N 168 
ILE O    O  N N 169 
ILE CB   C  N S 170 
ILE CG1  C  N N 171 
ILE CG2  C  N N 172 
ILE CD1  C  N N 173 
ILE OXT  O  N N 174 
ILE H    H  N N 175 
ILE H2   H  N N 176 
ILE HA   H  N N 177 
ILE HB   H  N N 178 
ILE HG12 H  N N 179 
ILE HG13 H  N N 180 
ILE HG21 H  N N 181 
ILE HG22 H  N N 182 
ILE HG23 H  N N 183 
ILE HD11 H  N N 184 
ILE HD12 H  N N 185 
ILE HD13 H  N N 186 
ILE HXT  H  N N 187 
LEU N    N  N N 188 
LEU CA   C  N S 189 
LEU C    C  N N 190 
LEU O    O  N N 191 
LEU CB   C  N N 192 
LEU CG   C  N N 193 
LEU CD1  C  N N 194 
LEU CD2  C  N N 195 
LEU OXT  O  N N 196 
LEU H    H  N N 197 
LEU H2   H  N N 198 
LEU HA   H  N N 199 
LEU HB2  H  N N 200 
LEU HB3  H  N N 201 
LEU HG   H  N N 202 
LEU HD11 H  N N 203 
LEU HD12 H  N N 204 
LEU HD13 H  N N 205 
LEU HD21 H  N N 206 
LEU HD22 H  N N 207 
LEU HD23 H  N N 208 
LEU HXT  H  N N 209 
LYS N    N  N N 210 
LYS CA   C  N S 211 
LYS C    C  N N 212 
LYS O    O  N N 213 
LYS CB   C  N N 214 
LYS CG   C  N N 215 
LYS CD   C  N N 216 
LYS CE   C  N N 217 
LYS NZ   N  N N 218 
LYS OXT  O  N N 219 
LYS H    H  N N 220 
LYS H2   H  N N 221 
LYS HA   H  N N 222 
LYS HB2  H  N N 223 
LYS HB3  H  N N 224 
LYS HG2  H  N N 225 
LYS HG3  H  N N 226 
LYS HD2  H  N N 227 
LYS HD3  H  N N 228 
LYS HE2  H  N N 229 
LYS HE3  H  N N 230 
LYS HZ1  H  N N 231 
LYS HZ2  H  N N 232 
LYS HZ3  H  N N 233 
LYS HXT  H  N N 234 
MET N    N  N N 235 
MET CA   C  N S 236 
MET C    C  N N 237 
MET O    O  N N 238 
MET CB   C  N N 239 
MET CG   C  N N 240 
MET SD   S  N N 241 
MET CE   C  N N 242 
MET OXT  O  N N 243 
MET H    H  N N 244 
MET H2   H  N N 245 
MET HA   H  N N 246 
MET HB2  H  N N 247 
MET HB3  H  N N 248 
MET HG2  H  N N 249 
MET HG3  H  N N 250 
MET HE1  H  N N 251 
MET HE2  H  N N 252 
MET HE3  H  N N 253 
MET HXT  H  N N 254 
PHE N    N  N N 255 
PHE CA   C  N S 256 
PHE C    C  N N 257 
PHE O    O  N N 258 
PHE CB   C  N N 259 
PHE CG   C  Y N 260 
PHE CD1  C  Y N 261 
PHE CD2  C  Y N 262 
PHE CE1  C  Y N 263 
PHE CE2  C  Y N 264 
PHE CZ   C  Y N 265 
PHE OXT  O  N N 266 
PHE H    H  N N 267 
PHE H2   H  N N 268 
PHE HA   H  N N 269 
PHE HB2  H  N N 270 
PHE HB3  H  N N 271 
PHE HD1  H  N N 272 
PHE HD2  H  N N 273 
PHE HE1  H  N N 274 
PHE HE2  H  N N 275 
PHE HZ   H  N N 276 
PHE HXT  H  N N 277 
PRO N    N  N N 278 
PRO CA   C  N S 279 
PRO C    C  N N 280 
PRO O    O  N N 281 
PRO CB   C  N N 282 
PRO CG   C  N N 283 
PRO CD   C  N N 284 
PRO OXT  O  N N 285 
PRO H    H  N N 286 
PRO HA   H  N N 287 
PRO HB2  H  N N 288 
PRO HB3  H  N N 289 
PRO HG2  H  N N 290 
PRO HG3  H  N N 291 
PRO HD2  H  N N 292 
PRO HD3  H  N N 293 
PRO HXT  H  N N 294 
SER N    N  N N 295 
SER CA   C  N S 296 
SER C    C  N N 297 
SER O    O  N N 298 
SER CB   C  N N 299 
SER OG   O  N N 300 
SER OXT  O  N N 301 
SER H    H  N N 302 
SER H2   H  N N 303 
SER HA   H  N N 304 
SER HB2  H  N N 305 
SER HB3  H  N N 306 
SER HG   H  N N 307 
SER HXT  H  N N 308 
THR N    N  N N 309 
THR CA   C  N S 310 
THR C    C  N N 311 
THR O    O  N N 312 
THR CB   C  N R 313 
THR OG1  O  N N 314 
THR CG2  C  N N 315 
THR OXT  O  N N 316 
THR H    H  N N 317 
THR H2   H  N N 318 
THR HA   H  N N 319 
THR HB   H  N N 320 
THR HG1  H  N N 321 
THR HG21 H  N N 322 
THR HG22 H  N N 323 
THR HG23 H  N N 324 
THR HXT  H  N N 325 
TRP N    N  N N 326 
TRP CA   C  N S 327 
TRP C    C  N N 328 
TRP O    O  N N 329 
TRP CB   C  N N 330 
TRP CG   C  Y N 331 
TRP CD1  C  Y N 332 
TRP CD2  C  Y N 333 
TRP NE1  N  Y N 334 
TRP CE2  C  Y N 335 
TRP CE3  C  Y N 336 
TRP CZ2  C  Y N 337 
TRP CZ3  C  Y N 338 
TRP CH2  C  Y N 339 
TRP OXT  O  N N 340 
TRP H    H  N N 341 
TRP H2   H  N N 342 
TRP HA   H  N N 343 
TRP HB2  H  N N 344 
TRP HB3  H  N N 345 
TRP HD1  H  N N 346 
TRP HE1  H  N N 347 
TRP HE3  H  N N 348 
TRP HZ2  H  N N 349 
TRP HZ3  H  N N 350 
TRP HH2  H  N N 351 
TRP HXT  H  N N 352 
TYR N    N  N N 353 
TYR CA   C  N S 354 
TYR C    C  N N 355 
TYR O    O  N N 356 
TYR CB   C  N N 357 
TYR CG   C  Y N 358 
TYR CD1  C  Y N 359 
TYR CD2  C  Y N 360 
TYR CE1  C  Y N 361 
TYR CE2  C  Y N 362 
TYR CZ   C  Y N 363 
TYR OH   O  N N 364 
TYR OXT  O  N N 365 
TYR H    H  N N 366 
TYR H2   H  N N 367 
TYR HA   H  N N 368 
TYR HB2  H  N N 369 
TYR HB3  H  N N 370 
TYR HD1  H  N N 371 
TYR HD2  H  N N 372 
TYR HE1  H  N N 373 
TYR HE2  H  N N 374 
TYR HH   H  N N 375 
TYR HXT  H  N N 376 
VAL N    N  N N 377 
VAL CA   C  N S 378 
VAL C    C  N N 379 
VAL O    O  N N 380 
VAL CB   C  N N 381 
VAL CG1  C  N N 382 
VAL CG2  C  N N 383 
VAL OXT  O  N N 384 
VAL H    H  N N 385 
VAL H2   H  N N 386 
VAL HA   H  N N 387 
VAL HB   H  N N 388 
VAL HG11 H  N N 389 
VAL HG12 H  N N 390 
VAL HG13 H  N N 391 
VAL HG21 H  N N 392 
VAL HG22 H  N N 393 
VAL HG23 H  N N 394 
VAL HXT  H  N N 395 
# 
loop_
_chem_comp_bond.comp_id 
_chem_comp_bond.atom_id_1 
_chem_comp_bond.atom_id_2 
_chem_comp_bond.value_order 
_chem_comp_bond.pdbx_aromatic_flag 
_chem_comp_bond.pdbx_stereo_config 
_chem_comp_bond.pdbx_ordinal 
ALA N   CA   sing N N 1   
ALA N   H    sing N N 2   
ALA N   H2   sing N N 3   
ALA CA  C    sing N N 4   
ALA CA  CB   sing N N 5   
ALA CA  HA   sing N N 6   
ALA C   O    doub N N 7   
ALA C   OXT  sing N N 8   
ALA CB  HB1  sing N N 9   
ALA CB  HB2  sing N N 10  
ALA CB  HB3  sing N N 11  
ALA OXT HXT  sing N N 12  
ARG N   CA   sing N N 13  
ARG N   H    sing N N 14  
ARG N   H2   sing N N 15  
ARG CA  C    sing N N 16  
ARG CA  CB   sing N N 17  
ARG CA  HA   sing N N 18  
ARG C   O    doub N N 19  
ARG C   OXT  sing N N 20  
ARG CB  CG   sing N N 21  
ARG CB  HB2  sing N N 22  
ARG CB  HB3  sing N N 23  
ARG CG  CD   sing N N 24  
ARG CG  HG2  sing N N 25  
ARG CG  HG3  sing N N 26  
ARG CD  NE   sing N N 27  
ARG CD  HD2  sing N N 28  
ARG CD  HD3  sing N N 29  
ARG NE  CZ   sing N N 30  
ARG NE  HE   sing N N 31  
ARG CZ  NH1  sing N N 32  
ARG CZ  NH2  doub N N 33  
ARG NH1 HH11 sing N N 34  
ARG NH1 HH12 sing N N 35  
ARG NH2 HH21 sing N N 36  
ARG NH2 HH22 sing N N 37  
ARG OXT HXT  sing N N 38  
ASN N   CA   sing N N 39  
ASN N   H    sing N N 40  
ASN N   H2   sing N N 41  
ASN CA  C    sing N N 42  
ASN CA  CB   sing N N 43  
ASN CA  HA   sing N N 44  
ASN C   O    doub N N 45  
ASN C   OXT  sing N N 46  
ASN CB  CG   sing N N 47  
ASN CB  HB2  sing N N 48  
ASN CB  HB3  sing N N 49  
ASN CG  OD1  doub N N 50  
ASN CG  ND2  sing N N 51  
ASN ND2 HD21 sing N N 52  
ASN ND2 HD22 sing N N 53  
ASN OXT HXT  sing N N 54  
ASP N   CA   sing N N 55  
ASP N   H    sing N N 56  
ASP N   H2   sing N N 57  
ASP CA  C    sing N N 58  
ASP CA  CB   sing N N 59  
ASP CA  HA   sing N N 60  
ASP C   O    doub N N 61  
ASP C   OXT  sing N N 62  
ASP CB  CG   sing N N 63  
ASP CB  HB2  sing N N 64  
ASP CB  HB3  sing N N 65  
ASP CG  OD1  doub N N 66  
ASP CG  OD2  sing N N 67  
ASP OD2 HD2  sing N N 68  
ASP OXT HXT  sing N N 69  
CO3 C   O1   doub N N 70  
CO3 C   O2   sing N N 71  
CO3 C   O3   sing N N 72  
CYS N   CA   sing N N 73  
CYS N   H    sing N N 74  
CYS N   H2   sing N N 75  
CYS CA  C    sing N N 76  
CYS CA  CB   sing N N 77  
CYS CA  HA   sing N N 78  
CYS C   O    doub N N 79  
CYS C   OXT  sing N N 80  
CYS CB  SG   sing N N 81  
CYS CB  HB2  sing N N 82  
CYS CB  HB3  sing N N 83  
CYS SG  HG   sing N N 84  
CYS OXT HXT  sing N N 85  
GLN N   CA   sing N N 86  
GLN N   H    sing N N 87  
GLN N   H2   sing N N 88  
GLN CA  C    sing N N 89  
GLN CA  CB   sing N N 90  
GLN CA  HA   sing N N 91  
GLN C   O    doub N N 92  
GLN C   OXT  sing N N 93  
GLN CB  CG   sing N N 94  
GLN CB  HB2  sing N N 95  
GLN CB  HB3  sing N N 96  
GLN CG  CD   sing N N 97  
GLN CG  HG2  sing N N 98  
GLN CG  HG3  sing N N 99  
GLN CD  OE1  doub N N 100 
GLN CD  NE2  sing N N 101 
GLN NE2 HE21 sing N N 102 
GLN NE2 HE22 sing N N 103 
GLN OXT HXT  sing N N 104 
GLU N   CA   sing N N 105 
GLU N   H    sing N N 106 
GLU N   H2   sing N N 107 
GLU CA  C    sing N N 108 
GLU CA  CB   sing N N 109 
GLU CA  HA   sing N N 110 
GLU C   O    doub N N 111 
GLU C   OXT  sing N N 112 
GLU CB  CG   sing N N 113 
GLU CB  HB2  sing N N 114 
GLU CB  HB3  sing N N 115 
GLU CG  CD   sing N N 116 
GLU CG  HG2  sing N N 117 
GLU CG  HG3  sing N N 118 
GLU CD  OE1  doub N N 119 
GLU CD  OE2  sing N N 120 
GLU OE2 HE2  sing N N 121 
GLU OXT HXT  sing N N 122 
GLY N   CA   sing N N 123 
GLY N   H    sing N N 124 
GLY N   H2   sing N N 125 
GLY CA  C    sing N N 126 
GLY CA  HA2  sing N N 127 
GLY CA  HA3  sing N N 128 
GLY C   O    doub N N 129 
GLY C   OXT  sing N N 130 
GLY OXT HXT  sing N N 131 
HIS N   CA   sing N N 132 
HIS N   H    sing N N 133 
HIS N   H2   sing N N 134 
HIS CA  C    sing N N 135 
HIS CA  CB   sing N N 136 
HIS CA  HA   sing N N 137 
HIS C   O    doub N N 138 
HIS C   OXT  sing N N 139 
HIS CB  CG   sing N N 140 
HIS CB  HB2  sing N N 141 
HIS CB  HB3  sing N N 142 
HIS CG  ND1  sing Y N 143 
HIS CG  CD2  doub Y N 144 
HIS ND1 CE1  doub Y N 145 
HIS ND1 HD1  sing N N 146 
HIS CD2 NE2  sing Y N 147 
HIS CD2 HD2  sing N N 148 
HIS CE1 NE2  sing Y N 149 
HIS CE1 HE1  sing N N 150 
HIS NE2 HE2  sing N N 151 
HIS OXT HXT  sing N N 152 
HOH O   H1   sing N N 153 
HOH O   H2   sing N N 154 
ILE N   CA   sing N N 155 
ILE N   H    sing N N 156 
ILE N   H2   sing N N 157 
ILE CA  C    sing N N 158 
ILE CA  CB   sing N N 159 
ILE CA  HA   sing N N 160 
ILE C   O    doub N N 161 
ILE C   OXT  sing N N 162 
ILE CB  CG1  sing N N 163 
ILE CB  CG2  sing N N 164 
ILE CB  HB   sing N N 165 
ILE CG1 CD1  sing N N 166 
ILE CG1 HG12 sing N N 167 
ILE CG1 HG13 sing N N 168 
ILE CG2 HG21 sing N N 169 
ILE CG2 HG22 sing N N 170 
ILE CG2 HG23 sing N N 171 
ILE CD1 HD11 sing N N 172 
ILE CD1 HD12 sing N N 173 
ILE CD1 HD13 sing N N 174 
ILE OXT HXT  sing N N 175 
LEU N   CA   sing N N 176 
LEU N   H    sing N N 177 
LEU N   H2   sing N N 178 
LEU CA  C    sing N N 179 
LEU CA  CB   sing N N 180 
LEU CA  HA   sing N N 181 
LEU C   O    doub N N 182 
LEU C   OXT  sing N N 183 
LEU CB  CG   sing N N 184 
LEU CB  HB2  sing N N 185 
LEU CB  HB3  sing N N 186 
LEU CG  CD1  sing N N 187 
LEU CG  CD2  sing N N 188 
LEU CG  HG   sing N N 189 
LEU CD1 HD11 sing N N 190 
LEU CD1 HD12 sing N N 191 
LEU CD1 HD13 sing N N 192 
LEU CD2 HD21 sing N N 193 
LEU CD2 HD22 sing N N 194 
LEU CD2 HD23 sing N N 195 
LEU OXT HXT  sing N N 196 
LYS N   CA   sing N N 197 
LYS N   H    sing N N 198 
LYS N   H2   sing N N 199 
LYS CA  C    sing N N 200 
LYS CA  CB   sing N N 201 
LYS CA  HA   sing N N 202 
LYS C   O    doub N N 203 
LYS C   OXT  sing N N 204 
LYS CB  CG   sing N N 205 
LYS CB  HB2  sing N N 206 
LYS CB  HB3  sing N N 207 
LYS CG  CD   sing N N 208 
LYS CG  HG2  sing N N 209 
LYS CG  HG3  sing N N 210 
LYS CD  CE   sing N N 211 
LYS CD  HD2  sing N N 212 
LYS CD  HD3  sing N N 213 
LYS CE  NZ   sing N N 214 
LYS CE  HE2  sing N N 215 
LYS CE  HE3  sing N N 216 
LYS NZ  HZ1  sing N N 217 
LYS NZ  HZ2  sing N N 218 
LYS NZ  HZ3  sing N N 219 
LYS OXT HXT  sing N N 220 
MET N   CA   sing N N 221 
MET N   H    sing N N 222 
MET N   H2   sing N N 223 
MET CA  C    sing N N 224 
MET CA  CB   sing N N 225 
MET CA  HA   sing N N 226 
MET C   O    doub N N 227 
MET C   OXT  sing N N 228 
MET CB  CG   sing N N 229 
MET CB  HB2  sing N N 230 
MET CB  HB3  sing N N 231 
MET CG  SD   sing N N 232 
MET CG  HG2  sing N N 233 
MET CG  HG3  sing N N 234 
MET SD  CE   sing N N 235 
MET CE  HE1  sing N N 236 
MET CE  HE2  sing N N 237 
MET CE  HE3  sing N N 238 
MET OXT HXT  sing N N 239 
PHE N   CA   sing N N 240 
PHE N   H    sing N N 241 
PHE N   H2   sing N N 242 
PHE CA  C    sing N N 243 
PHE CA  CB   sing N N 244 
PHE CA  HA   sing N N 245 
PHE C   O    doub N N 246 
PHE C   OXT  sing N N 247 
PHE CB  CG   sing N N 248 
PHE CB  HB2  sing N N 249 
PHE CB  HB3  sing N N 250 
PHE CG  CD1  doub Y N 251 
PHE CG  CD2  sing Y N 252 
PHE CD1 CE1  sing Y N 253 
PHE CD1 HD1  sing N N 254 
PHE CD2 CE2  doub Y N 255 
PHE CD2 HD2  sing N N 256 
PHE CE1 CZ   doub Y N 257 
PHE CE1 HE1  sing N N 258 
PHE CE2 CZ   sing Y N 259 
PHE CE2 HE2  sing N N 260 
PHE CZ  HZ   sing N N 261 
PHE OXT HXT  sing N N 262 
PRO N   CA   sing N N 263 
PRO N   CD   sing N N 264 
PRO N   H    sing N N 265 
PRO CA  C    sing N N 266 
PRO CA  CB   sing N N 267 
PRO CA  HA   sing N N 268 
PRO C   O    doub N N 269 
PRO C   OXT  sing N N 270 
PRO CB  CG   sing N N 271 
PRO CB  HB2  sing N N 272 
PRO CB  HB3  sing N N 273 
PRO CG  CD   sing N N 274 
PRO CG  HG2  sing N N 275 
PRO CG  HG3  sing N N 276 
PRO CD  HD2  sing N N 277 
PRO CD  HD3  sing N N 278 
PRO OXT HXT  sing N N 279 
SER N   CA   sing N N 280 
SER N   H    sing N N 281 
SER N   H2   sing N N 282 
SER CA  C    sing N N 283 
SER CA  CB   sing N N 284 
SER CA  HA   sing N N 285 
SER C   O    doub N N 286 
SER C   OXT  sing N N 287 
SER CB  OG   sing N N 288 
SER CB  HB2  sing N N 289 
SER CB  HB3  sing N N 290 
SER OG  HG   sing N N 291 
SER OXT HXT  sing N N 292 
THR N   CA   sing N N 293 
THR N   H    sing N N 294 
THR N   H2   sing N N 295 
THR CA  C    sing N N 296 
THR CA  CB   sing N N 297 
THR CA  HA   sing N N 298 
THR C   O    doub N N 299 
THR C   OXT  sing N N 300 
THR CB  OG1  sing N N 301 
THR CB  CG2  sing N N 302 
THR CB  HB   sing N N 303 
THR OG1 HG1  sing N N 304 
THR CG2 HG21 sing N N 305 
THR CG2 HG22 sing N N 306 
THR CG2 HG23 sing N N 307 
THR OXT HXT  sing N N 308 
TRP N   CA   sing N N 309 
TRP N   H    sing N N 310 
TRP N   H2   sing N N 311 
TRP CA  C    sing N N 312 
TRP CA  CB   sing N N 313 
TRP CA  HA   sing N N 314 
TRP C   O    doub N N 315 
TRP C   OXT  sing N N 316 
TRP CB  CG   sing N N 317 
TRP CB  HB2  sing N N 318 
TRP CB  HB3  sing N N 319 
TRP CG  CD1  doub Y N 320 
TRP CG  CD2  sing Y N 321 
TRP CD1 NE1  sing Y N 322 
TRP CD1 HD1  sing N N 323 
TRP CD2 CE2  doub Y N 324 
TRP CD2 CE3  sing Y N 325 
TRP NE1 CE2  sing Y N 326 
TRP NE1 HE1  sing N N 327 
TRP CE2 CZ2  sing Y N 328 
TRP CE3 CZ3  doub Y N 329 
TRP CE3 HE3  sing N N 330 
TRP CZ2 CH2  doub Y N 331 
TRP CZ2 HZ2  sing N N 332 
TRP CZ3 CH2  sing Y N 333 
TRP CZ3 HZ3  sing N N 334 
TRP CH2 HH2  sing N N 335 
TRP OXT HXT  sing N N 336 
TYR N   CA   sing N N 337 
TYR N   H    sing N N 338 
TYR N   H2   sing N N 339 
TYR CA  C    sing N N 340 
TYR CA  CB   sing N N 341 
TYR CA  HA   sing N N 342 
TYR C   O    doub N N 343 
TYR C   OXT  sing N N 344 
TYR CB  CG   sing N N 345 
TYR CB  HB2  sing N N 346 
TYR CB  HB3  sing N N 347 
TYR CG  CD1  doub Y N 348 
TYR CG  CD2  sing Y N 349 
TYR CD1 CE1  sing Y N 350 
TYR CD1 HD1  sing N N 351 
TYR CD2 CE2  doub Y N 352 
TYR CD2 HD2  sing N N 353 
TYR CE1 CZ   doub Y N 354 
TYR CE1 HE1  sing N N 355 
TYR CE2 CZ   sing Y N 356 
TYR CE2 HE2  sing N N 357 
TYR CZ  OH   sing N N 358 
TYR OH  HH   sing N N 359 
TYR OXT HXT  sing N N 360 
VAL N   CA   sing N N 361 
VAL N   H    sing N N 362 
VAL N   H2   sing N N 363 
VAL CA  C    sing N N 364 
VAL CA  CB   sing N N 365 
VAL CA  HA   sing N N 366 
VAL C   O    doub N N 367 
VAL C   OXT  sing N N 368 
VAL CB  CG1  sing N N 369 
VAL CB  CG2  sing N N 370 
VAL CB  HB   sing N N 371 
VAL CG1 HG11 sing N N 372 
VAL CG1 HG12 sing N N 373 
VAL CG1 HG13 sing N N 374 
VAL CG2 HG21 sing N N 375 
VAL CG2 HG22 sing N N 376 
VAL CG2 HG23 sing N N 377 
VAL OXT HXT  sing N N 378 
# 
_atom_sites.entry_id                    1OVB 
_atom_sites.fract_transf_matrix[1][1]   0.01257440 
_atom_sites.fract_transf_matrix[1][2]   0.02430704 
_atom_sites.fract_transf_matrix[1][3]   -0.00502130 
_atom_sites.fract_transf_matrix[2][1]   0.01560393 
_atom_sites.fract_transf_matrix[2][2]   0.01192449 
_atom_sites.fract_transf_matrix[2][3]   0.01971038 
_atom_sites.fract_transf_matrix[3][1]   0.00981571 
_atom_sites.fract_transf_matrix[3][2]   -0.00594063 
_atom_sites.fract_transf_matrix[3][3]   -0.00417671 
_atom_sites.fract_transf_vector[1]      -0.241509 
_atom_sites.fract_transf_vector[2]      0.917055 
_atom_sites.fract_transf_vector[3]      -0.080293 
# 
loop_
_atom_sites_footnote.id 
_atom_sites_footnote.text 
1 'GLY     104  - THR     105    OMEGA ANGLE = 137.204 PEPTIDE BOND DEVIATES SIGNIFICANTLY FROM TRANS CONFORMATION' 
2 'ALA     126  - GLY     127    OMEGA ANGLE = 217.267 PEPTIDE BOND DEVIATES SIGNIFICANTLY FROM TRANS CONFORMATION' 
3 'ILE     141  - GLU     142    OMEGA ANGLE = 143.256 PEPTIDE BOND DEVIATES SIGNIFICANTLY FROM TRANS CONFORMATION' 
4 'GLU     142  - SER     143    OMEGA ANGLE = 242.000 PEPTIDE BOND DEVIATES SIGNIFICANTLY FROM TRANS CONFORMATION' 
5 'GLU     224  - LEU     225    OMEGA ANGLE = 211.241 PEPTIDE BOND DEVIATES SIGNIFICANTLY FROM TRANS CONFORMATION' 
# 
loop_
_atom_type.symbol 
C  
FE 
N  
O  
S  
# 
loop_
_atom_site.group_PDB 
_atom_site.id 
_atom_site.type_symbol 
_atom_site.label_atom_id 
_atom_site.label_alt_id 
_atom_site.label_comp_id 
_atom_site.label_asym_id 
_atom_site.label_entity_id 
_atom_site.label_seq_id 
_atom_site.pdbx_PDB_ins_code 
_atom_site.Cartn_x 
_atom_site.Cartn_y 
_atom_site.Cartn_z 
_atom_site.occupancy 
_atom_site.B_iso_or_equiv 
_atom_site.pdbx_formal_charge 
_atom_site.auth_seq_id 
_atom_site.auth_comp_id 
_atom_site.auth_asym_id 
_atom_site.auth_atom_id 
_atom_site.pdbx_PDB_model_num 
ATOM   1    N  N   . SER A 1 1   ? 16.523  -8.500  5.493   1.00 0.52 ? 94  SER A N   1 
ATOM   2    C  CA  . SER A 1 1   ? 15.507  -7.782  6.276   1.00 0.59 ? 94  SER A CA  1 
ATOM   3    C  C   . SER A 1 1   ? 15.264  -6.394  5.703   1.00 0.65 ? 94  SER A C   1 
ATOM   4    O  O   . SER A 1 1   ? 16.210  -5.678  5.378   1.00 0.24 ? 94  SER A O   1 
ATOM   5    C  CB  . SER A 1 1   ? 15.895  -7.682  7.731   1.00 0.58 ? 94  SER A CB  1 
ATOM   6    O  OG  . SER A 1 1   ? 15.156  -8.606  8.530   1.00 0.60 ? 94  SER A OG  1 
ATOM   7    N  N   . TYR A 1 2   ? 14.008  -6.012  5.592   1.00 0.72 ? 95  TYR A N   1 
ATOM   8    C  CA  . TYR A 1 2   ? 13.650  -4.689  5.040   1.00 0.39 ? 95  TYR A CA  1 
ATOM   9    C  C   . TYR A 1 2   ? 12.807  -3.901  5.987   1.00 0.40 ? 95  TYR A C   1 
ATOM   10   O  O   . TYR A 1 2   ? 12.355  -4.449  7.017   1.00 0.43 ? 95  TYR A O   1 
ATOM   11   C  CB  . TYR A 1 2   ? 13.203  -4.753  3.652   1.00 0.16 ? 95  TYR A CB  1 
ATOM   12   C  CG  . TYR A 1 2   ? 12.292  -5.883  3.222   1.00 0.31 ? 95  TYR A CG  1 
ATOM   13   C  CD1 . TYR A 1 2   ? 12.787  -7.142  2.896   1.00 0.36 ? 95  TYR A CD1 1 
ATOM   14   C  CD2 . TYR A 1 2   ? 10.912  -5.656  3.128   1.00 0.24 ? 95  TYR A CD2 1 
ATOM   15   C  CE1 . TYR A 1 2   ? 11.925  -8.159  2.495   1.00 0.59 ? 95  TYR A CE1 1 
ATOM   16   C  CE2 . TYR A 1 2   ? 10.058  -6.667  2.730   1.00 0.52 ? 95  TYR A CE2 1 
ATOM   17   C  CZ  . TYR A 1 2   ? 10.557  -7.925  2.410   1.00 0.28 ? 95  TYR A CZ  1 
ATOM   18   O  OH  . TYR A 1 2   ? 9.696   -8.921  2.012   1.00 0.25 ? 95  TYR A OH  1 
ATOM   19   N  N   . TYR A 1 3   ? 12.532  -2.610  5.773   1.00 0.20 ? 96  TYR A N   1 
ATOM   20   C  CA  . TYR A 1 3   ? 11.396  -2.012  6.518   1.00 0.31 ? 96  TYR A CA  1 
ATOM   21   C  C   . TYR A 1 3   ? 10.191  -1.781  5.605   1.00 0.23 ? 96  TYR A C   1 
ATOM   22   O  O   . TYR A 1 3   ? 10.337  -1.353  4.450   1.00 0.35 ? 96  TYR A O   1 
ATOM   23   C  CB  . TYR A 1 3   ? 11.744  -0.626  7.068   1.00 0.41 ? 96  TYR A CB  1 
ATOM   24   C  CG  . TYR A 1 3   ? 12.744  -0.638  8.220   1.00 0.29 ? 96  TYR A CG  1 
ATOM   25   C  CD1 . TYR A 1 3   ? 12.318  -0.915  9.526   1.00 0.41 ? 96  TYR A CD1 1 
ATOM   26   C  CD2 . TYR A 1 3   ? 14.086  -0.358  7.964   1.00 0.46 ? 96  TYR A CD2 1 
ATOM   27   C  CE1 . TYR A 1 3   ? 13.243  -0.910  10.577  1.00 0.44 ? 96  TYR A CE1 1 
ATOM   28   C  CE2 . TYR A 1 3   ? 15.010  -0.355  9.011   1.00 0.43 ? 96  TYR A CE2 1 
ATOM   29   C  CZ  . TYR A 1 3   ? 14.590  -0.629  10.316  1.00 0.53 ? 96  TYR A CZ  1 
ATOM   30   O  OH  . TYR A 1 3   ? 15.492  -0.621  11.334  1.00 0.94 ? 96  TYR A OH  1 
ATOM   31   N  N   . ALA A 1 4   ? 9.026   -2.082  6.150   1.00 0.31 ? 97  ALA A N   1 
ATOM   32   C  CA  . ALA A 1 4   ? 7.748   -1.800  5.479   1.00 0.33 ? 97  ALA A CA  1 
ATOM   33   C  C   . ALA A 1 4   ? 7.470   -0.328  5.744   1.00 0.16 ? 97  ALA A C   1 
ATOM   34   O  O   . ALA A 1 4   ? 7.514   0.117   6.889   1.00 0.30 ? 97  ALA A O   1 
ATOM   35   C  CB  . ALA A 1 4   ? 6.644   -2.686  6.061   1.00 0.16 ? 97  ALA A CB  1 
ATOM   36   N  N   . VAL A 1 5   ? 7.209   0.428   4.698   1.00 0.27 ? 98  VAL A N   1 
ATOM   37   C  CA  . VAL A 1 5   ? 6.974   1.868   4.764   1.00 0.32 ? 98  VAL A CA  1 
ATOM   38   C  C   . VAL A 1 5   ? 5.720   2.236   3.964   1.00 0.29 ? 98  VAL A C   1 
ATOM   39   O  O   . VAL A 1 5   ? 5.407   1.580   2.976   1.00 0.25 ? 98  VAL A O   1 
ATOM   40   C  CB  . VAL A 1 5   ? 8.141   2.697   4.213   1.00 0.39 ? 98  VAL A CB  1 
ATOM   41   C  CG1 . VAL A 1 5   ? 9.483   2.343   4.854   1.00 0.24 ? 98  VAL A CG1 1 
ATOM   42   C  CG2 . VAL A 1 5   ? 8.340   2.542   2.702   1.00 0.15 ? 98  VAL A CG2 1 
ATOM   43   N  N   . ALA A 1 6   ? 5.041   3.290   4.379   1.00 0.30 ? 99  ALA A N   1 
ATOM   44   C  CA  . ALA A 1 6   ? 3.877   3.783   3.619   1.00 0.33 ? 99  ALA A CA  1 
ATOM   45   C  C   . ALA A 1 6   ? 4.169   5.144   3.017   1.00 0.31 ? 99  ALA A C   1 
ATOM   46   O  O   . ALA A 1 6   ? 4.362   6.122   3.731   1.00 0.20 ? 99  ALA A O   1 
ATOM   47   C  CB  . ALA A 1 6   ? 2.643   3.828   4.489   1.00 0.24 ? 99  ALA A CB  1 
ATOM   48   N  N   . VAL A 1 7   ? 4.221   5.195   1.701   1.00 0.15 ? 100 VAL A N   1 
ATOM   49   C  CA  . VAL A 1 7   ? 4.815   6.297   0.964   1.00 0.22 ? 100 VAL A CA  1 
ATOM   50   C  C   . VAL A 1 7   ? 3.714   7.160   0.338   1.00 0.12 ? 100 VAL A C   1 
ATOM   51   O  O   . VAL A 1 7   ? 2.836   6.609   -0.316  1.00 0.23 ? 100 VAL A O   1 
ATOM   52   C  CB  . VAL A 1 7   ? 5.697   5.756   -0.182  1.00 0.18 ? 100 VAL A CB  1 
ATOM   53   C  CG1 . VAL A 1 7   ? 6.218   6.939   -1.013  1.00 0.30 ? 100 VAL A CG1 1 
ATOM   54   C  CG2 . VAL A 1 7   ? 6.848   4.801   0.134   1.00 0.37 ? 100 VAL A CG2 1 
ATOM   55   N  N   . VAL A 1 8   ? 3.807   8.456   0.522   1.00 0.28 ? 101 VAL A N   1 
ATOM   56   C  CA  . VAL A 1 8   ? 2.758   9.403   0.088   1.00 0.13 ? 101 VAL A CA  1 
ATOM   57   C  C   . VAL A 1 8   ? 3.390   10.588  -0.624  1.00 0.14 ? 101 VAL A C   1 
ATOM   58   O  O   . VAL A 1 8   ? 4.533   10.946  -0.327  1.00 0.46 ? 101 VAL A O   1 
ATOM   59   C  CB  . VAL A 1 8   ? 1.999   9.901   1.331   1.00 0.34 ? 101 VAL A CB  1 
ATOM   60   C  CG1 . VAL A 1 8   ? 0.959   8.856   1.758   1.00 0.12 ? 101 VAL A CG1 1 
ATOM   61   C  CG2 . VAL A 1 8   ? 2.803   10.347  2.563   1.00 0.16 ? 101 VAL A CG2 1 
ATOM   62   N  N   . LYS A 1 9   ? 2.687   11.194  -1.556  1.00 0.19 ? 102 LYS A N   1 
ATOM   63   C  CA  . LYS A 1 9   ? 3.110   12.482  -2.133  1.00 0.28 ? 102 LYS A CA  1 
ATOM   64   C  C   . LYS A 1 9   ? 3.095   13.586  -1.107  1.00 0.41 ? 102 LYS A C   1 
ATOM   65   O  O   . LYS A 1 9   ? 2.187   13.691  -0.277  1.00 0.34 ? 102 LYS A O   1 
ATOM   66   C  CB  . LYS A 1 9   ? 2.197   12.827  -3.306  1.00 0.27 ? 102 LYS A CB  1 
ATOM   67   C  CG  . LYS A 1 9   ? 2.195   11.659  -4.289  1.00 0.33 ? 102 LYS A CG  1 
ATOM   68   C  CD  . LYS A 1 9   ? 2.752   12.115  -5.628  1.00 0.51 ? 102 LYS A CD  1 
ATOM   69   C  CE  . LYS A 1 9   ? 2.271   11.190  -6.733  1.00 0.64 ? 102 LYS A CE  1 
ATOM   70   N  NZ  . LYS A 1 9   ? 1.237   11.859  -7.541  1.00 0.61 ? 102 LYS A NZ  1 
ATOM   71   N  N   . LYS A 1 10  ? 4.097   14.458  -1.135  1.00 0.28 ? 103 LYS A N   1 
ATOM   72   C  CA  . LYS A 1 10  ? 3.999   15.740  -0.394  1.00 0.29 ? 103 LYS A CA  1 
ATOM   73   C  C   . LYS A 1 10  ? 2.804   16.545  -0.891  1.00 0.37 ? 103 LYS A C   1 
ATOM   74   O  O   . LYS A 1 10  ? 2.511   16.558  -2.089  1.00 0.58 ? 103 LYS A O   1 
ATOM   75   C  CB  . LYS A 1 10  ? 5.277   16.534  -0.653  1.00 0.27 ? 103 LYS A CB  1 
ATOM   76   C  CG  . LYS A 1 10  ? 6.436   15.935  0.106   1.00 0.57 ? 103 LYS A CG  1 
ATOM   77   C  CD  . LYS A 1 10  ? 7.069   16.993  1.000   1.00 0.54 ? 103 LYS A CD  1 
ATOM   78   C  CE  . LYS A 1 10  ? 8.574   17.009  0.813   1.00 0.55 ? 103 LYS A CE  1 
ATOM   79   N  NZ  . LYS A 1 10  ? 9.110   15.643  0.905   1.00 0.43 ? 103 LYS A NZ  1 
ATOM   80   N  N   . GLY A 1 11  ? 2.102   17.219  -0.001  1.00 0.42 ? 104 GLY A N   1 
ATOM   81   C  CA  . GLY A 1 11  ? 1.005   18.110  -0.411  1.00 0.70 ? 104 GLY A CA  1 
ATOM   82   C  C   . GLY A 1 11  ? -0.370  17.489  -0.307  1.00 0.72 ? 104 GLY A C   1 
ATOM   83   O  O   . GLY A 1 11  ? -1.385  18.129  -0.617  1.00 0.52 ? 104 GLY A O   1 
ATOM   84   N  N   . THR A 1 12  ? -0.367  16.256  0.049   1.00 0.26 ? 105 THR A N   1 
ATOM   85   C  CA  . THR A 1 12  ? -1.573  15.617  0.520   1.00 0.19 ? 105 THR A CA  1 
ATOM   86   C  C   . THR A 1 12  ? -1.308  15.737  2.017   1.00 0.17 ? 105 THR A C   1 
ATOM   87   O  O   . THR A 1 12  ? -0.165  16.000  2.402   1.00 0.24 ? 105 THR A O   1 
ATOM   88   C  CB  . THR A 1 12  ? -1.640  14.162  0.048   1.00 0.21 ? 105 THR A CB  1 
ATOM   89   O  OG1 . THR A 1 12  ? -0.449  13.479  0.411   1.00 0.40 ? 105 THR A OG1 1 
ATOM   90   C  CG2 . THR A 1 12  ? -1.810  14.025  -1.464  1.00 0.26 ? 105 THR A CG2 1 
ATOM   91   N  N   . ASP A 1 13  ? -2.315  15.551  2.842   1.00 0.37 ? 106 ASP A N   1 
ATOM   92   C  CA  . ASP A 1 13  ? -2.257  16.018  4.240   1.00 0.31 ? 106 ASP A CA  1 
ATOM   93   C  C   . ASP A 1 13  ? -2.931  15.015  5.172   1.00 0.20 ? 106 ASP A C   1 
ATOM   94   O  O   . ASP A 1 13  ? -2.903  15.233  6.384   1.00 0.25 ? 106 ASP A O   1 
ATOM   95   C  CB  . ASP A 1 13  ? -2.972  17.364  4.398   1.00 0.25 ? 106 ASP A CB  1 
ATOM   96   C  CG  . ASP A 1 13  ? -2.147  18.504  3.817   1.00 0.25 ? 106 ASP A CG  1 
ATOM   97   O  OD1 . ASP A 1 13  ? -1.186  18.964  4.459   1.00 0.34 ? 106 ASP A OD1 1 
ATOM   98   O  OD2 . ASP A 1 13  ? -2.431  18.965  2.698   1.00 0.30 ? 106 ASP A OD2 1 
ATOM   99   N  N   . PHE A 1 14  ? -3.510  13.976  4.613   1.00 0.20 ? 107 PHE A N   1 
ATOM   100  C  CA  . PHE A 1 14  ? -3.928  12.782  5.293   1.00 0.20 ? 107 PHE A CA  1 
ATOM   101  C  C   . PHE A 1 14  ? -2.795  12.038  6.005   1.00 0.62 ? 107 PHE A C   1 
ATOM   102  O  O   . PHE A 1 14  ? -1.694  11.874  5.461   1.00 0.22 ? 107 PHE A O   1 
ATOM   103  C  CB  . PHE A 1 14  ? -4.829  11.883  4.430   1.00 0.21 ? 107 PHE A CB  1 
ATOM   104  C  CG  . PHE A 1 14  ? -4.175  11.127  3.295   1.00 0.37 ? 107 PHE A CG  1 
ATOM   105  C  CD1 . PHE A 1 14  ? -3.621  9.867   3.527   1.00 0.33 ? 107 PHE A CD1 1 
ATOM   106  C  CD2 . PHE A 1 14  ? -4.172  11.688  2.019   1.00 0.28 ? 107 PHE A CD2 1 
ATOM   107  C  CE1 . PHE A 1 14  ? -3.052  9.159   2.468   1.00 0.25 ? 107 PHE A CE1 1 
ATOM   108  C  CE2 . PHE A 1 14  ? -3.603  10.984  0.959   1.00 0.27 ? 107 PHE A CE2 1 
ATOM   109  C  CZ  . PHE A 1 14  ? -3.044  9.719   1.181   1.00 0.33 ? 107 PHE A CZ  1 
ATOM   110  N  N   . MET A 1 15  ? -3.184  11.647  7.231   1.00 0.36 ? 108 MET A N   1 
ATOM   111  C  CA  . MET A 1 15  ? -2.351  10.906  8.200   1.00 0.56 ? 108 MET A CA  1 
ATOM   112  C  C   . MET A 1 15  ? -2.880  9.488   8.358   1.00 0.15 ? 108 MET A C   1 
ATOM   113  O  O   . MET A 1 15  ? -3.766  9.082   7.602   1.00 0.23 ? 108 MET A O   1 
ATOM   114  C  CB  . MET A 1 15  ? -2.351  11.622  9.552   1.00 0.16 ? 108 MET A CB  1 
ATOM   115  C  CG  . MET A 1 15  ? -1.748  13.031  9.485   1.00 0.34 ? 108 MET A CG  1 
ATOM   116  S  SD  . MET A 1 15  ? -0.070  13.053  8.884   1.00 0.29 ? 108 MET A SD  1 
ATOM   117  C  CE  . MET A 1 15  ? 0.746   14.545  9.410   1.00 0.12 ? 108 MET A CE  1 
ATOM   118  N  N   . ILE A 1 16  ? -2.346  8.733   9.302   1.00 0.34 ? 109 ILE A N   1 
ATOM   119  C  CA  . ILE A 1 16  ? -2.569  7.279   9.339   1.00 0.34 ? 109 ILE A CA  1 
ATOM   120  C  C   . ILE A 1 16  ? -3.966  6.940   9.842   1.00 0.30 ? 109 ILE A C   1 
ATOM   121  O  O   . ILE A 1 16  ? -4.537  5.938   9.416   1.00 0.40 ? 109 ILE A O   1 
ATOM   122  C  CB  . ILE A 1 16  ? -1.509  6.544   10.107  1.00 0.40 ? 109 ILE A CB  1 
ATOM   123  C  CG1 . ILE A 1 16  ? -1.441  5.075   9.748   1.00 0.24 ? 109 ILE A CG1 1 
ATOM   124  C  CG2 . ILE A 1 16  ? -1.569  6.763   11.603  1.00 0.09 ? 109 ILE A CG2 1 
ATOM   125  C  CD1 . ILE A 1 16  ? -0.993  4.154   10.862  1.00 0.23 ? 109 ILE A CD1 1 
ATOM   126  N  N   . LYS A 1 17  ? -4.499  7.761   10.720  1.00 0.50 ? 110 LYS A N   1 
ATOM   127  C  CA  . LYS A 1 17  ? -5.888  7.803   11.109  1.00 0.24 ? 110 LYS A CA  1 
ATOM   128  C  C   . LYS A 1 17  ? -6.833  8.107   9.976   1.00 0.24 ? 110 LYS A C   1 
ATOM   129  O  O   . LYS A 1 17  ? -8.027  7.797   10.052  1.00 0.19 ? 110 LYS A O   1 
ATOM   130  C  CB  . LYS A 1 17  ? -6.122  8.729   12.287  1.00 0.38 ? 110 LYS A CB  1 
ATOM   131  C  CG  . LYS A 1 17  ? -5.717  10.147  11.970  1.00 0.31 ? 110 LYS A CG  1 
ATOM   132  C  CD  . LYS A 1 17  ? -6.298  11.116  12.994  1.00 0.23 ? 110 LYS A CD  1 
ATOM   133  C  CE  . LYS A 1 17  ? -5.918  12.544  12.623  1.00 0.34 ? 110 LYS A CE  1 
ATOM   134  N  NZ  . LYS A 1 17  ? -7.001  13.167  11.842  1.00 0.17 ? 110 LYS A NZ  1 
ATOM   135  N  N   . ASP A 1 18  ? -6.335  8.714   8.908   1.00 0.19 ? 111 ASP A N   1 
ATOM   136  C  CA  . ASP A 1 18  ? -7.193  9.273   7.866   1.00 0.18 ? 111 ASP A CA  1 
ATOM   137  C  C   . ASP A 1 18  ? -7.226  8.436   6.612   1.00 0.20 ? 111 ASP A C   1 
ATOM   138  O  O   . ASP A 1 18  ? -7.510  8.960   5.522   1.00 0.28 ? 111 ASP A O   1 
ATOM   139  C  CB  . ASP A 1 18  ? -6.778  10.706  7.513   1.00 0.13 ? 111 ASP A CB  1 
ATOM   140  C  CG  . ASP A 1 18  ? -6.497  11.538  8.754   1.00 0.30 ? 111 ASP A CG  1 
ATOM   141  O  OD1 . ASP A 1 18  ? -7.376  11.732  9.605   1.00 0.27 ? 111 ASP A OD1 1 
ATOM   142  O  OD2 . ASP A 1 18  ? -5.374  12.044  8.920   1.00 0.25 ? 111 ASP A OD2 1 
ATOM   143  N  N   . LEU A 1 19  ? -6.944  7.149   6.689   1.00 0.29 ? 112 LEU A N   1 
ATOM   144  C  CA  . LEU A 1 19  ? -6.756  6.332   5.491   1.00 0.33 ? 112 LEU A CA  1 
ATOM   145  C  C   . LEU A 1 19  ? -8.052  5.806   4.915   1.00 0.47 ? 112 LEU A C   1 
ATOM   146  O  O   . LEU A 1 19  ? -8.076  5.456   3.722   1.00 0.34 ? 112 LEU A O   1 
ATOM   147  C  CB  . LEU A 1 19  ? -5.767  5.207   5.701   1.00 0.39 ? 112 LEU A CB  1 
ATOM   148  C  CG  . LEU A 1 19  ? -4.334  5.643   5.452   1.00 0.21 ? 112 LEU A CG  1 
ATOM   149  C  CD1 . LEU A 1 19  ? -3.352  4.551   5.826   1.00 0.28 ? 112 LEU A CD1 1 
ATOM   150  C  CD2 . LEU A 1 19  ? -4.076  6.196   4.070   1.00 0.12 ? 112 LEU A CD2 1 
ATOM   151  N  N   . ARG A 1 20  ? -9.129  5.728   5.681   1.00 0.27 ? 113 ARG A N   1 
ATOM   152  C  CA  . ARG A 1 20  ? -10.379 5.133   5.176   1.00 0.28 ? 113 ARG A CA  1 
ATOM   153  C  C   . ARG A 1 20  ? -10.875 5.912   3.957   1.00 0.06 ? 113 ARG A C   1 
ATOM   154  O  O   . ARG A 1 20  ? -10.902 7.147   3.951   1.00 0.18 ? 113 ARG A O   1 
ATOM   155  C  CB  . ARG A 1 20  ? -11.477 5.149   6.222   1.00 0.35 ? 113 ARG A CB  1 
ATOM   156  C  CG  . ARG A 1 20  ? -12.809 4.679   5.638   1.00 0.43 ? 113 ARG A CG  1 
ATOM   157  C  CD  . ARG A 1 20  ? -13.987 4.955   6.555   1.00 0.68 ? 113 ARG A CD  1 
ATOM   158  N  NE  . ARG A 1 20  ? -13.960 4.108   7.743   1.00 0.35 ? 113 ARG A NE  1 
ATOM   159  C  CZ  . ARG A 1 20  ? -14.413 2.855   7.763   1.00 0.64 ? 113 ARG A CZ  1 
ATOM   160  N  NH1 . ARG A 1 20  ? -14.966 2.307   6.672   1.00 0.61 ? 113 ARG A NH1 1 
ATOM   161  N  NH2 . ARG A 1 20  ? -14.337 2.056   8.832   1.00 0.75 ? 113 ARG A NH2 1 
ATOM   162  N  N   . GLY A 1 21  ? -11.249 5.167   2.938   1.00 0.14 ? 114 GLY A N   1 
ATOM   163  C  CA  . GLY A 1 21  ? -11.806 5.743   1.706   1.00 0.01 ? 114 GLY A CA  1 
ATOM   164  C  C   . GLY A 1 21  ? -10.751 6.320   0.821   1.00 0.26 ? 114 GLY A C   1 
ATOM   165  O  O   . GLY A 1 21  ? -11.042 6.879   -0.247  1.00 0.27 ? 114 GLY A O   1 
ATOM   166  N  N   . LYS A 1 22  ? -9.483  6.222   1.214   1.00 0.25 ? 115 LYS A N   1 
ATOM   167  C  CA  . LYS A 1 22  ? -8.417  6.578   0.226   1.00 0.12 ? 115 LYS A CA  1 
ATOM   168  C  C   . LYS A 1 22  ? -8.242  5.411   -0.737  1.00 0.04 ? 115 LYS A C   1 
ATOM   169  O  O   . LYS A 1 22  ? -8.731  4.315   -0.440  1.00 0.18 ? 115 LYS A O   1 
ATOM   170  C  CB  . LYS A 1 22  ? -7.136  6.858   0.976   1.00 0.39 ? 115 LYS A CB  1 
ATOM   171  C  CG  . LYS A 1 22  ? -7.394  7.921   2.046   1.00 0.12 ? 115 LYS A CG  1 
ATOM   172  C  CD  . LYS A 1 22  ? -8.020  9.145   1.386   1.00 0.16 ? 115 LYS A CD  1 
ATOM   173  C  CE  . LYS A 1 22  ? -7.788  10.377  2.248   1.00 0.26 ? 115 LYS A CE  1 
ATOM   174  N  NZ  . LYS A 1 22  ? -8.677  10.341  3.417   1.00 0.26 ? 115 LYS A NZ  1 
ATOM   175  N  N   . THR A 1 23  ? -7.582  5.639   -1.847  1.00 0.22 ? 116 THR A N   1 
ATOM   176  C  CA  . THR A 1 23  ? -7.092  4.581   -2.731  1.00 0.22 ? 116 THR A CA  1 
ATOM   177  C  C   . THR A 1 23  ? -5.694  4.141   -2.375  1.00 0.50 ? 116 THR A C   1 
ATOM   178  O  O   . THR A 1 23  ? -4.907  4.915   -1.814  1.00 0.33 ? 116 THR A O   1 
ATOM   179  C  CB  . THR A 1 23  ? -7.221  4.979   -4.178  1.00 0.23 ? 116 THR A CB  1 
ATOM   180  O  OG1 . THR A 1 23  ? -6.397  6.105   -4.490  1.00 0.31 ? 116 THR A OG1 1 
ATOM   181  C  CG2 . THR A 1 23  ? -8.645  5.348   -4.489  1.00 0.17 ? 116 THR A CG2 1 
ATOM   182  N  N   . SER A 1 24  ? -5.338  2.897   -2.671  1.00 0.23 ? 117 SER A N   1 
ATOM   183  C  CA  . SER A 1 24  ? -4.062  2.341   -2.218  1.00 0.38 ? 117 SER A CA  1 
ATOM   184  C  C   . SER A 1 24  ? -3.366  1.519   -3.281  1.00 0.21 ? 117 SER A C   1 
ATOM   185  O  O   . SER A 1 24  ? -4.015  1.002   -4.201  1.00 0.22 ? 117 SER A O   1 
ATOM   186  C  CB  . SER A 1 24  ? -4.172  1.616   -0.916  1.00 0.43 ? 117 SER A CB  1 
ATOM   187  O  OG  . SER A 1 24  ? -5.015  0.467   -1.012  1.00 0.24 ? 117 SER A OG  1 
ATOM   188  N  N   . CYS A 1 25  ? -2.059  1.394   -3.172  1.00 0.29 ? 118 CYS A N   1 
ATOM   189  C  CA  . CYS A 1 25  ? -1.244  0.554   -4.063  1.00 0.31 ? 118 CYS A CA  1 
ATOM   190  C  C   . CYS A 1 25  ? -0.466  -0.477  -3.240  1.00 0.10 ? 118 CYS A C   1 
ATOM   191  O  O   . CYS A 1 25  ? 0.261   -0.107  -2.321  1.00 0.29 ? 118 CYS A O   1 
ATOM   192  C  CB  . CYS A 1 25  ? -0.243  1.408   -4.846  1.00 0.19 ? 118 CYS A CB  1 
ATOM   193  S  SG  . CYS A 1 25  ? -1.020  2.716   -5.820  1.00 0.24 ? 118 CYS A SG  1 
ATOM   194  N  N   . HIS A 1 26  ? -0.606  -1.742  -3.564  1.00 0.20 ? 119 HIS A N   1 
ATOM   195  C  CA  . HIS A 1 26  ? 0.128   -2.819  -2.872  1.00 0.22 ? 119 HIS A CA  1 
ATOM   196  C  C   . HIS A 1 26  ? 0.977   -3.580  -3.914  1.00 0.23 ? 119 HIS A C   1 
ATOM   197  O  O   . HIS A 1 26  ? 0.575   -3.586  -5.078  1.00 0.26 ? 119 HIS A O   1 
ATOM   198  C  CB  . HIS A 1 26  ? -0.881  -3.840  -2.297  1.00 0.40 ? 119 HIS A CB  1 
ATOM   199  C  CG  . HIS A 1 26  ? -1.868  -3.148  -1.365  1.00 0.16 ? 119 HIS A CG  1 
ATOM   200  N  ND1 . HIS A 1 26  ? -1.853  -3.191  0.019   1.00 0.18 ? 119 HIS A ND1 1 
ATOM   201  C  CD2 . HIS A 1 26  ? -2.949  -2.358  -1.759  1.00 0.14 ? 119 HIS A CD2 1 
ATOM   202  C  CE1 . HIS A 1 26  ? -2.915  -2.430  0.496   1.00 0.15 ? 119 HIS A CE1 1 
ATOM   203  N  NE2 . HIS A 1 26  ? -3.592  -1.916  -0.603  1.00 0.27 ? 119 HIS A NE2 1 
ATOM   204  N  N   . THR A 1 27  ? 2.055   -4.165  -3.478  1.00 0.32 ? 120 THR A N   1 
ATOM   205  C  CA  . THR A 1 27  ? 2.976   -4.958  -4.286  1.00 0.52 ? 120 THR A CA  1 
ATOM   206  C  C   . THR A 1 27  ? 2.259   -6.192  -4.800  1.00 0.24 ? 120 THR A C   1 
ATOM   207  O  O   . THR A 1 27  ? 2.454   -6.611  -5.951  1.00 0.27 ? 120 THR A O   1 
ATOM   208  C  CB  . THR A 1 27  ? 4.201   -5.361  -3.466  1.00 0.23 ? 120 THR A CB  1 
ATOM   209  O  OG1 . THR A 1 27  ? 3.822   -6.247  -2.427  1.00 0.31 ? 120 THR A OG1 1 
ATOM   210  C  CG2 . THR A 1 27  ? 4.902   -4.162  -2.826  1.00 0.51 ? 120 THR A CG2 1 
ATOM   211  N  N   . GLY A 1 28  ? 1.438   -6.747  -3.930  1.00 0.20 ? 121 GLY A N   1 
ATOM   212  C  CA  . GLY A 1 28  ? 0.614   -7.890  -4.300  1.00 0.12 ? 121 GLY A CA  1 
ATOM   213  C  C   . GLY A 1 28  ? 0.058   -8.643  -3.098  1.00 0.32 ? 121 GLY A C   1 
ATOM   214  O  O   . GLY A 1 28  ? 0.604   -8.502  -2.006  1.00 0.27 ? 121 GLY A O   1 
ATOM   215  N  N   . LEU A 1 29  ? -0.979  -9.410  -3.330  1.00 0.34 ? 122 LEU A N   1 
ATOM   216  C  CA  . LEU A 1 29  ? -1.672  -10.204 -2.316  1.00 0.57 ? 122 LEU A CA  1 
ATOM   217  C  C   . LEU A 1 29  ? -0.700  -11.144 -1.593  1.00 0.19 ? 122 LEU A C   1 
ATOM   218  O  O   . LEU A 1 29  ? -0.169  -12.050 -2.229  1.00 0.56 ? 122 LEU A O   1 
ATOM   219  C  CB  . LEU A 1 29  ? -2.766  -11.053 -2.967  1.00 0.36 ? 122 LEU A CB  1 
ATOM   220  C  CG  . LEU A 1 29  ? -3.684  -11.652 -1.919  1.00 0.29 ? 122 LEU A CG  1 
ATOM   221  C  CD1 . LEU A 1 29  ? -4.351  -10.569 -1.084  1.00 0.40 ? 122 LEU A CD1 1 
ATOM   222  C  CD2 . LEU A 1 29  ? -4.718  -12.618 -2.487  1.00 0.40 ? 122 LEU A CD2 1 
ATOM   223  N  N   . GLY A 1 30  ? -0.489  -10.929 -0.316  1.00 0.34 ? 123 GLY A N   1 
ATOM   224  C  CA  . GLY A 1 30  ? 0.181   -11.889 0.560   1.00 0.27 ? 123 GLY A CA  1 
ATOM   225  C  C   . GLY A 1 30  ? 1.617   -11.514 0.827   1.00 0.45 ? 123 GLY A C   1 
ATOM   226  O  O   . GLY A 1 30  ? 2.293   -12.126 1.663   1.00 0.29 ? 123 GLY A O   1 
ATOM   227  N  N   . ARG A 1 31  ? 2.128   -10.507 0.132   1.00 0.38 ? 124 ARG A N   1 
ATOM   228  C  CA  . ARG A 1 31  ? 3.553   -10.128 0.342   1.00 0.24 ? 124 ARG A CA  1 
ATOM   229  C  C   . ARG A 1 31  ? 3.681   -9.337  1.618   1.00 0.13 ? 124 ARG A C   1 
ATOM   230  O  O   . ARG A 1 31  ? 2.667   -9.041  2.266   1.00 0.58 ? 124 ARG A O   1 
ATOM   231  C  CB  . ARG A 1 31  ? 4.043   -9.325  -0.865  1.00 0.17 ? 124 ARG A CB  1 
ATOM   232  C  CG  . ARG A 1 31  ? 3.879   -10.177 -2.144  1.00 0.09 ? 124 ARG A CG  1 
ATOM   233  C  CD  . ARG A 1 31  ? 4.338   -9.383  -3.368  1.00 0.15 ? 124 ARG A CD  1 
ATOM   234  N  NE  . ARG A 1 31  ? 5.752   -9.016  -3.249  1.00 0.18 ? 124 ARG A NE  1 
ATOM   235  C  CZ  . ARG A 1 31  ? 6.391   -8.410  -4.269  1.00 0.09 ? 124 ARG A CZ  1 
ATOM   236  N  NH1 . ARG A 1 31  ? 5.963   -8.545  -5.516  1.00 0.14 ? 124 ARG A NH1 1 
ATOM   237  N  NH2 . ARG A 1 31  ? 7.473   -7.670  -4.024  1.00 0.19 ? 124 ARG A NH2 1 
ATOM   238  N  N   . SER A 1 32  ? 4.886   -8.976  2.020   1.00 0.22 ? 125 SER A N   1 
ATOM   239  C  CA  . SER A 1 32  ? 5.161   -8.632  3.420   1.00 0.27 ? 125 SER A CA  1 
ATOM   240  C  C   . SER A 1 32  ? 4.958   -7.156  3.690   1.00 0.41 ? 125 SER A C   1 
ATOM   241  O  O   . SER A 1 32  ? 4.239   -6.767  4.607   1.00 0.29 ? 125 SER A O   1 
ATOM   242  C  CB  . SER A 1 32  ? 6.548   -9.052  3.838   1.00 0.24 ? 125 SER A CB  1 
ATOM   243  O  OG  . SER A 1 32  ? 6.650   -10.464 3.973   1.00 0.33 ? 125 SER A OG  1 
ATOM   244  N  N   . ALA A 1 33  ? 5.610   -6.300  2.913   1.00 0.38 ? 126 ALA A N   1 
ATOM   245  C  CA  . ALA A 1 33  ? 5.333   -4.859  3.005   1.00 0.30 ? 126 ALA A CA  1 
ATOM   246  C  C   . ALA A 1 33  ? 4.052   -4.522  2.274   1.00 0.32 ? 126 ALA A C   1 
ATOM   247  O  O   . ALA A 1 33  ? 3.599   -3.365  2.287   1.00 0.54 ? 126 ALA A O   1 
ATOM   248  C  CB  . ALA A 1 33  ? 6.473   -4.062  2.371   1.00 0.23 ? 126 ALA A CB  1 
ATOM   249  N  N   . GLY A 1 34  ? 3.491   -5.567  1.716   1.00 0.74 ? 127 GLY A N   1 
ATOM   250  C  CA  . GLY A 1 34  ? 2.467   -5.418  0.703   1.00 0.20 ? 127 GLY A CA  1 
ATOM   251  C  C   . GLY A 1 34  ? 0.978   -5.616  1.037   1.00 0.58 ? 127 GLY A C   1 
ATOM   252  O  O   . GLY A 1 34  ? 0.131   -4.781  0.692   1.00 0.42 ? 127 GLY A O   1 
ATOM   253  N  N   . TRP A 1 35  ? 0.674   -6.723  1.694   1.00 0.32 ? 128 TRP A N   1 
ATOM   254  C  CA  . TRP A 1 35  ? -0.698  -7.005  2.191   1.00 0.38 ? 128 TRP A CA  1 
ATOM   255  C  C   . TRP A 1 35  ? -0.590  -7.261  3.709   1.00 0.43 ? 128 TRP A C   1 
ATOM   256  O  O   . TRP A 1 35  ? -1.344  -6.692  4.509   1.00 0.26 ? 128 TRP A O   1 
ATOM   257  C  CB  . TRP A 1 35  ? -1.331  -8.214  1.426   1.00 0.51 ? 128 TRP A CB  1 
ATOM   258  C  CG  . TRP A 1 35  ? -2.877  -8.464  1.630   1.00 0.62 ? 128 TRP A CG  1 
ATOM   259  C  CD1 . TRP A 1 35  ? -3.445  -9.458  2.341   1.00 0.12 ? 128 TRP A CD1 1 
ATOM   260  C  CD2 . TRP A 1 35  ? -3.972  -7.692  1.083   1.00 0.47 ? 128 TRP A CD2 1 
ATOM   261  N  NE1 . TRP A 1 35  ? -4.871  -9.339  2.219   1.00 0.65 ? 128 TRP A NE1 1 
ATOM   262  C  CE2 . TRP A 1 35  ? -5.161  -8.312  1.471   1.00 0.29 ? 128 TRP A CE2 1 
ATOM   263  C  CE3 . TRP A 1 35  ? -4.052  -6.538  0.285   1.00 0.17 ? 128 TRP A CE3 1 
ATOM   264  C  CZ2 . TRP A 1 35  ? -6.434  -7.867  1.085   1.00 0.34 ? 128 TRP A CZ2 1 
ATOM   265  C  CZ3 . TRP A 1 35  ? -5.343  -6.085  -0.086  1.00 0.40 ? 128 TRP A CZ3 1 
ATOM   266  C  CH2 . TRP A 1 35  ? -6.476  -6.721  0.291   1.00 0.36 ? 128 TRP A CH2 1 
ATOM   267  N  N   . ASN A 1 36  ? 0.377   -8.092  4.058   1.00 0.23 ? 129 ASN A N   1 
ATOM   268  C  CA  . ASN A 1 36  ? 0.594   -8.586  5.440   1.00 0.52 ? 129 ASN A CA  1 
ATOM   269  C  C   . ASN A 1 36  ? 0.723   -7.523  6.531   1.00 0.78 ? 129 ASN A C   1 
ATOM   270  O  O   . ASN A 1 36  ? -0.062  -7.492  7.488   1.00 0.45 ? 129 ASN A O   1 
ATOM   271  C  CB  . ASN A 1 36  ? 1.846   -9.454  5.493   1.00 0.27 ? 129 ASN A CB  1 
ATOM   272  C  CG  . ASN A 1 36  ? 1.546   -10.915 5.148   1.00 0.23 ? 129 ASN A CG  1 
ATOM   273  O  OD1 . ASN A 1 36  ? 0.508   -11.204 4.552   1.00 0.32 ? 129 ASN A OD1 1 
ATOM   274  N  ND2 . ASN A 1 36  ? 2.394   -11.865 5.490   1.00 0.51 ? 129 ASN A ND2 1 
ATOM   275  N  N   . ILE A 1 37  ? 1.698   -6.661  6.403   1.00 0.44 ? 130 ILE A N   1 
ATOM   276  C  CA  . ILE A 1 37  ? 2.026   -5.741  7.499   1.00 0.39 ? 130 ILE A CA  1 
ATOM   277  C  C   . ILE A 1 37  ? 1.082   -4.575  7.651   1.00 0.34 ? 130 ILE A C   1 
ATOM   278  O  O   . ILE A 1 37  ? 0.545   -4.347  8.740   1.00 0.25 ? 130 ILE A O   1 
ATOM   279  C  CB  . ILE A 1 37  ? 3.466   -5.277  7.365   1.00 0.47 ? 130 ILE A CB  1 
ATOM   280  C  CG1 . ILE A 1 37  ? 4.445   -6.426  7.636   1.00 0.56 ? 130 ILE A CG1 1 
ATOM   281  C  CG2 . ILE A 1 37  ? 3.823   -4.163  8.353   1.00 0.16 ? 130 ILE A CG2 1 
ATOM   282  C  CD1 . ILE A 1 37  ? 5.853   -6.162  7.112   1.00 0.53 ? 130 ILE A CD1 1 
ATOM   283  N  N   . PRO A 1 38  ? 0.841   -3.806  6.593   1.00 0.24 ? 131 PRO A N   1 
ATOM   284  C  CA  . PRO A 1 38  ? -0.146  -2.729  6.656   1.00 0.34 ? 131 PRO A CA  1 
ATOM   285  C  C   . PRO A 1 38  ? -1.538  -3.220  6.935   1.00 0.36 ? 131 PRO A C   1 
ATOM   286  O  O   . PRO A 1 38  ? -2.317  -2.564  7.644   1.00 0.34 ? 131 PRO A O   1 
ATOM   287  C  CB  . PRO A 1 38  ? -0.027  -2.149  5.257   1.00 0.14 ? 131 PRO A CB  1 
ATOM   288  C  CG  . PRO A 1 38  ? 0.502   -3.288  4.372   1.00 0.29 ? 131 PRO A CG  1 
ATOM   289  C  CD  . PRO A 1 38  ? 1.496   -3.988  5.292   1.00 0.34 ? 131 PRO A CD  1 
ATOM   290  N  N   . ILE A 1 39  ? -1.944  -4.364  6.398   1.00 0.36 ? 132 ILE A N   1 
ATOM   291  C  CA  . ILE A 1 39  ? -3.356  -4.780  6.567   1.00 0.35 ? 132 ILE A CA  1 
ATOM   292  C  C   . ILE A 1 39  ? -3.584  -5.320  7.981   1.00 0.48 ? 132 ILE A C   1 
ATOM   293  O  O   . ILE A 1 39  ? -4.688  -5.215  8.506   1.00 0.70 ? 132 ILE A O   1 
ATOM   294  C  CB  . ILE A 1 39  ? -3.723  -5.857  5.568   1.00 0.09 ? 132 ILE A CB  1 
ATOM   295  C  CG1 . ILE A 1 39  ? -3.893  -5.343  4.170   1.00 0.12 ? 132 ILE A CG1 1 
ATOM   296  C  CG2 . ILE A 1 39  ? -4.930  -6.656  6.045   1.00 0.48 ? 132 ILE A CG2 1 
ATOM   297  C  CD1 . ILE A 1 39  ? -4.381  -3.919  4.031   1.00 0.18 ? 132 ILE A CD1 1 
ATOM   298  N  N   . GLY A 1 40  ? -2.557  -5.894  8.572   1.00 0.41 ? 133 GLY A N   1 
ATOM   299  C  CA  . GLY A 1 40  ? -2.649  -6.457  9.923   1.00 0.27 ? 133 GLY A CA  1 
ATOM   300  C  C   . GLY A 1 40  ? -2.561  -5.336  10.958  1.00 0.33 ? 133 GLY A C   1 
ATOM   301  O  O   . GLY A 1 40  ? -3.283  -5.366  11.952  1.00 0.39 ? 133 GLY A O   1 
ATOM   302  N  N   . THR A 1 41  ? -1.686  -4.391  10.703  1.00 0.47 ? 134 THR A N   1 
ATOM   303  C  CA  . THR A 1 41  ? -1.570  -3.139  11.454  1.00 0.39 ? 134 THR A CA  1 
ATOM   304  C  C   . THR A 1 41  ? -2.922  -2.419  11.487  1.00 0.35 ? 134 THR A C   1 
ATOM   305  O  O   . THR A 1 41  ? -3.414  -2.063  12.545  1.00 0.40 ? 134 THR A O   1 
ATOM   306  C  CB  . THR A 1 41  ? -0.537  -2.225  10.811  1.00 0.48 ? 134 THR A CB  1 
ATOM   307  O  OG1 . THR A 1 41  ? 0.779   -2.760  10.924  1.00 0.34 ? 134 THR A OG1 1 
ATOM   308  C  CG2 . THR A 1 41  ? -0.566  -0.880  11.478  1.00 0.29 ? 134 THR A CG2 1 
ATOM   309  N  N   . LEU A 1 42  ? -3.497  -2.219  10.316  1.00 0.46 ? 135 LEU A N   1 
ATOM   310  C  CA  . LEU A 1 42  ? -4.777  -1.514  10.195  1.00 0.29 ? 135 LEU A CA  1 
ATOM   311  C  C   . LEU A 1 42  ? -5.884  -2.274  10.946  1.00 0.26 ? 135 LEU A C   1 
ATOM   312  O  O   . LEU A 1 42  ? -6.727  -1.622  11.557  1.00 0.47 ? 135 LEU A O   1 
ATOM   313  C  CB  . LEU A 1 42  ? -5.175  -1.349  8.741   1.00 0.62 ? 135 LEU A CB  1 
ATOM   314  C  CG  . LEU A 1 42  ? -4.331  -0.293  8.047   1.00 0.44 ? 135 LEU A CG  1 
ATOM   315  C  CD1 . LEU A 1 42  ? -4.582  -0.286  6.546   1.00 0.37 ? 135 LEU A CD1 1 
ATOM   316  C  CD2 . LEU A 1 42  ? -4.465  1.101   8.632   1.00 0.32 ? 135 LEU A CD2 1 
ATOM   317  N  N   . ILE A 1 43  ? -5.852  -3.577  10.894  1.00 0.35 ? 136 ILE A N   1 
ATOM   318  C  CA  . ILE A 1 43  ? -6.740  -4.470  11.628  1.00 0.57 ? 136 ILE A CA  1 
ATOM   319  C  C   . ILE A 1 43  ? -6.572  -4.395  13.124  1.00 0.48 ? 136 ILE A C   1 
ATOM   320  O  O   . ILE A 1 43  ? -7.503  -4.656  13.891  1.00 0.43 ? 136 ILE A O   1 
ATOM   321  C  CB  . ILE A 1 43  ? -6.571  -5.911  11.147  1.00 0.44 ? 136 ILE A CB  1 
ATOM   322  C  CG1 . ILE A 1 43  ? -7.478  -6.202  9.968   1.00 0.78 ? 136 ILE A CG1 1 
ATOM   323  C  CG2 . ILE A 1 43  ? -6.777  -6.895  12.280  1.00 0.43 ? 136 ILE A CG2 1 
ATOM   324  C  CD1 . ILE A 1 43  ? -7.243  -7.535  9.290   1.00 0.21 ? 136 ILE A CD1 1 
ATOM   325  N  N   . HIS A 1 44  ? -5.385  -4.034  13.608  1.00 0.31 ? 137 HIS A N   1 
ATOM   326  C  CA  . HIS A 1 44  ? -5.118  -4.153  15.042  1.00 0.22 ? 137 HIS A CA  1 
ATOM   327  C  C   . HIS A 1 44  ? -5.111  -2.824  15.746  1.00 0.37 ? 137 HIS A C   1 
ATOM   328  O  O   . HIS A 1 44  ? -5.111  -2.751  16.982  1.00 0.39 ? 137 HIS A O   1 
ATOM   329  C  CB  . HIS A 1 44  ? -3.775  -4.867  15.289  1.00 0.39 ? 137 HIS A CB  1 
ATOM   330  C  CG  . HIS A 1 44  ? -3.204  -4.400  16.638  1.00 0.51 ? 137 HIS A CG  1 
ATOM   331  N  ND1 . HIS A 1 44  ? -2.643  -3.161  16.903  1.00 0.93 ? 137 HIS A ND1 1 
ATOM   332  C  CD2 . HIS A 1 44  ? -3.169  -5.153  17.804  1.00 0.95 ? 137 HIS A CD2 1 
ATOM   333  C  CE1 . HIS A 1 44  ? -2.253  -3.137  18.239  1.00 0.97 ? 137 HIS A CE1 1 
ATOM   334  N  NE2 . HIS A 1 44  ? -2.578  -4.374  18.798  1.00 0.72 ? 137 HIS A NE2 1 
ATOM   335  N  N   . ARG A 1 45  ? -5.089  -1.711  15.013  1.00 0.27 ? 138 ARG A N   1 
ATOM   336  C  CA  . ARG A 1 45  ? -5.545  -0.455  15.638  1.00 0.36 ? 138 ARG A CA  1 
ATOM   337  C  C   . ARG A 1 45  ? -7.058  -0.317  15.468  1.00 0.47 ? 138 ARG A C   1 
ATOM   338  O  O   . ARG A 1 45  ? -7.617  0.701   15.875  1.00 0.51 ? 138 ARG A O   1 
ATOM   339  C  CB  . ARG A 1 45  ? -4.839  0.753   15.103  1.00 0.47 ? 138 ARG A CB  1 
ATOM   340  C  CG  . ARG A 1 45  ? -4.080  0.502   13.815  1.00 0.37 ? 138 ARG A CG  1 
ATOM   341  C  CD  . ARG A 1 45  ? -3.293  1.766   13.416  1.00 0.45 ? 138 ARG A CD  1 
ATOM   342  N  NE  . ARG A 1 45  ? -4.221  2.793   12.928  1.00 0.47 ? 138 ARG A NE  1 
ATOM   343  C  CZ  . ARG A 1 45  ? -4.443  3.917   13.633  1.00 0.53 ? 138 ARG A CZ  1 
ATOM   344  N  NH1 . ARG A 1 45  ? -3.570  4.323   14.547  1.00 0.27 ? 138 ARG A NH1 1 
ATOM   345  N  NH2 . ARG A 1 45  ? -5.543  4.647   13.413  1.00 0.25 ? 138 ARG A NH2 1 
ATOM   346  N  N   . GLU A 1 46  ? -7.665  -1.309  14.869  1.00 0.77 ? 139 GLU A N   1 
ATOM   347  C  CA  . GLU A 1 46  ? -9.096  -1.456  14.699  1.00 0.51 ? 139 GLU A CA  1 
ATOM   348  C  C   . GLU A 1 46  ? -9.660  -0.606  13.593  1.00 0.44 ? 139 GLU A C   1 
ATOM   349  O  O   . GLU A 1 46  ? -10.829 -0.219  13.606  1.00 0.39 ? 139 GLU A O   1 
ATOM   350  C  CB  . GLU A 1 46  ? -9.842  -1.282  15.996  1.00 0.76 ? 139 GLU A CB  1 
ATOM   351  C  CG  . GLU A 1 46  ? -11.331 -1.143  15.761  1.00 1.14 ? 139 GLU A CG  1 
ATOM   352  C  CD  . GLU A 1 46  ? -12.061 -2.402  16.195  1.00 1.14 ? 139 GLU A CD  1 
ATOM   353  O  OE1 . GLU A 1 46  ? -11.721 -2.989  17.232  1.00 0.93 ? 139 GLU A OE1 1 
ATOM   354  O  OE2 . GLU A 1 46  ? -12.993 -2.837  15.499  1.00 0.81 ? 139 GLU A OE2 1 
ATOM   355  N  N   . ASP A 1 47  A -8.847  -0.285  12.592  1.00 0.57 ? 139 ASP A N   1 
ATOM   356  C  CA  . ASP A 1 47  A -9.345  0.554   11.479  1.00 0.20 ? 139 ASP A CA  1 
ATOM   357  C  C   . ASP A 1 47  A -10.129 -0.337  10.511  1.00 0.29 ? 139 ASP A C   1 
ATOM   358  O  O   . ASP A 1 47  A -11.162 0.052   9.994   1.00 0.35 ? 139 ASP A O   1 
ATOM   359  C  CB  . ASP A 1 47  A -8.177  1.166   10.702  1.00 0.50 ? 139 ASP A CB  1 
ATOM   360  C  CG  . ASP A 1 47  A -7.190  1.882   11.609  1.00 0.71 ? 139 ASP A CG  1 
ATOM   361  O  OD1 . ASP A 1 47  A -6.297  1.239   12.187  1.00 0.75 ? 139 ASP A OD1 1 
ATOM   362  O  OD2 . ASP A 1 47  A -7.260  3.111   11.764  1.00 0.44 ? 139 ASP A OD2 1 
ATOM   363  N  N   . ILE A 1 48  B -9.580  -1.514  10.261  1.00 0.48 ? 139 ILE A N   1 
ATOM   364  C  CA  . ILE A 1 48  B -10.288 -2.518  9.458   1.00 0.53 ? 139 ILE A CA  1 
ATOM   365  C  C   . ILE A 1 48  B -10.923 -3.553  10.379  1.00 0.37 ? 139 ILE A C   1 
ATOM   366  O  O   . ILE A 1 48  B -10.223 -4.375  10.967  1.00 0.72 ? 139 ILE A O   1 
ATOM   367  C  CB  . ILE A 1 48  B -9.422  -3.153  8.407   1.00 0.22 ? 139 ILE A CB  1 
ATOM   368  C  CG1 . ILE A 1 48  B -8.521  -2.143  7.711   1.00 0.57 ? 139 ILE A CG1 1 
ATOM   369  C  CG2 . ILE A 1 48  B -10.255 -3.915  7.378   1.00 0.56 ? 139 ILE A CG2 1 
ATOM   370  C  CD1 . ILE A 1 48  B -7.656  -2.732  6.610   1.00 0.27 ? 139 ILE A CD1 1 
ATOM   371  N  N   . GLU A 1 49  C -12.228 -3.475  10.528  1.00 0.71 ? 139 GLU A N   1 
ATOM   372  C  CA  . GLU A 1 49  C -12.981 -4.492  11.308  1.00 0.41 ? 139 GLU A CA  1 
ATOM   373  C  C   . GLU A 1 49  C -13.173 -5.719  10.420  1.00 0.45 ? 139 GLU A C   1 
ATOM   374  O  O   . GLU A 1 49  C -13.629 -5.564  9.286   1.00 0.56 ? 139 GLU A O   1 
ATOM   375  C  CB  . GLU A 1 49  C -14.348 -3.883  11.646  1.00 0.77 ? 139 GLU A CB  1 
ATOM   376  C  CG  . GLU A 1 49  C -14.163 -2.409  11.978  1.00 0.62 ? 139 GLU A CG  1 
ATOM   377  C  CD  . GLU A 1 49  C -15.480 -1.666  11.916  1.00 0.84 ? 139 GLU A CD  1 
ATOM   378  O  OE1 . GLU A 1 49  C -16.243 -1.814  10.949  1.00 0.47 ? 139 GLU A OE1 1 
ATOM   379  O  OE2 . GLU A 1 49  C -15.798 -0.888  12.832  1.00 0.49 ? 139 GLU A OE2 1 
ATOM   380  N  N   . TRP A 1 50  D -12.799 -6.885  10.903  1.00 0.47 ? 139 TRP A N   1 
ATOM   381  C  CA  . TRP A 1 50  D -12.791 -8.100  10.060  1.00 0.62 ? 139 TRP A CA  1 
ATOM   382  C  C   . TRP A 1 50  D -14.200 -8.426  9.607   1.00 0.98 ? 139 TRP A C   1 
ATOM   383  O  O   . TRP A 1 50  D -14.968 -9.101  10.288  1.00 0.45 ? 139 TRP A O   1 
ATOM   384  C  CB  . TRP A 1 50  D -12.102 -9.255  10.731  1.00 0.88 ? 139 TRP A CB  1 
ATOM   385  C  CG  . TRP A 1 50  D -11.806 -10.412 9.776   1.00 0.92 ? 139 TRP A CG  1 
ATOM   386  C  CD1 . TRP A 1 50  D -12.414 -10.604 8.582   1.00 0.68 ? 139 TRP A CD1 1 
ATOM   387  C  CD2 . TRP A 1 50  D -10.882 -11.450 9.960   1.00 0.61 ? 139 TRP A CD2 1 
ATOM   388  N  NE1 . TRP A 1 50  D -11.857 -11.785 8.014   1.00 1.00 ? 139 TRP A NE1 1 
ATOM   389  C  CE2 . TRP A 1 50  D -10.959 -12.275 8.829   1.00 0.76 ? 139 TRP A CE2 1 
ATOM   390  C  CE3 . TRP A 1 50  D -9.968  -11.814 10.957  1.00 1.01 ? 139 TRP A CE3 1 
ATOM   391  C  CZ2 . TRP A 1 50  D -10.206 -13.378 8.666   1.00 0.69 ? 139 TRP A CZ2 1 
ATOM   392  C  CZ3 . TRP A 1 50  D -9.195  -12.953 10.782  1.00 1.04 ? 139 TRP A CZ3 1 
ATOM   393  C  CH2 . TRP A 1 50  D -9.303  -13.738 9.650   1.00 0.85 ? 139 TRP A CH2 1 
ATOM   394  N  N   . GLU A 1 51  E -14.563 -7.923  8.434   1.00 1.00 ? 139 GLU A N   1 
ATOM   395  C  CA  . GLU A 1 51  E -15.853 -8.257  7.808   1.00 0.71 ? 139 GLU A CA  1 
ATOM   396  C  C   . GLU A 1 51  E -15.740 -9.610  7.116   1.00 0.77 ? 139 GLU A C   1 
ATOM   397  O  O   . GLU A 1 51  E -15.053 -9.720  6.104   1.00 0.45 ? 139 GLU A O   1 
ATOM   398  C  CB  . GLU A 1 51  E -16.213 -7.179  6.785   1.00 0.55 ? 139 GLU A CB  1 
ATOM   399  C  CG  . GLU A 1 51  E -15.520 -5.877  7.146   1.00 0.49 ? 139 GLU A CG  1 
ATOM   400  C  CD  . GLU A 1 51  E -16.509 -4.859  7.673   1.00 0.90 ? 139 GLU A CD  1 
ATOM   401  O  OE1 . GLU A 1 51  E -17.295 -5.155  8.586   1.00 0.70 ? 139 GLU A OE1 1 
ATOM   402  O  OE2 . GLU A 1 51  E -16.523 -3.709  7.195   1.00 0.67 ? 139 GLU A OE2 1 
ATOM   403  N  N   . GLY A 1 52  ? -16.382 -10.620 7.672   1.00 0.97 ? 140 GLY A N   1 
ATOM   404  C  CA  . GLY A 1 52  ? -16.602 -11.884 6.951   1.00 0.90 ? 140 GLY A CA  1 
ATOM   405  C  C   . GLY A 1 52  ? -17.577 -12.778 7.718   1.00 0.91 ? 140 GLY A C   1 
ATOM   406  O  O   . GLY A 1 52  ? -18.701 -12.358 7.984   1.00 0.98 ? 140 GLY A O   1 
ATOM   407  N  N   . ILE A 1 53  ? -17.131 -13.961 8.050   1.00 0.98 ? 141 ILE A N   1 
ATOM   408  C  CA  . ILE A 1 53  ? -17.747 -14.934 8.899   1.00 0.95 ? 141 ILE A CA  1 
ATOM   409  C  C   . ILE A 1 53  ? -18.845 -15.743 8.253   1.00 0.62 ? 141 ILE A C   1 
ATOM   410  O  O   . ILE A 1 53  ? -19.691 -16.327 8.937   1.00 0.75 ? 141 ILE A O   1 
ATOM   411  C  CB  . ILE A 1 53  ? -18.039 -14.511 10.294  1.00 1.30 ? 141 ILE A CB  1 
ATOM   412  C  CG1 . ILE A 1 53  ? -16.838 -14.657 11.225  1.00 0.91 ? 141 ILE A CG1 1 
ATOM   413  C  CG2 . ILE A 1 53  ? -19.266 -15.191 10.891  1.00 0.90 ? 141 ILE A CG2 1 
ATOM   414  C  CD1 . ILE A 1 53  ? -16.200 -16.038 11.198  1.00 0.68 ? 141 ILE A CD1 1 
ATOM   415  N  N   . GLU A 1 54  ? -18.843 -15.805 6.924   1.00 0.56 ? 142 GLU A N   1 
ATOM   416  C  CA  . GLU A 1 54  ? -19.220 -17.006 6.183   1.00 1.04 ? 142 GLU A CA  1 
ATOM   417  C  C   . GLU A 1 54  ? -18.002 -17.777 5.689   1.00 0.57 ? 142 GLU A C   1 
ATOM   418  O  O   . GLU A 1 54  ? -18.162 -18.709 4.894   1.00 0.69 ? 142 GLU A O   1 
ATOM   419  C  CB  . GLU A 1 54  ? -20.077 -16.624 4.971   1.00 0.38 ? 142 GLU A CB  1 
ATOM   420  C  CG  . GLU A 1 54  ? -21.499 -17.129 5.200   1.00 0.69 ? 142 GLU A CG  1 
ATOM   421  C  CD  . GLU A 1 54  ? -22.349 -15.999 5.761   1.00 0.84 ? 142 GLU A CD  1 
ATOM   422  O  OE1 . GLU A 1 54  ? -22.881 -15.191 4.987   1.00 0.83 ? 142 GLU A OE1 1 
ATOM   423  O  OE2 . GLU A 1 54  ? -22.500 -15.884 6.987   1.00 0.55 ? 142 GLU A OE2 1 
ATOM   424  N  N   . SER A 1 55  ? -16.832 -17.402 6.134   1.00 0.69 ? 143 SER A N   1 
ATOM   425  C  CA  . SER A 1 55  ? -15.742 -16.897 5.316   1.00 0.99 ? 143 SER A CA  1 
ATOM   426  C  C   . SER A 1 55  ? -14.989 -15.777 5.996   1.00 0.96 ? 143 SER A C   1 
ATOM   427  O  O   . SER A 1 55  ? -15.435 -14.630 6.030   1.00 0.71 ? 143 SER A O   1 
ATOM   428  C  CB  . SER A 1 55  ? -16.143 -16.549 3.918   1.00 0.53 ? 143 SER A CB  1 
ATOM   429  O  OG  . SER A 1 55  ? -15.389 -17.301 2.956   1.00 0.98 ? 143 SER A OG  1 
ATOM   430  N  N   . GLY A 1 56  ? -13.826 -16.091 6.557   1.00 0.91 ? 144 GLY A N   1 
ATOM   431  C  CA  . GLY A 1 56  ? -12.820 -15.038 6.812   1.00 0.83 ? 144 GLY A CA  1 
ATOM   432  C  C   . GLY A 1 56  ? -12.484 -14.315 5.521   1.00 0.91 ? 144 GLY A C   1 
ATOM   433  O  O   . GLY A 1 56  ? -11.535 -14.673 4.826   1.00 0.89 ? 144 GLY A O   1 
ATOM   434  N  N   . SER A 1 57  ? -13.254 -13.291 5.199   1.00 0.43 ? 145 SER A N   1 
ATOM   435  C  CA  . SER A 1 57  ? -12.895 -12.399 4.079   1.00 0.69 ? 145 SER A CA  1 
ATOM   436  C  C   . SER A 1 57  ? -12.020 -11.264 4.558   1.00 0.69 ? 145 SER A C   1 
ATOM   437  O  O   . SER A 1 57  ? -12.499 -10.202 4.950   1.00 0.48 ? 145 SER A O   1 
ATOM   438  C  CB  . SER A 1 57  ? -14.130 -11.902 3.372   1.00 0.81 ? 145 SER A CB  1 
ATOM   439  O  OG  . SER A 1 57  ? -15.230 -12.801 3.597   1.00 0.82 ? 145 SER A OG  1 
ATOM   440  N  N   . VAL A 1 58  ? -10.708 -11.467 4.537   1.00 0.43 ? 146 VAL A N   1 
ATOM   441  C  CA  . VAL A 1 58  ? -9.768  -10.337 4.604   1.00 0.23 ? 146 VAL A CA  1 
ATOM   442  C  C   . VAL A 1 58  ? -9.894  -9.433  3.404   1.00 0.42 ? 146 VAL A C   1 
ATOM   443  O  O   . VAL A 1 58  ? -9.823  -8.207  3.540   1.00 0.53 ? 146 VAL A O   1 
ATOM   444  C  CB  . VAL A 1 58  ? -8.339  -10.859 4.752   1.00 0.37 ? 146 VAL A CB  1 
ATOM   445  C  CG1 . VAL A 1 58  ? -7.336  -9.709  4.677   1.00 0.50 ? 146 VAL A CG1 1 
ATOM   446  C  CG2 . VAL A 1 58  ? -8.020  -11.726 5.989   1.00 0.41 ? 146 VAL A CG2 1 
ATOM   447  N  N   . GLU A 1 59  ? -10.084 -9.996  2.220   1.00 0.46 ? 147 GLU A N   1 
ATOM   448  C  CA  . GLU A 1 59  ? -10.123 -9.182  0.986   1.00 0.49 ? 147 GLU A CA  1 
ATOM   449  C  C   . GLU A 1 59  ? -11.359 -8.288  1.004   1.00 0.52 ? 147 GLU A C   1 
ATOM   450  O  O   . GLU A 1 59  ? -11.321 -7.152  0.546   1.00 0.41 ? 147 GLU A O   1 
ATOM   451  C  CB  . GLU A 1 59  ? -10.188 -10.096 -0.227  1.00 0.42 ? 147 GLU A CB  1 
ATOM   452  C  CG  . GLU A 1 59  ? -8.982  -9.878  -1.127  1.00 0.50 ? 147 GLU A CG  1 
ATOM   453  C  CD  . GLU A 1 59  ? -8.834  -11.056 -2.081  1.00 0.28 ? 147 GLU A CD  1 
ATOM   454  O  OE1 . GLU A 1 59  ? -8.165  -12.045 -1.740  1.00 0.51 ? 147 GLU A OE1 1 
ATOM   455  O  OE2 . GLU A 1 59  ? -9.387  -11.016 -3.190  1.00 0.40 ? 147 GLU A OE2 1 
ATOM   456  N  N   . GLN A 1 60  ? -12.448 -8.815  1.538   1.00 0.42 ? 148 GLN A N   1 
ATOM   457  C  CA  . GLN A 1 60  ? -13.691 -8.069  1.660   1.00 0.67 ? 148 GLN A CA  1 
ATOM   458  C  C   . GLN A 1 60  ? -13.579 -6.904  2.620   1.00 0.22 ? 148 GLN A C   1 
ATOM   459  O  O   . GLN A 1 60  ? -13.868 -5.765  2.243   1.00 0.45 ? 148 GLN A O   1 
ATOM   460  C  CB  . GLN A 1 60  ? -14.862 -8.962  2.073   1.00 0.52 ? 148 GLN A CB  1 
ATOM   461  C  CG  . GLN A 1 60  ? -16.187 -8.226  1.793   1.00 0.72 ? 148 GLN A CG  1 
ATOM   462  C  CD  . GLN A 1 60  ? -17.335 -9.234  1.699   1.00 0.46 ? 148 GLN A CD  1 
ATOM   463  O  OE1 . GLN A 1 60  ? -17.775 -9.629  0.510   1.00 0.65 ? 148 GLN A OE1 1 
ATOM   464  N  NE2 . GLN A 1 60  ? -17.883 -9.716  2.810   1.00 0.76 ? 148 GLN A NE2 1 
ATOM   465  N  N   . ALA A 1 61  ? -13.167 -7.169  3.847   1.00 0.25 ? 149 ALA A N   1 
ATOM   466  C  CA  . ALA A 1 61  ? -13.015 -6.141  4.874   1.00 0.26 ? 149 ALA A CA  1 
ATOM   467  C  C   . ALA A 1 61  ? -12.109 -5.013  4.409   1.00 0.51 ? 149 ALA A C   1 
ATOM   468  O  O   . ALA A 1 61  ? -12.229 -3.891  4.895   1.00 0.53 ? 149 ALA A O   1 
ATOM   469  C  CB  . ALA A 1 61  ? -12.494 -6.720  6.174   1.00 0.15 ? 149 ALA A CB  1 
ATOM   470  N  N   . VAL A 1 62  ? -11.214 -5.304  3.484   1.00 0.66 ? 150 VAL A N   1 
ATOM   471  C  CA  . VAL A 1 62  ? -10.267 -4.296  2.981   1.00 0.38 ? 150 VAL A CA  1 
ATOM   472  C  C   . VAL A 1 62  ? -10.915 -3.497  1.852   1.00 0.24 ? 150 VAL A C   1 
ATOM   473  O  O   . VAL A 1 62  ? -10.669 -2.302  1.733   1.00 0.31 ? 150 VAL A O   1 
ATOM   474  C  CB  . VAL A 1 62  ? -9.027  -4.976  2.390   1.00 0.38 ? 150 VAL A CB  1 
ATOM   475  C  CG1 . VAL A 1 62  ? -8.041  -3.981  1.775   1.00 0.29 ? 150 VAL A CG1 1 
ATOM   476  C  CG2 . VAL A 1 62  ? -8.226  -5.781  3.416   1.00 0.28 ? 150 VAL A CG2 1 
ATOM   477  N  N   . ALA A 1 63  ? -11.712 -4.170  1.051   1.00 0.52 ? 151 ALA A N   1 
ATOM   478  C  CA  . ALA A 1 63  ? -12.454 -3.524  -0.053  1.00 0.33 ? 151 ALA A CA  1 
ATOM   479  C  C   . ALA A 1 63  ? -13.522 -2.602  0.533   1.00 0.33 ? 151 ALA A C   1 
ATOM   480  O  O   . ALA A 1 63  ? -13.901 -1.611  -0.083  1.00 0.25 ? 151 ALA A O   1 
ATOM   481  C  CB  . ALA A 1 63  ? -13.129 -4.617  -0.889  1.00 0.16 ? 151 ALA A CB  1 
ATOM   482  N  N   . LYS A 1 64  ? -13.973 -2.944  1.723   1.00 0.29 ? 152 LYS A N   1 
ATOM   483  C  CA  . LYS A 1 64  ? -14.935 -2.150  2.489   1.00 0.82 ? 152 LYS A CA  1 
ATOM   484  C  C   . LYS A 1 64  ? -14.289 -0.868  3.004   1.00 0.68 ? 152 LYS A C   1 
ATOM   485  O  O   . LYS A 1 64  ? -14.982 0.061   3.402   1.00 0.41 ? 152 LYS A O   1 
ATOM   486  C  CB  . LYS A 1 64  ? -15.439 -2.964  3.675   1.00 0.43 ? 152 LYS A CB  1 
ATOM   487  C  CG  . LYS A 1 64  ? -16.359 -4.079  3.170   1.00 0.41 ? 152 LYS A CG  1 
ATOM   488  C  CD  . LYS A 1 64  ? -17.298 -4.476  4.299   1.00 0.79 ? 152 LYS A CD  1 
ATOM   489  C  CE  . LYS A 1 64  ? -17.915 -5.834  4.035   1.00 0.61 ? 152 LYS A CE  1 
ATOM   490  N  NZ  . LYS A 1 64  ? -18.820 -6.185  5.153   1.00 0.51 ? 152 LYS A NZ  1 
ATOM   491  N  N   . PHE A 1 65  ? -12.971 -0.833  2.988   1.00 0.56 ? 153 PHE A N   1 
ATOM   492  C  CA  . PHE A 1 65  ? -12.182 0.074   3.810   1.00 0.25 ? 153 PHE A CA  1 
ATOM   493  C  C   . PHE A 1 65  ? -11.488 1.132   2.995   1.00 0.35 ? 153 PHE A C   1 
ATOM   494  O  O   . PHE A 1 65  ? -11.529 2.324   3.312   1.00 0.41 ? 153 PHE A O   1 
ATOM   495  C  CB  . PHE A 1 65  ? -11.167 -0.702  4.669   1.00 0.21 ? 153 PHE A CB  1 
ATOM   496  C  CG  . PHE A 1 65  ? -10.339 0.314   5.468   1.00 0.21 ? 153 PHE A CG  1 
ATOM   497  C  CD1 . PHE A 1 65  ? -10.878 0.923   6.592   1.00 0.67 ? 153 PHE A CD1 1 
ATOM   498  C  CD2 . PHE A 1 65  ? -9.052  0.626   5.050   1.00 0.24 ? 153 PHE A CD2 1 
ATOM   499  C  CE1 . PHE A 1 65  ? -10.122 1.850   7.308   1.00 0.45 ? 153 PHE A CE1 1 
ATOM   500  C  CE2 . PHE A 1 65  ? -8.296  1.548   5.762   1.00 0.07 ? 153 PHE A CE2 1 
ATOM   501  C  CZ  . PHE A 1 65  ? -8.832  2.161   6.892   1.00 0.31 ? 153 PHE A CZ  1 
ATOM   502  N  N   . PHE A 1 66  ? -10.841 0.739   1.903   1.00 0.28 ? 154 PHE A N   1 
ATOM   503  C  CA  . PHE A 1 66  ? -10.484 1.718   0.864   1.00 0.15 ? 154 PHE A CA  1 
ATOM   504  C  C   . PHE A 1 66  ? -11.554 1.763   -0.223  1.00 0.42 ? 154 PHE A C   1 
ATOM   505  O  O   . PHE A 1 66  ? -12.335 0.816   -0.390  1.00 0.29 ? 154 PHE A O   1 
ATOM   506  C  CB  . PHE A 1 66  ? -9.178  1.315   0.189   1.00 0.37 ? 154 PHE A CB  1 
ATOM   507  C  CG  . PHE A 1 66  ? -8.000  1.352   1.143   1.00 0.20 ? 154 PHE A CG  1 
ATOM   508  C  CD1 . PHE A 1 66  ? -7.443  2.578   1.503   1.00 0.33 ? 154 PHE A CD1 1 
ATOM   509  C  CD2 . PHE A 1 66  ? -7.487  0.159   1.657   1.00 0.34 ? 154 PHE A CD2 1 
ATOM   510  C  CE1 . PHE A 1 66  ? -6.363  2.618   2.385   1.00 0.16 ? 154 PHE A CE1 1 
ATOM   511  C  CE2 . PHE A 1 66  ? -6.406  0.197   2.541   1.00 0.30 ? 154 PHE A CE2 1 
ATOM   512  C  CZ  . PHE A 1 66  ? -5.844  1.427   2.906   1.00 0.37 ? 154 PHE A CZ  1 
ATOM   513  N  N   . SER A 1 67  ? -11.567 2.874   -0.938  1.00 0.21 ? 155 SER A N   1 
ATOM   514  C  CA  . SER A 1 67  ? -12.471 3.042   -2.080  1.00 0.22 ? 155 SER A CA  1 
ATOM   515  C  C   . SER A 1 67  ? -12.060 2.017   -3.130  1.00 0.36 ? 155 SER A C   1 
ATOM   516  O  O   . SER A 1 67  ? -12.840 1.143   -3.484  1.00 0.58 ? 155 SER A O   1 
ATOM   517  C  CB  . SER A 1 67  ? -12.358 4.459   -2.645  1.00 0.12 ? 155 SER A CB  1 
ATOM   518  O  OG  . SER A 1 67  ? -11.144 5.058   -2.219  1.00 0.52 ? 155 SER A OG  1 
ATOM   519  N  N   . ALA A 1 68  ? -10.839 2.139   -3.606  1.00 0.44 ? 156 ALA A N   1 
ATOM   520  C  CA  . ALA A 1 68  ? -10.333 1.310   -4.709  1.00 0.37 ? 156 ALA A CA  1 
ATOM   521  C  C   . ALA A 1 68  ? -8.839  1.051   -4.499  1.00 0.41 ? 156 ALA A C   1 
ATOM   522  O  O   . ALA A 1 68  ? -8.142  1.942   -4.019  1.00 0.34 ? 156 ALA A O   1 
ATOM   523  C  CB  . ALA A 1 68  ? -10.528 2.040   -6.026  1.00 0.19 ? 156 ALA A CB  1 
ATOM   524  N  N   . SER A 1 69  ? -8.392  -0.131  -4.845  1.00 0.46 ? 157 SER A N   1 
ATOM   525  C  CA  . SER A 1 69  ? -6.985  -0.519  -4.700  1.00 0.18 ? 157 SER A CA  1 
ATOM   526  C  C   . SER A 1 69  ? -6.454  -1.109  -5.997  1.00 0.42 ? 157 SER A C   1 
ATOM   527  O  O   . SER A 1 69  ? -7.216  -1.484  -6.885  1.00 0.25 ? 157 SER A O   1 
ATOM   528  C  CB  . SER A 1 69  ? -6.783  -1.481  -3.560  1.00 0.84 ? 157 SER A CB  1 
ATOM   529  O  OG  . SER A 1 69  ? -7.173  -0.909  -2.314  1.00 0.34 ? 157 SER A OG  1 
ATOM   530  N  N   . CYS A 1 70  ? -5.143  -1.177  -6.105  1.00 0.62 ? 158 CYS A N   1 
ATOM   531  C  CA  . CYS A 1 70  ? -4.496  -2.222  -6.925  1.00 0.20 ? 158 CYS A CA  1 
ATOM   532  C  C   . CYS A 1 70  ? -3.830  -3.238  -6.007  1.00 0.20 ? 158 CYS A C   1 
ATOM   533  O  O   . CYS A 1 70  ? -2.930  -2.884  -5.244  1.00 0.45 ? 158 CYS A O   1 
ATOM   534  C  CB  . CYS A 1 70  ? -3.451  -1.585  -7.841  1.00 0.40 ? 158 CYS A CB  1 
ATOM   535  S  SG  . CYS A 1 70  ? -2.785  -2.770  -9.029  1.00 0.39 ? 158 CYS A SG  1 
ATOM   536  N  N   . VAL A 1 71  ? -4.268  -4.474  -6.072  1.00 0.35 ? 159 VAL A N   1 
ATOM   537  C  CA  . VAL A 1 71  ? -3.617  -5.574  -5.320  1.00 0.26 ? 159 VAL A CA  1 
ATOM   538  C  C   . VAL A 1 71  ? -3.417  -6.763  -6.240  1.00 0.35 ? 159 VAL A C   1 
ATOM   539  O  O   . VAL A 1 71  ? -4.218  -7.693  -6.261  1.00 0.27 ? 159 VAL A O   1 
ATOM   540  C  CB  . VAL A 1 71  ? -4.534  -5.978  -4.153  1.00 0.17 ? 159 VAL A CB  1 
ATOM   541  C  CG1 . VAL A 1 71  ? -3.936  -7.152  -3.390  1.00 0.38 ? 159 VAL A CG1 1 
ATOM   542  C  CG2 . VAL A 1 71  ? -5.055  -4.917  -3.176  1.00 0.14 ? 159 VAL A CG2 1 
ATOM   543  N  N   . PRO A 1 72  ? -2.346  -6.757  -7.035  1.00 0.35 ? 160 PRO A N   1 
ATOM   544  C  CA  . PRO A 1 72  ? -2.160  -7.900  -7.959  1.00 0.31 ? 160 PRO A CA  1 
ATOM   545  C  C   . PRO A 1 72  ? -2.202  -9.201  -7.170  1.00 0.23 ? 160 PRO A C   1 
ATOM   546  O  O   . PRO A 1 72  ? -1.554  -9.320  -6.131  1.00 0.31 ? 160 PRO A O   1 
ATOM   547  C  CB  . PRO A 1 72  ? -0.750  -7.628  -8.452  1.00 0.27 ? 160 PRO A CB  1 
ATOM   548  C  CG  . PRO A 1 72  ? -0.486  -6.147  -8.265  1.00 0.24 ? 160 PRO A CG  1 
ATOM   549  C  CD  . PRO A 1 72  ? -1.257  -5.797  -6.999  1.00 0.16 ? 160 PRO A CD  1 
ATOM   550  N  N   . GLY A 1 73  ? -2.957  -10.170 -7.659  1.00 0.33 ? 161 GLY A N   1 
ATOM   551  C  CA  . GLY A 1 73  ? -3.028  -11.488 -7.003  1.00 0.30 ? 161 GLY A CA  1 
ATOM   552  C  C   . GLY A 1 73  ? -4.368  -11.664 -6.307  1.00 0.70 ? 161 GLY A C   1 
ATOM   553  O  O   . GLY A 1 73  ? -4.658  -12.739 -5.785  1.00 0.56 ? 161 GLY A O   1 
ATOM   554  N  N   . ALA A 1 74  ? -5.174  -10.618 -6.282  1.00 0.34 ? 162 ALA A N   1 
ATOM   555  C  CA  . ALA A 1 74  ? -6.438  -10.662 -5.503  1.00 0.43 ? 162 ALA A CA  1 
ATOM   556  C  C   . ALA A 1 74  ? -7.410  -11.608 -6.202  1.00 0.32 ? 162 ALA A C   1 
ATOM   557  O  O   . ALA A 1 74  ? -7.456  -11.611 -7.434  1.00 0.29 ? 162 ALA A O   1 
ATOM   558  C  CB  . ALA A 1 74  ? -7.045  -9.262  -5.455  1.00 0.36 ? 162 ALA A CB  1 
ATOM   559  N  N   . THR A 1 75  ? -8.147  -12.384 -5.444  1.00 0.36 ? 163 THR A N   1 
ATOM   560  C  CA  . THR A 1 75  ? -9.006  -13.438 -5.966  1.00 0.63 ? 163 THR A CA  1 
ATOM   561  C  C   . THR A 1 75  ? -10.459 -13.043 -6.034  1.00 0.90 ? 163 THR A C   1 
ATOM   562  O  O   . THR A 1 75  ? -11.111 -13.248 -7.068  1.00 0.39 ? 163 THR A O   1 
ATOM   563  C  CB  . THR A 1 75  ? -8.810  -14.734 -5.218  1.00 0.30 ? 163 THR A CB  1 
ATOM   564  O  OG1 . THR A 1 75  ? -9.122  -14.573 -3.833  1.00 0.59 ? 163 THR A OG1 1 
ATOM   565  C  CG2 . THR A 1 75  ? -7.385  -15.191 -5.337  1.00 0.74 ? 163 THR A CG2 1 
ATOM   566  N  N   . ILE A 1 76  ? -11.010 -12.471 -4.971  1.00 0.43 ? 166 ILE A N   1 
ATOM   567  C  CA  . ILE A 1 76  ? -12.466 -12.401 -4.814  1.00 0.51 ? 166 ILE A CA  1 
ATOM   568  C  C   . ILE A 1 76  ? -13.025 -11.030 -5.107  1.00 0.55 ? 166 ILE A C   1 
ATOM   569  O  O   . ILE A 1 76  ? -14.165 -10.911 -5.576  1.00 0.74 ? 166 ILE A O   1 
ATOM   570  C  CB  . ILE A 1 76  ? -12.951 -12.945 -3.503  1.00 0.35 ? 166 ILE A CB  1 
ATOM   571  C  CG1 . ILE A 1 76  ? -12.988 -11.903 -2.409  1.00 0.65 ? 166 ILE A CG1 1 
ATOM   572  C  CG2 . ILE A 1 76  ? -12.196 -14.193 -3.072  1.00 0.32 ? 166 ILE A CG2 1 
ATOM   573  C  CD1 . ILE A 1 76  ? -13.609 -12.360 -1.104  1.00 0.41 ? 166 ILE A CD1 1 
ATOM   574  N  N   . GLU A 1 77  ? -12.265 -9.977  -4.861  1.00 0.41 ? 167 GLU A N   1 
ATOM   575  C  CA  . GLU A 1 77  ? -12.833 -8.633  -4.642  1.00 0.14 ? 167 GLU A CA  1 
ATOM   576  C  C   . GLU A 1 77  ? -12.439 -7.681  -5.752  1.00 0.43 ? 167 GLU A C   1 
ATOM   577  O  O   . GLU A 1 77  ? -11.277 -7.254  -5.818  1.00 0.30 ? 167 GLU A O   1 
ATOM   578  C  CB  . GLU A 1 77  ? -12.290 -8.072  -3.329  1.00 0.24 ? 167 GLU A CB  1 
ATOM   579  C  CG  . GLU A 1 77  ? -12.903 -8.745  -2.108  1.00 0.50 ? 167 GLU A CG  1 
ATOM   580  C  CD  . GLU A 1 77  ? -14.382 -8.415  -1.960  1.00 0.61 ? 167 GLU A CD  1 
ATOM   581  O  OE1 . GLU A 1 77  ? -14.915 -7.507  -2.705  1.00 0.56 ? 167 GLU A OE1 1 
ATOM   582  O  OE2 . GLU A 1 77  ? -15.099 -9.042  -1.090  1.00 0.75 ? 167 GLU A OE2 1 
ATOM   583  N  N   . GLN A 1 78  ? -13.367 -7.329  -6.621  1.00 0.49 ? 168 GLN A N   1 
ATOM   584  C  CA  . GLN A 1 78  ? -12.980 -6.740  -7.923  1.00 0.55 ? 168 GLN A CA  1 
ATOM   585  C  C   . GLN A 1 78  ? -12.782 -5.235  -7.760  1.00 0.70 ? 168 GLN A C   1 
ATOM   586  O  O   . GLN A 1 78  ? -12.376 -4.565  -8.709  1.00 0.55 ? 168 GLN A O   1 
ATOM   587  C  CB  . GLN A 1 78  ? -14.023 -7.024  -8.991  1.00 0.58 ? 168 GLN A CB  1 
ATOM   588  C  CG  . GLN A 1 78  ? -13.491 -7.977  -10.061 1.00 0.72 ? 168 GLN A CG  1 
ATOM   589  C  CD  . GLN A 1 78  ? -13.197 -9.366  -9.501  1.00 0.56 ? 168 GLN A CD  1 
ATOM   590  O  OE1 . GLN A 1 78  ? -13.747 -10.447 -10.058 1.00 0.95 ? 168 GLN A OE1 1 
ATOM   591  N  NE2 . GLN A 1 78  ? -12.379 -9.523  -8.464  1.00 1.00 ? 168 GLN A NE2 1 
ATOM   592  N  N   . LYS A 1 79  ? -13.058 -4.749  -6.577  1.00 0.39 ? 169 LYS A N   1 
ATOM   593  C  CA  . LYS A 1 79  ? -12.587 -3.480  -6.044  1.00 0.28 ? 169 LYS A CA  1 
ATOM   594  C  C   . LYS A 1 79  ? -11.074 -3.441  -5.881  1.00 0.67 ? 169 LYS A C   1 
ATOM   595  O  O   . LYS A 1 79  ? -10.464 -2.380  -6.043  1.00 0.24 ? 169 LYS A O   1 
ATOM   596  C  CB  . LYS A 1 79  ? -13.226 -3.252  -4.664  1.00 0.37 ? 169 LYS A CB  1 
ATOM   597  C  CG  . LYS A 1 79  ? -13.491 -1.759  -4.487  1.00 0.31 ? 169 LYS A CG  1 
ATOM   598  C  CD  . LYS A 1 79  ? -14.988 -1.526  -4.407  1.00 0.80 ? 169 LYS A CD  1 
ATOM   599  C  CE  . LYS A 1 79  ? -15.304 -0.263  -3.640  1.00 1.02 ? 169 LYS A CE  1 
ATOM   600  N  NZ  . LYS A 1 79  ? -14.764 -0.332  -2.277  1.00 0.60 ? 169 LYS A NZ  1 
ATOM   601  N  N   . LEU A 1 80  ? -10.469 -4.559  -5.543  1.00 0.36 ? 170 LEU A N   1 
ATOM   602  C  CA  . LEU A 1 80  ? -9.035  -4.624  -5.224  1.00 0.35 ? 170 LEU A CA  1 
ATOM   603  C  C   . LEU A 1 80  ? -8.187  -4.483  -6.493  1.00 0.26 ? 170 LEU A C   1 
ATOM   604  O  O   . LEU A 1 80  ? -6.963  -4.437  -6.410  1.00 0.41 ? 170 LEU A O   1 
ATOM   605  C  CB  . LEU A 1 80  ? -8.702  -5.952  -4.551  1.00 0.43 ? 170 LEU A CB  1 
ATOM   606  C  CG  . LEU A 1 80  ? -9.233  -5.999  -3.133  1.00 0.45 ? 170 LEU A CG  1 
ATOM   607  C  CD1 . LEU A 1 80  ? -8.641  -7.146  -2.341  1.00 0.44 ? 170 LEU A CD1 1 
ATOM   608  C  CD2 . LEU A 1 80  ? -9.137  -4.685  -2.382  1.00 0.15 ? 170 LEU A CD2 1 
ATOM   609  N  N   . CYS A 1 81  ? -8.830  -4.416  -7.637  1.00 0.32 ? 171 CYS A N   1 
ATOM   610  C  CA  . CYS A 1 81  ? -8.160  -4.588  -8.936  1.00 0.31 ? 171 CYS A CA  1 
ATOM   611  C  C   . CYS A 1 81  ? -8.426  -3.360  -9.802  1.00 0.19 ? 171 CYS A C   1 
ATOM   612  O  O   . CYS A 1 81  ? -8.225  -3.373  -11.008 1.00 0.36 ? 171 CYS A O   1 
ATOM   613  C  CB  . CYS A 1 81  ? -8.677  -5.841  -9.645  1.00 0.54 ? 171 CYS A CB  1 
ATOM   614  S  SG  . CYS A 1 81  ? -7.905  -7.356  -8.988  1.00 0.41 ? 171 CYS A SG  1 
ATOM   615  N  N   . ARG A 1 82  ? -8.885  -2.293  -9.167  1.00 0.43 ? 172 ARG A N   1 
ATOM   616  C  CA  . ARG A 1 82  ? -9.739  -1.305  -9.884  1.00 0.11 ? 172 ARG A CA  1 
ATOM   617  C  C   . ARG A 1 82  ? -8.861  -0.135  -10.329 1.00 0.40 ? 172 ARG A C   1 
ATOM   618  O  O   . ARG A 1 82  ? -9.195  0.547   -11.289 1.00 0.37 ? 172 ARG A O   1 
ATOM   619  C  CB  . ARG A 1 82  ? -10.789 -0.772  -8.886  1.00 0.26 ? 172 ARG A CB  1 
ATOM   620  C  CG  . ARG A 1 82  ? -11.711 0.223   -9.599  1.00 0.31 ? 172 ARG A CG  1 
ATOM   621  C  CD  . ARG A 1 82  ? -13.032 -0.453  -9.967  1.00 0.84 ? 172 ARG A CD  1 
ATOM   622  N  NE  . ARG A 1 82  ? -13.953 -0.437  -8.826  1.00 0.72 ? 172 ARG A NE  1 
ATOM   623  C  CZ  . ARG A 1 82  ? -14.970 -1.321  -8.750  1.00 0.83 ? 172 ARG A CZ  1 
ATOM   624  N  NH1 . ARG A 1 82  ? -15.105 -2.278  -9.664  1.00 0.45 ? 172 ARG A NH1 1 
ATOM   625  N  NH2 . ARG A 1 82  ? -15.845 -1.233  -7.751  1.00 0.44 ? 172 ARG A NH2 1 
ATOM   626  N  N   . GLN A 1 83  ? -7.763  0.056   -9.629  1.00 0.36 ? 173 GLN A N   1 
ATOM   627  C  CA  . GLN A 1 83  ? -6.747  1.055   -9.931  1.00 0.27 ? 173 GLN A CA  1 
ATOM   628  C  C   . GLN A 1 83  ? -5.583  0.484   -10.727 1.00 0.39 ? 173 GLN A C   1 
ATOM   629  O  O   . GLN A 1 83  ? -4.628  1.222   -11.026 1.00 0.25 ? 173 GLN A O   1 
ATOM   630  C  CB  . GLN A 1 83  ? -6.199  1.682   -8.638  1.00 0.29 ? 173 GLN A CB  1 
ATOM   631  C  CG  . GLN A 1 83  ? -7.316  2.325   -7.816  1.00 0.23 ? 173 GLN A CG  1 
ATOM   632  C  CD  . GLN A 1 83  ? -8.065  3.374   -8.639  1.00 0.29 ? 173 GLN A CD  1 
ATOM   633  O  OE1 . GLN A 1 83  ? -9.217  3.067   -9.214  1.00 0.32 ? 173 GLN A OE1 1 
ATOM   634  N  NE2 . GLN A 1 83  ? -7.543  4.594   -8.785  1.00 0.19 ? 173 GLN A NE2 1 
ATOM   635  N  N   . CYS A 1 84  ? -5.614  -0.784  -11.069 1.00 0.49 ? 174 CYS A N   1 
ATOM   636  C  CA  . CYS A 1 84  ? -4.486  -1.451  -11.740 1.00 0.19 ? 174 CYS A CA  1 
ATOM   637  C  C   . CYS A 1 84  ? -4.414  -1.008  -13.202 1.00 0.17 ? 174 CYS A C   1 
ATOM   638  O  O   . CYS A 1 84  ? -5.432  -1.036  -13.890 1.00 0.27 ? 174 CYS A O   1 
ATOM   639  C  CB  . CYS A 1 84  ? -4.613  -2.966  -11.699 1.00 0.06 ? 174 CYS A CB  1 
ATOM   640  S  SG  . CYS A 1 84  ? -4.386  -3.645  -10.041 1.00 0.28 ? 174 CYS A SG  1 
ATOM   641  N  N   . LYS A 1 85  ? -3.240  -0.626  -13.625 1.00 0.27 ? 175 LYS A N   1 
ATOM   642  C  CA  . LYS A 1 85  ? -2.895  -0.368  -15.026 1.00 0.27 ? 175 LYS A CA  1 
ATOM   643  C  C   . LYS A 1 85  ? -2.791  -1.661  -15.817 1.00 0.27 ? 175 LYS A C   1 
ATOM   644  O  O   . LYS A 1 85  ? -2.296  -2.673  -15.317 1.00 0.50 ? 175 LYS A O   1 
ATOM   645  C  CB  . LYS A 1 85  ? -1.534  0.346   -15.071 1.00 0.37 ? 175 LYS A CB  1 
ATOM   646  C  CG  . LYS A 1 85  ? -1.181  0.645   -16.517 1.00 0.47 ? 175 LYS A CG  1 
ATOM   647  C  CD  . LYS A 1 85  ? 0.188   1.290   -16.598 1.00 0.35 ? 175 LYS A CD  1 
ATOM   648  C  CE  . LYS A 1 85  ? 0.057   2.747   -17.012 1.00 0.71 ? 175 LYS A CE  1 
ATOM   649  N  NZ  . LYS A 1 85  ? -0.241  2.839   -18.450 1.00 0.61 ? 175 LYS A NZ  1 
ATOM   650  N  N   . GLY A 1 86  ? -3.240  -1.637  -17.062 1.00 0.34 ? 176 GLY A N   1 
ATOM   651  C  CA  . GLY A 1 86  ? -2.971  -2.766  -17.972 1.00 0.36 ? 176 GLY A CA  1 
ATOM   652  C  C   . GLY A 1 86  ? -4.228  -3.149  -18.740 1.00 0.55 ? 176 GLY A C   1 
ATOM   653  O  O   . GLY A 1 86  ? -5.086  -2.305  -18.985 1.00 0.57 ? 176 GLY A O   1 
ATOM   654  N  N   . ASP A 1 87  A -4.318  -4.405  -19.121 1.00 0.58 ? 176 ASP A N   1 
ATOM   655  C  CA  . ASP A 1 87  A -5.449  -4.913  -19.917 1.00 0.53 ? 176 ASP A CA  1 
ATOM   656  C  C   . ASP A 1 87  A -6.499  -5.494  -18.964 1.00 0.56 ? 176 ASP A C   1 
ATOM   657  O  O   . ASP A 1 87  A -6.124  -5.913  -17.864 1.00 0.39 ? 176 ASP A O   1 
ATOM   658  C  CB  . ASP A 1 87  A -4.965  -6.070  -20.819 1.00 0.67 ? 176 ASP A CB  1 
ATOM   659  C  CG  . ASP A 1 87  A -4.751  -5.577  -22.248 1.00 0.93 ? 176 ASP A CG  1 
ATOM   660  O  OD1 . ASP A 1 87  A -3.761  -4.876  -22.516 1.00 0.47 ? 176 ASP A OD1 1 
ATOM   661  O  OD2 . ASP A 1 87  A -5.563  -5.881  -23.134 1.00 1.03 ? 176 ASP A OD2 1 
ATOM   662  N  N   . ALA A 1 88  B -7.727  -5.539  -19.384 1.00 0.40 ? 176 ALA A N   1 
ATOM   663  C  CA  . ALA A 1 88  B -8.804  -6.374  -18.916 1.00 0.50 ? 176 ALA A CA  1 
ATOM   664  C  C   . ALA A 1 88  B -8.378  -7.618  -18.179 1.00 0.41 ? 176 ALA A C   1 
ATOM   665  O  O   . ALA A 1 88  B -8.557  -7.740  -16.970 1.00 0.57 ? 176 ALA A O   1 
ATOM   666  C  CB  . ALA A 1 88  B -9.748  -6.744  -20.060 1.00 0.55 ? 176 ALA A CB  1 
ATOM   667  N  N   . LYS A 1 89  C -7.778  -8.562  -18.897 1.00 0.52 ? 176 LYS A N   1 
ATOM   668  C  CA  . LYS A 1 89  C -7.599  -9.908  -18.334 1.00 0.31 ? 176 LYS A CA  1 
ATOM   669  C  C   . LYS A 1 89  C -6.331  -10.003 -17.516 1.00 0.60 ? 176 LYS A C   1 
ATOM   670  O  O   . LYS A 1 89  C -6.172  -10.938 -16.724 1.00 0.69 ? 176 LYS A O   1 
ATOM   671  C  CB  . LYS A 1 89  C -7.602  -10.941 -19.445 1.00 0.80 ? 176 LYS A CB  1 
ATOM   672  C  CG  . LYS A 1 89  C -8.978  -11.003 -20.093 1.00 0.56 ? 176 LYS A CG  1 
ATOM   673  C  CD  . LYS A 1 89  C -9.197  -12.388 -20.688 1.00 0.78 ? 176 LYS A CD  1 
ATOM   674  C  CE  . LYS A 1 89  C -7.851  -13.079 -20.872 1.00 0.95 ? 176 LYS A CE  1 
ATOM   675  N  NZ  . LYS A 1 89  C -7.824  -14.339 -20.119 1.00 0.77 ? 176 LYS A NZ  1 
ATOM   676  N  N   . THR A 1 90  D -5.419  -9.058  -17.687 1.00 0.41 ? 176 THR A N   1 
ATOM   677  C  CA  . THR A 1 90  D -4.045  -9.205  -17.208 1.00 0.24 ? 176 THR A CA  1 
ATOM   678  C  C   . THR A 1 90  D -3.761  -8.381  -15.973 1.00 0.51 ? 176 THR A C   1 
ATOM   679  O  O   . THR A 1 90  D -2.955  -8.801  -15.126 1.00 0.35 ? 176 THR A O   1 
ATOM   680  C  CB  . THR A 1 90  D -3.049  -8.916  -18.311 1.00 0.49 ? 176 THR A CB  1 
ATOM   681  O  OG1 . THR A 1 90  D -3.500  -7.854  -19.152 1.00 0.31 ? 176 THR A OG1 1 
ATOM   682  C  CG2 . THR A 1 90  D -2.881  -10.142 -19.168 1.00 0.53 ? 176 THR A CG2 1 
ATOM   683  N  N   . LYS A 1 91  E -4.386  -7.234  -15.835 1.00 0.39 ? 176 LYS A N   1 
ATOM   684  C  CA  . LYS A 1 91  E -3.957  -6.126  -15.009 1.00 0.43 ? 176 LYS A CA  1 
ATOM   685  C  C   . LYS A 1 91  E -3.811  -6.448  -13.544 1.00 0.40 ? 176 LYS A C   1 
ATOM   686  O  O   . LYS A 1 91  E -3.034  -5.784  -12.842 1.00 0.54 ? 176 LYS A O   1 
ATOM   687  C  CB  . LYS A 1 91  E -4.910  -4.935  -15.156 1.00 0.37 ? 176 LYS A CB  1 
ATOM   688  C  CG  . LYS A 1 91  E -6.019  -5.082  -14.113 1.00 0.61 ? 176 LYS A CG  1 
ATOM   689  C  CD  . LYS A 1 91  E -6.687  -3.738  -13.895 1.00 0.47 ? 176 LYS A CD  1 
ATOM   690  C  CE  . LYS A 1 91  E -7.430  -3.323  -15.158 1.00 0.28 ? 176 LYS A CE  1 
ATOM   691  N  NZ  . LYS A 1 91  E -8.872  -3.235  -14.856 1.00 0.82 ? 176 LYS A NZ  1 
ATOM   692  N  N   . CYS A 1 92  ? -4.532  -7.431  -13.035 1.00 0.26 ? 177 CYS A N   1 
ATOM   693  C  CA  . CYS A 1 92  ? -4.455  -7.765  -11.604 1.00 0.29 ? 177 CYS A CA  1 
ATOM   694  C  C   . CYS A 1 92  ? -3.739  -9.069  -11.364 1.00 0.19 ? 177 CYS A C   1 
ATOM   695  O  O   . CYS A 1 92  ? -3.770  -9.621  -10.251 1.00 0.32 ? 177 CYS A O   1 
ATOM   696  C  CB  . CYS A 1 92  ? -5.851  -7.785  -10.982 1.00 0.36 ? 177 CYS A CB  1 
ATOM   697  S  SG  . CYS A 1 92  ? -5.855  -7.057  -9.326  1.00 0.48 ? 177 CYS A SG  1 
ATOM   698  N  N   . LEU A 1 93  ? -3.063  -9.603  -12.367 1.00 0.41 ? 180 LEU A N   1 
ATOM   699  C  CA  . LEU A 1 93  ? -2.271  -10.843 -12.154 1.00 0.36 ? 180 LEU A CA  1 
ATOM   700  C  C   . LEU A 1 93  ? -1.096  -10.544 -11.212 1.00 0.09 ? 180 LEU A C   1 
ATOM   701  O  O   . LEU A 1 93  ? -0.722  -9.372  -11.096 1.00 0.33 ? 180 LEU A O   1 
ATOM   702  C  CB  . LEU A 1 93  ? -1.734  -11.335 -13.489 1.00 0.46 ? 180 LEU A CB  1 
ATOM   703  C  CG  . LEU A 1 93  ? -2.851  -11.694 -14.455 1.00 0.31 ? 180 LEU A CG  1 
ATOM   704  C  CD1 . LEU A 1 93  ? -2.304  -12.499 -15.630 1.00 0.36 ? 180 LEU A CD1 1 
ATOM   705  C  CD2 . LEU A 1 93  ? -4.026  -12.420 -13.811 1.00 0.18 ? 180 LEU A CD2 1 
ATOM   706  N  N   . ARG A 1 94  ? -0.534  -11.552 -10.593 1.00 0.57 ? 181 ARG A N   1 
ATOM   707  C  CA  . ARG A 1 94  ? 0.487   -11.412 -9.543  1.00 0.30 ? 181 ARG A CA  1 
ATOM   708  C  C   . ARG A 1 94  ? 1.768   -10.807 -10.130 1.00 0.33 ? 181 ARG A C   1 
ATOM   709  O  O   . ARG A 1 94  ? 2.630   -10.353 -9.389  1.00 0.42 ? 181 ARG A O   1 
ATOM   710  C  CB  . ARG A 1 94  ? 0.853   -12.793 -8.982  1.00 0.31 ? 181 ARG A CB  1 
ATOM   711  C  CG  . ARG A 1 94  ? -0.063  -13.172 -7.826  1.00 0.56 ? 181 ARG A CG  1 
ATOM   712  C  CD  . ARG A 1 94  ? 0.304   -12.415 -6.558  1.00 0.49 ? 181 ARG A CD  1 
ATOM   713  N  NE  . ARG A 1 94  ? 0.466   -13.365 -5.431  1.00 0.38 ? 181 ARG A NE  1 
ATOM   714  C  CZ  . ARG A 1 94  ? 1.472   -13.127 -4.554  1.00 0.46 ? 181 ARG A CZ  1 
ATOM   715  N  NH1 . ARG A 1 94  ? 2.114   -11.961 -4.598  1.00 0.46 ? 181 ARG A NH1 1 
ATOM   716  N  NH2 . ARG A 1 94  ? 1.825   -14.045 -3.667  1.00 0.47 ? 181 ARG A NH2 1 
ATOM   717  N  N   . ASN A 1 95  ? 1.865   -10.839 -11.433 1.00 0.25 ? 182 ASN A N   1 
ATOM   718  C  CA  . ASN A 1 95  ? 2.862   -10.056 -12.189 1.00 0.20 ? 182 ASN A CA  1 
ATOM   719  C  C   . ASN A 1 95  ? 2.138   -9.332  -13.333 1.00 0.49 ? 182 ASN A C   1 
ATOM   720  O  O   . ASN A 1 95  ? 1.464   -9.981  -14.132 1.00 0.67 ? 182 ASN A O   1 
ATOM   721  C  CB  . ASN A 1 95  ? 3.955   -10.954 -12.708 1.00 0.88 ? 182 ASN A CB  1 
ATOM   722  C  CG  . ASN A 1 95  ? 4.706   -10.418 -13.904 1.00 0.75 ? 182 ASN A CG  1 
ATOM   723  O  OD1 . ASN A 1 95  ? 5.105   -9.159  -13.973 1.00 0.44 ? 182 ASN A OD1 1 
ATOM   724  N  ND2 . ASN A 1 95  ? 4.993   -11.231 -14.922 1.00 0.66 ? 182 ASN A ND2 1 
ATOM   725  N  N   . ALA A 1 96  ? 2.280   -8.045  -13.361 1.00 0.61 ? 183 ALA A N   1 
ATOM   726  C  CA  . ALA A 1 96  ? 1.468   -7.090  -14.133 1.00 0.19 ? 183 ALA A CA  1 
ATOM   727  C  C   . ALA A 1 96  ? 2.077   -5.699  -13.915 1.00 0.18 ? 183 ALA A C   1 
ATOM   728  O  O   . ALA A 1 96  ? 2.946   -5.577  -13.039 1.00 0.37 ? 183 ALA A O   1 
ATOM   729  C  CB  . ALA A 1 96  ? 0.041   -7.091  -13.596 1.00 0.23 ? 183 ALA A CB  1 
ATOM   730  N  N   . PRO A 1 97  ? 1.667   -4.706  -14.656 1.00 0.25 ? 184 PRO A N   1 
ATOM   731  C  CA  . PRO A 1 97  ? 2.401   -3.421  -14.675 1.00 0.26 ? 184 PRO A CA  1 
ATOM   732  C  C   . PRO A 1 97  ? 2.524   -2.830  -13.296 1.00 0.17 ? 184 PRO A C   1 
ATOM   733  O  O   . PRO A 1 97  ? 3.438   -2.036  -13.020 1.00 0.33 ? 184 PRO A O   1 
ATOM   734  C  CB  . PRO A 1 97  ? 1.531   -2.623  -15.587 1.00 0.18 ? 184 PRO A CB  1 
ATOM   735  C  CG  . PRO A 1 97  ? 0.464   -3.499  -16.191 1.00 0.34 ? 184 PRO A CG  1 
ATOM   736  C  CD  . PRO A 1 97  ? 0.836   -4.920  -15.838 1.00 0.16 ? 184 PRO A CD  1 
ATOM   737  N  N   . TYR A 1 98  ? 1.647   -3.194  -12.382 1.00 0.41 ? 185 TYR A N   1 
ATOM   738  C  CA  . TYR A 1 98  ? 1.578   -2.486  -11.079 1.00 0.19 ? 185 TYR A CA  1 
ATOM   739  C  C   . TYR A 1 98  ? 2.007   -3.418  -9.961  1.00 0.58 ? 185 TYR A C   1 
ATOM   740  O  O   . TYR A 1 98  ? 2.069   -3.009  -8.797  1.00 0.34 ? 185 TYR A O   1 
ATOM   741  C  CB  . TYR A 1 98  ? 0.149   -1.999  -10.858 1.00 0.54 ? 185 TYR A CB  1 
ATOM   742  C  CG  . TYR A 1 98  ? -0.049  -0.619  -11.498 1.00 0.44 ? 185 TYR A CG  1 
ATOM   743  C  CD1 . TYR A 1 98  ? 1.032   0.027   -12.095 1.00 0.14 ? 185 TYR A CD1 1 
ATOM   744  C  CD2 . TYR A 1 98  ? -1.301  -0.014  -11.478 1.00 0.72 ? 185 TYR A CD2 1 
ATOM   745  C  CE1 . TYR A 1 98  ? 0.866   1.281   -12.678 1.00 0.14 ? 185 TYR A CE1 1 
ATOM   746  C  CE2 . TYR A 1 98  ? -1.471  1.242   -12.059 1.00 0.37 ? 185 TYR A CE2 1 
ATOM   747  C  CZ  . TYR A 1 98  ? -0.396  1.884   -12.655 1.00 0.36 ? 185 TYR A CZ  1 
ATOM   748  O  OH  . TYR A 1 98  ? -0.557  3.122   -13.231 1.00 0.32 ? 185 TYR A OH  1 
ATOM   749  N  N   . SER A 1 99  ? 2.330   -4.654  -10.301 1.00 0.32 ? 186 SER A N   1 
ATOM   750  C  CA  . SER A 1 99  ? 2.897   -5.631  -9.391  1.00 0.12 ? 186 SER A CA  1 
ATOM   751  C  C   . SER A 1 99  ? 4.238   -5.223  -8.820  1.00 0.18 ? 186 SER A C   1 
ATOM   752  O  O   . SER A 1 99  ? 5.014   -4.526  -9.468  1.00 0.18 ? 186 SER A O   1 
ATOM   753  C  CB  . SER A 1 99  ? 2.919   -7.024  -9.928  1.00 0.27 ? 186 SER A CB  1 
ATOM   754  O  OG  . SER A 1 99  ? 3.893   -7.203  -10.949 1.00 0.37 ? 186 SER A OG  1 
ATOM   755  N  N   . GLY A 1 100 ? 4.517   -5.660  -7.604  1.00 0.19 ? 187 GLY A N   1 
ATOM   756  C  CA  . GLY A 1 100 ? 5.857   -5.629  -7.024  1.00 0.25 ? 187 GLY A CA  1 
ATOM   757  C  C   . GLY A 1 100 ? 6.159   -4.262  -6.418  1.00 0.31 ? 187 GLY A C   1 
ATOM   758  O  O   . GLY A 1 100 ? 5.318   -3.364  -6.503  1.00 0.38 ? 187 GLY A O   1 
ATOM   759  N  N   . TYR A 1 101 ? 7.322   -4.112  -5.838  1.00 0.12 ? 188 TYR A N   1 
ATOM   760  C  CA  . TYR A 1 101 ? 7.857   -2.881  -5.296  1.00 0.24 ? 188 TYR A CA  1 
ATOM   761  C  C   . TYR A 1 101 ? 7.851   -1.703  -6.278  1.00 0.69 ? 188 TYR A C   1 
ATOM   762  O  O   . TYR A 1 101 ? 7.332   -0.621  -5.969  1.00 0.42 ? 188 TYR A O   1 
ATOM   763  C  CB  . TYR A 1 101 ? 9.283   -3.092  -4.811  1.00 0.20 ? 188 TYR A CB  1 
ATOM   764  C  CG  . TYR A 1 101 ? 9.382   -4.237  -3.809  1.00 0.51 ? 188 TYR A CG  1 
ATOM   765  C  CD1 . TYR A 1 101 ? 8.728   -4.151  -2.572  1.00 0.20 ? 188 TYR A CD1 1 
ATOM   766  C  CD2 . TYR A 1 101 ? 10.121  -5.374  -4.138  1.00 0.39 ? 188 TYR A CD2 1 
ATOM   767  C  CE1 . TYR A 1 101 ? 8.819   -5.212  -1.661  1.00 0.35 ? 188 TYR A CE1 1 
ATOM   768  C  CE2 . TYR A 1 101 ? 10.212  -6.433  -3.229  1.00 0.24 ? 188 TYR A CE2 1 
ATOM   769  C  CZ  . TYR A 1 101 ? 9.562   -6.352  -1.991  1.00 0.36 ? 188 TYR A CZ  1 
ATOM   770  O  OH  . TYR A 1 101 ? 9.655   -7.385  -1.112  1.00 0.27 ? 188 TYR A OH  1 
ATOM   771  N  N   . SER A 1 102 ? 8.437   -1.911  -7.434  1.00 0.29 ? 189 SER A N   1 
ATOM   772  C  CA  . SER A 1 102 ? 8.546   -0.852  -8.453  1.00 0.33 ? 189 SER A CA  1 
ATOM   773  C  C   . SER A 1 102 ? 7.170   -0.443  -8.973  1.00 0.21 ? 189 SER A C   1 
ATOM   774  O  O   . SER A 1 102 ? 6.967   0.735   -9.281  1.00 0.31 ? 189 SER A O   1 
ATOM   775  C  CB  . SER A 1 102 ? 9.400   -1.341  -9.624  1.00 0.26 ? 189 SER A CB  1 
ATOM   776  O  OG  . SER A 1 102 ? 10.771  -1.354  -9.250  1.00 0.33 ? 189 SER A OG  1 
ATOM   777  N  N   . GLY A 1 103 ? 6.267   -1.383  -9.088  1.00 0.25 ? 190 GLY A N   1 
ATOM   778  C  CA  . GLY A 1 103 ? 4.936   -1.211  -9.639  1.00 0.28 ? 190 GLY A CA  1 
ATOM   779  C  C   . GLY A 1 103 ? 3.956   -0.620  -8.653  1.00 0.20 ? 190 GLY A C   1 
ATOM   780  O  O   . GLY A 1 103 ? 3.152   0.244   -9.022  1.00 0.38 ? 190 GLY A O   1 
ATOM   781  N  N   . ALA A 1 104 ? 3.994   -1.030  -7.396  1.00 0.16 ? 191 ALA A N   1 
ATOM   782  C  CA  . ALA A 1 104 ? 3.236   -0.353  -6.335  1.00 0.17 ? 191 ALA A CA  1 
ATOM   783  C  C   . ALA A 1 104 ? 3.533   1.129   -6.277  1.00 0.35 ? 191 ALA A C   1 
ATOM   784  O  O   . ALA A 1 104 ? 2.645   1.968   -6.096  1.00 0.27 ? 191 ALA A O   1 
ATOM   785  C  CB  . ALA A 1 104 ? 3.527   -0.999  -4.992  1.00 0.13 ? 191 ALA A CB  1 
ATOM   786  N  N   . PHE A 1 105 ? 4.790   1.496   -6.435  1.00 0.30 ? 192 PHE A N   1 
ATOM   787  C  CA  . PHE A 1 105 ? 5.216   2.895   -6.368  1.00 0.22 ? 192 PHE A CA  1 
ATOM   788  C  C   . PHE A 1 105 ? 4.897   3.665   -7.635  1.00 0.13 ? 192 PHE A C   1 
ATOM   789  O  O   . PHE A 1 105 ? 4.615   4.870   -7.571  1.00 0.37 ? 192 PHE A O   1 
ATOM   790  C  CB  . PHE A 1 105 ? 6.719   2.963   -6.090  1.00 0.26 ? 192 PHE A CB  1 
ATOM   791  C  CG  . PHE A 1 105 ? 7.198   4.410   -6.170  1.00 0.45 ? 192 PHE A CG  1 
ATOM   792  C  CD1 . PHE A 1 105 ? 7.149   5.219   -5.038  1.00 0.27 ? 192 PHE A CD1 1 
ATOM   793  C  CD2 . PHE A 1 105 ? 7.681   4.918   -7.374  1.00 0.33 ? 192 PHE A CD2 1 
ATOM   794  C  CE1 . PHE A 1 105 ? 7.588   6.536   -5.121  1.00 0.39 ? 192 PHE A CE1 1 
ATOM   795  C  CE2 . PHE A 1 105 ? 8.126   6.244   -7.459  1.00 0.19 ? 192 PHE A CE2 1 
ATOM   796  C  CZ  . PHE A 1 105 ? 8.073   7.044   -6.322  1.00 0.28 ? 192 PHE A CZ  1 
ATOM   797  N  N   . GLN A 1 106 ? 4.930   3.022   -8.777  1.00 0.24 ? 193 GLN A N   1 
ATOM   798  C  CA  . GLN A 1 106 ? 4.506   3.602   -10.054 1.00 0.20 ? 193 GLN A CA  1 
ATOM   799  C  C   . GLN A 1 106 ? 2.996   3.847   -10.063 1.00 0.23 ? 193 GLN A C   1 
ATOM   800  O  O   . GLN A 1 106 ? 2.543   4.784   -10.724 1.00 0.45 ? 193 GLN A O   1 
ATOM   801  C  CB  . GLN A 1 106 ? 4.842   2.633   -11.206 1.00 0.08 ? 193 GLN A CB  1 
ATOM   802  C  CG  . GLN A 1 106 ? 4.642   3.303   -12.559 1.00 0.05 ? 193 GLN A CG  1 
ATOM   803  C  CD  . GLN A 1 106 ? 5.742   4.332   -12.841 1.00 0.14 ? 193 GLN A CD  1 
ATOM   804  O  OE1 . GLN A 1 106 ? 6.929   4.230   -12.246 1.00 0.41 ? 193 GLN A OE1 1 
ATOM   805  N  NE2 . GLN A 1 106 ? 5.524   5.336   -13.686 1.00 0.24 ? 193 GLN A NE2 1 
ATOM   806  N  N   . CYS A 1 107 ? 2.260   3.023   -9.362  1.00 0.28 ? 194 CYS A N   1 
ATOM   807  C  CA  . CYS A 1 107 ? 0.829   3.227   -9.091  1.00 0.24 ? 194 CYS A CA  1 
ATOM   808  C  C   . CYS A 1 107 ? 0.602   4.572   -8.415  1.00 0.53 ? 194 CYS A C   1 
ATOM   809  O  O   . CYS A 1 107 ? -0.268  5.332   -8.837  1.00 0.24 ? 194 CYS A O   1 
ATOM   810  C  CB  . CYS A 1 107 ? 0.287   2.101   -8.219  1.00 0.37 ? 194 CYS A CB  1 
ATOM   811  S  SG  . CYS A 1 107 ? -1.467  2.266   -7.820  1.00 0.23 ? 194 CYS A SG  1 
ATOM   812  N  N   . LEU A 1 108 ? 1.379   4.873   -7.398  1.00 0.26 ? 195 LEU A N   1 
ATOM   813  C  CA  . LEU A 1 108 ? 1.254   6.131   -6.639  1.00 0.24 ? 195 LEU A CA  1 
ATOM   814  C  C   . LEU A 1 108 ? 1.779   7.307   -7.447  1.00 0.40 ? 195 LEU A C   1 
ATOM   815  O  O   . LEU A 1 108 ? 1.105   8.340   -7.515  1.00 0.37 ? 195 LEU A O   1 
ATOM   816  C  CB  . LEU A 1 108 ? 1.897   6.026   -5.288  1.00 0.24 ? 195 LEU A CB  1 
ATOM   817  C  CG  . LEU A 1 108 ? 2.282   7.320   -4.634  1.00 0.38 ? 195 LEU A CG  1 
ATOM   818  C  CD1 . LEU A 1 108 ? 1.147   7.895   -3.787  1.00 0.17 ? 195 LEU A CD1 1 
ATOM   819  C  CD2 . LEU A 1 108 ? 3.557   7.238   -3.777  1.00 0.12 ? 195 LEU A CD2 1 
ATOM   820  N  N   . LYS A 1 109 ? 2.931   7.182   -8.062  1.00 0.23 ? 196 LYS A N   1 
ATOM   821  C  CA  . LYS A 1 109 ? 3.485   8.198   -8.979  1.00 0.25 ? 196 LYS A CA  1 
ATOM   822  C  C   . LYS A 1 109 ? 2.486   8.549   -10.074 1.00 0.46 ? 196 LYS A C   1 
ATOM   823  O  O   . LYS A 1 109 ? 2.304   9.722   -10.401 1.00 0.31 ? 196 LYS A O   1 
ATOM   824  C  CB  . LYS A 1 109 ? 4.758   7.640   -9.603  1.00 0.26 ? 196 LYS A CB  1 
ATOM   825  C  CG  . LYS A 1 109 ? 5.560   8.717   -10.292 1.00 0.30 ? 196 LYS A CG  1 
ATOM   826  C  CD  . LYS A 1 109 ? 6.579   8.078   -11.229 1.00 0.58 ? 196 LYS A CD  1 
ATOM   827  C  CE  . LYS A 1 109 ? 7.665   9.061   -11.596 1.00 0.53 ? 196 LYS A CE  1 
ATOM   828  N  NZ  . LYS A 1 109 ? 8.919   8.725   -10.900 1.00 0.48 ? 196 LYS A NZ  1 
ATOM   829  N  N   . ASP A 1 110 ? 1.852   7.543   -10.638 1.00 0.47 ? 197 ASP A N   1 
ATOM   830  C  CA  . ASP A 1 110 ? 0.969   7.718   -11.805 1.00 0.60 ? 197 ASP A CA  1 
ATOM   831  C  C   . ASP A 1 110 ? -0.313  8.430   -11.372 1.00 0.23 ? 197 ASP A C   1 
ATOM   832  O  O   . ASP A 1 110 ? -1.106  8.840   -12.208 1.00 0.47 ? 197 ASP A O   1 
ATOM   833  C  CB  . ASP A 1 110 ? 0.586   6.347   -12.389 1.00 0.55 ? 197 ASP A CB  1 
ATOM   834  C  CG  . ASP A 1 110 ? 1.625   5.859   -13.394 1.00 0.49 ? 197 ASP A CG  1 
ATOM   835  O  OD1 . ASP A 1 110 ? 2.544   6.612   -13.750 1.00 0.24 ? 197 ASP A OD1 1 
ATOM   836  O  OD2 . ASP A 1 110 ? 1.557   4.711   -13.865 1.00 0.37 ? 197 ASP A OD2 1 
ATOM   837  N  N   . GLY A 1 111 ? -0.493  8.558   -10.072 1.00 0.27 ? 198 GLY A N   1 
ATOM   838  C  CA  . GLY A 1 111 ? -1.701  9.154   -9.499  1.00 0.44 ? 198 GLY A CA  1 
ATOM   839  C  C   . GLY A 1 111 ? -2.771  8.111   -9.242  1.00 0.59 ? 198 GLY A C   1 
ATOM   840  O  O   . GLY A 1 111 ? -3.910  8.456   -8.924  1.00 0.30 ? 198 GLY A O   1 
ATOM   841  N  N   . LYS A 1 112 ? -2.426  6.844   -9.377  1.00 0.30 ? 199 LYS A N   1 
ATOM   842  C  CA  . LYS A 1 112 ? -3.439  5.772   -9.351  1.00 0.20 ? 199 LYS A CA  1 
ATOM   843  C  C   . LYS A 1 112 ? -3.751  5.383   -7.915  1.00 0.46 ? 199 LYS A C   1 
ATOM   844  O  O   . LYS A 1 112 ? -4.653  4.590   -7.659  1.00 0.42 ? 199 LYS A O   1 
ATOM   845  C  CB  . LYS A 1 112 ? -2.957  4.575   -10.134 1.00 0.20 ? 199 LYS A CB  1 
ATOM   846  C  CG  . LYS A 1 112 ? -3.739  4.390   -11.406 1.00 0.21 ? 199 LYS A CG  1 
ATOM   847  C  CD  . LYS A 1 112 ? -3.524  5.528   -12.373 1.00 0.25 ? 199 LYS A CD  1 
ATOM   848  C  CE  . LYS A 1 112 ? -2.238  5.402   -13.140 1.00 1.11 ? 199 LYS A CE  1 
ATOM   849  N  NZ  . LYS A 1 112 ? -2.408  4.685   -14.413 1.00 0.43 ? 199 LYS A NZ  1 
ATOM   850  N  N   . GLY A 1 113 ? -2.998  5.943   -6.982  1.00 0.33 ? 200 GLY A N   1 
ATOM   851  C  CA  . GLY A 1 113 ? -3.135  5.554   -5.562  1.00 0.10 ? 200 GLY A CA  1 
ATOM   852  C  C   . GLY A 1 113 ? -2.724  6.714   -4.664  1.00 0.23 ? 200 GLY A C   1 
ATOM   853  O  O   . GLY A 1 113 ? -1.906  7.535   -5.083  1.00 0.24 ? 200 GLY A O   1 
ATOM   854  N  N   . ASP A 1 114 ? -3.278  6.773   -3.471  1.00 0.23 ? 201 ASP A N   1 
ATOM   855  C  CA  . ASP A 1 114 ? -3.009  7.893   -2.541  1.00 0.14 ? 201 ASP A CA  1 
ATOM   856  C  C   . ASP A 1 114 ? -1.859  7.483   -1.612  1.00 0.22 ? 201 ASP A C   1 
ATOM   857  O  O   . ASP A 1 114 ? -1.243  8.346   -1.001  1.00 0.22 ? 201 ASP A O   1 
ATOM   858  C  CB  . ASP A 1 114 ? -4.236  8.168   -1.663  1.00 0.16 ? 201 ASP A CB  1 
ATOM   859  C  CG  . ASP A 1 114 ? -5.270  9.028   -2.384  1.00 0.23 ? 201 ASP A CG  1 
ATOM   860  O  OD1 . ASP A 1 114 ? -4.954  9.714   -3.367  1.00 0.34 ? 201 ASP A OD1 1 
ATOM   861  O  OD2 . ASP A 1 114 ? -6.440  9.044   -1.972  1.00 0.43 ? 201 ASP A OD2 1 
ATOM   862  N  N   . VAL A 1 115 ? -1.636  6.190   -1.546  1.00 0.22 ? 202 VAL A N   1 
ATOM   863  C  CA  . VAL A 1 115 ? -0.584  5.569   -0.753  1.00 0.28 ? 202 VAL A CA  1 
ATOM   864  C  C   . VAL A 1 115 ? -0.092  4.279   -1.428  1.00 0.18 ? 202 VAL A C   1 
ATOM   865  O  O   . VAL A 1 115 ? -0.889  3.566   -2.013  1.00 0.25 ? 202 VAL A O   1 
ATOM   866  C  CB  . VAL A 1 115 ? -1.090  5.205   0.646   1.00 0.12 ? 202 VAL A CB  1 
ATOM   867  C  CG1 . VAL A 1 115 ? -2.163  4.105   0.525   1.00 0.41 ? 202 VAL A CG1 1 
ATOM   868  C  CG2 . VAL A 1 115 ? -0.070  4.787   1.718   1.00 0.36 ? 202 VAL A CG2 1 
ATOM   869  N  N   . ALA A 1 116 ? 1.192   4.044   -1.325  1.00 0.33 ? 203 ALA A N   1 
ATOM   870  C  CA  . ALA A 1 116 ? 1.831   2.794   -1.741  1.00 0.22 ? 203 ALA A CA  1 
ATOM   871  C  C   . ALA A 1 116 ? 2.454   2.102   -0.537  1.00 0.17 ? 203 ALA A C   1 
ATOM   872  O  O   . ALA A 1 116 ? 3.231   2.720   0.191   1.00 0.22 ? 203 ALA A O   1 
ATOM   873  C  CB  . ALA A 1 116 ? 2.904   3.081   -2.785  1.00 0.23 ? 203 ALA A CB  1 
ATOM   874  N  N   . PHE A 1 117 ? 2.108   0.844   -0.335  1.00 0.35 ? 204 PHE A N   1 
ATOM   875  C  CA  . PHE A 1 117 ? 2.720   0.024   0.715   1.00 0.24 ? 204 PHE A CA  1 
ATOM   876  C  C   . PHE A 1 117 ? 3.932   -0.724  0.148   1.00 0.48 ? 204 PHE A C   1 
ATOM   877  O  O   . PHE A 1 117 ? 3.759   -1.622  -0.670  1.00 0.29 ? 204 PHE A O   1 
ATOM   878  C  CB  . PHE A 1 117 ? 1.725   -0.972  1.284   1.00 0.23 ? 204 PHE A CB  1 
ATOM   879  C  CG  . PHE A 1 117 ? 0.573   -0.277  2.003   1.00 0.17 ? 204 PHE A CG  1 
ATOM   880  C  CD1 . PHE A 1 117 ? 0.670   0.049   3.348   1.00 0.73 ? 204 PHE A CD1 1 
ATOM   881  C  CD2 . PHE A 1 117 ? -0.596  0.031   1.298   1.00 0.21 ? 204 PHE A CD2 1 
ATOM   882  C  CE1 . PHE A 1 117 ? -0.388  0.682   3.994   1.00 0.83 ? 204 PHE A CE1 1 
ATOM   883  C  CE2 . PHE A 1 117 ? -1.656  0.662   1.944   1.00 0.25 ? 204 PHE A CE2 1 
ATOM   884  C  CZ  . PHE A 1 117 ? -1.549  0.986   3.292   1.00 0.31 ? 204 PHE A CZ  1 
ATOM   885  N  N   . VAL A 1 118 ? 5.109   -0.333  0.582   1.00 0.39 ? 205 VAL A N   1 
ATOM   886  C  CA  . VAL A 1 118 ? 6.378   -0.696  -0.014  1.00 0.40 ? 205 VAL A CA  1 
ATOM   887  C  C   . VAL A 1 118 ? 7.488   -0.851  0.990   1.00 0.45 ? 205 VAL A C   1 
ATOM   888  O  O   . VAL A 1 118 ? 7.265   -0.960  2.195   1.00 0.23 ? 205 VAL A O   1 
ATOM   889  C  CB  . VAL A 1 118 ? 6.829   0.282   -1.103  1.00 0.18 ? 205 VAL A CB  1 
ATOM   890  C  CG1 . VAL A 1 118 ? 6.104   0.062   -2.434  1.00 0.08 ? 205 VAL A CG1 1 
ATOM   891  C  CG2 . VAL A 1 118 ? 6.597   1.747   -0.739  1.00 0.23 ? 205 VAL A CG2 1 
ATOM   892  N  N   . LYS A 1 119 ? 8.736   -0.873  0.516   1.00 0.17 ? 206 LYS A N   1 
ATOM   893  C  CA  . LYS A 1 119 ? 9.868   -0.992  1.435   1.00 0.13 ? 206 LYS A CA  1 
ATOM   894  C  C   . LYS A 1 119 ? 10.767  0.208   1.416   1.00 0.05 ? 206 LYS A C   1 
ATOM   895  O  O   . LYS A 1 119 ? 10.629  1.111   0.591   1.00 0.27 ? 206 LYS A O   1 
ATOM   896  C  CB  . LYS A 1 119 ? 10.579  -2.290  1.332   1.00 0.53 ? 206 LYS A CB  1 
ATOM   897  C  CG  . LYS A 1 119 ? 11.442  -2.416  0.085   1.00 0.31 ? 206 LYS A CG  1 
ATOM   898  C  CD  . LYS A 1 119 ? 12.034  -3.825  0.046   1.00 0.44 ? 206 LYS A CD  1 
ATOM   899  C  CE  . LYS A 1 119 ? 13.369  -3.821  -0.668  1.00 0.36 ? 206 LYS A CE  1 
ATOM   900  N  NZ  . LYS A 1 119 ? 13.692  -5.194  -1.104  1.00 0.20 ? 206 LYS A NZ  1 
ATOM   901  N  N   . HIS A 1 120 ? 11.740  0.258   2.327   1.00 0.12 ? 207 HIS A N   1 
ATOM   902  C  CA  . HIS A 1 120 ? 12.431  1.509   2.635   1.00 0.22 ? 207 HIS A CA  1 
ATOM   903  C  C   . HIS A 1 120 ? 13.395  1.931   1.555   1.00 0.27 ? 207 HIS A C   1 
ATOM   904  O  O   . HIS A 1 120 ? 14.000  3.008   1.660   1.00 0.47 ? 207 HIS A O   1 
ATOM   905  C  CB  . HIS A 1 120 ? 13.226  1.358   3.953   1.00 0.16 ? 207 HIS A CB  1 
ATOM   906  C  CG  . HIS A 1 120 ? 14.048  0.057   3.871   1.00 0.17 ? 207 HIS A CG  1 
ATOM   907  N  ND1 . HIS A 1 120 ? 13.531  -1.200  3.600   1.00 0.23 ? 207 HIS A ND1 1 
ATOM   908  C  CD2 . HIS A 1 120 ? 15.411  -0.042  4.050   1.00 0.22 ? 207 HIS A CD2 1 
ATOM   909  C  CE1 . HIS A 1 120 ? 14.587  -2.102  3.611   1.00 0.36 ? 207 HIS A CE1 1 
ATOM   910  N  NE2 . HIS A 1 120 ? 15.740  -1.377  3.890   1.00 0.44 ? 207 HIS A NE2 1 
ATOM   911  N  N   . THR A 1 121 ? 13.587  1.136   0.518   1.00 0.33 ? 208 THR A N   1 
ATOM   912  C  CA  . THR A 1 121 ? 14.579  1.499   -0.519  1.00 0.24 ? 208 THR A CA  1 
ATOM   913  C  C   . THR A 1 121 ? 13.899  1.770   -1.847  1.00 0.21 ? 208 THR A C   1 
ATOM   914  O  O   . THR A 1 121 ? 14.569  1.893   -2.875  1.00 0.34 ? 208 THR A O   1 
ATOM   915  C  CB  . THR A 1 121 ? 15.571  0.356   -0.693  1.00 0.30 ? 208 THR A CB  1 
ATOM   916  O  OG1 . THR A 1 121 ? 14.871  -0.821  -1.084  1.00 0.20 ? 208 THR A OG1 1 
ATOM   917  C  CG2 . THR A 1 121 ? 16.301  0.115   0.588   1.00 0.20 ? 208 THR A CG2 1 
ATOM   918  N  N   . THR A 1 122 ? 12.586  1.865   -1.840  1.00 0.33 ? 209 THR A N   1 
ATOM   919  C  CA  . THR A 1 122 ? 11.798  1.834   -3.072  1.00 0.19 ? 209 THR A CA  1 
ATOM   920  C  C   . THR A 1 122 ? 11.840  3.145   -3.811  1.00 0.13 ? 209 THR A C   1 
ATOM   921  O  O   . THR A 1 122 ? 11.870  3.156   -5.049  1.00 0.29 ? 209 THR A O   1 
ATOM   922  C  CB  . THR A 1 122 ? 10.371  1.420   -2.762  1.00 0.09 ? 209 THR A CB  1 
ATOM   923  O  OG1 . THR A 1 122 ? 10.373  0.077   -2.258  1.00 0.23 ? 209 THR A OG1 1 
ATOM   924  C  CG2 . THR A 1 122 ? 9.539   1.464   -4.010  1.00 0.16 ? 209 THR A CG2 1 
ATOM   925  N  N   . VAL A 1 123 ? 11.849  4.255   -3.093  1.00 0.26 ? 210 VAL A N   1 
ATOM   926  C  CA  . VAL A 1 123 ? 11.762  5.580   -3.750  1.00 0.35 ? 210 VAL A CA  1 
ATOM   927  C  C   . VAL A 1 123 ? 13.128  5.997   -4.263  1.00 0.19 ? 210 VAL A C   1 
ATOM   928  O  O   . VAL A 1 123 ? 13.253  6.572   -5.342  1.00 0.21 ? 210 VAL A O   1 
ATOM   929  C  CB  . VAL A 1 123 ? 11.303  6.637   -2.741  1.00 0.33 ? 210 VAL A CB  1 
ATOM   930  C  CG1 . VAL A 1 123 ? 11.225  8.040   -3.345  1.00 0.17 ? 210 VAL A CG1 1 
ATOM   931  C  CG2 . VAL A 1 123 ? 9.918   6.355   -2.152  1.00 0.16 ? 210 VAL A CG2 1 
ATOM   932  N  N   . GLN A 1 124 ? 14.167  5.711   -3.495  1.00 0.14 ? 211 GLN A N   1 
ATOM   933  C  CA  . GLN A 1 124 ? 15.540  6.018   -3.938  1.00 0.37 ? 211 GLN A CA  1 
ATOM   934  C  C   . GLN A 1 124 ? 15.897  5.163   -5.154  1.00 0.50 ? 211 GLN A C   1 
ATOM   935  O  O   . GLN A 1 124 ? 16.434  5.683   -6.130  1.00 0.31 ? 211 GLN A O   1 
ATOM   936  C  CB  . GLN A 1 124 ? 16.541  5.718   -2.813  1.00 0.43 ? 211 GLN A CB  1 
ATOM   937  C  CG  . GLN A 1 124 ? 17.920  6.280   -3.162  1.00 0.79 ? 211 GLN A CG  1 
ATOM   938  C  CD  . GLN A 1 124 ? 18.682  6.707   -1.911  1.00 0.83 ? 211 GLN A CD  1 
ATOM   939  O  OE1 . GLN A 1 124 ? 19.062  7.971   -1.752  1.00 0.86 ? 211 GLN A OE1 1 
ATOM   940  N  NE2 . GLN A 1 124 ? 18.981  5.812   -0.970  1.00 0.95 ? 211 GLN A NE2 1 
ATOM   941  N  N   . GLU A 1 125 ? 15.595  3.890   -5.061  1.00 0.31 ? 212 GLU A N   1 
ATOM   942  C  CA  . GLU A 1 125 ? 15.891  2.889   -6.074  1.00 0.13 ? 212 GLU A CA  1 
ATOM   943  C  C   . GLU A 1 125 ? 15.207  3.220   -7.393  1.00 0.35 ? 212 GLU A C   1 
ATOM   944  O  O   . GLU A 1 125 ? 15.720  2.888   -8.454  1.00 0.42 ? 212 GLU A O   1 
ATOM   945  C  CB  . GLU A 1 125 ? 15.401  1.519   -5.633  1.00 0.05 ? 212 GLU A CB  1 
ATOM   946  C  CG  . GLU A 1 125 ? 15.325  0.532   -6.793  1.00 0.22 ? 212 GLU A CG  1 
ATOM   947  C  CD  . GLU A 1 125 ? 15.417  -0.922  -6.344  1.00 0.25 ? 212 GLU A CD  1 
ATOM   948  O  OE1 . GLU A 1 125 ? 16.217  -1.251  -5.388  1.00 0.24 ? 212 GLU A OE1 1 
ATOM   949  O  OE2 . GLU A 1 125 ? 14.693  -1.820  -6.920  1.00 0.42 ? 212 GLU A OE2 1 
ATOM   950  N  N   . ASN A 1 126 ? 14.058  3.857   -7.305  1.00 0.38 ? 213 ASN A N   1 
ATOM   951  C  CA  . ASN A 1 126 ? 13.125  3.939   -8.443  1.00 0.31 ? 213 ASN A CA  1 
ATOM   952  C  C   . ASN A 1 126 ? 13.020  5.370   -8.926  1.00 0.33 ? 213 ASN A C   1 
ATOM   953  O  O   . ASN A 1 126 ? 12.646  5.647   -10.062 1.00 0.38 ? 213 ASN A O   1 
ATOM   954  C  CB  . ASN A 1 126 ? 11.754  3.414   -8.044  1.00 0.38 ? 213 ASN A CB  1 
ATOM   955  C  CG  . ASN A 1 126 ? 11.672  1.896   -8.126  1.00 0.12 ? 213 ASN A CG  1 
ATOM   956  O  OD1 . ASN A 1 126 ? 11.612  1.293   -9.302  1.00 0.21 ? 213 ASN A OD1 1 
ATOM   957  N  ND2 . ASN A 1 126 ? 11.654  1.164   -7.021  1.00 0.20 ? 213 ASN A ND2 1 
ATOM   958  N  N   . ALA A 1 127 ? 13.367  6.314   -8.053  1.00 0.21 ? 214 ALA A N   1 
ATOM   959  C  CA  . ALA A 1 127 ? 13.215  7.734   -8.448  1.00 0.47 ? 214 ALA A CA  1 
ATOM   960  C  C   . ALA A 1 127 ? 14.099  8.630   -7.621  1.00 0.57 ? 214 ALA A C   1 
ATOM   961  O  O   . ALA A 1 127 ? 13.609  9.503   -6.896  1.00 0.62 ? 214 ALA A O   1 
ATOM   962  C  CB  . ALA A 1 127 ? 11.750  8.127   -8.288  1.00 0.35 ? 214 ALA A CB  1 
ATOM   963  N  N   . PRO A 1 128 ? 15.412  8.462   -7.706  1.00 0.53 ? 215 PRO A N   1 
ATOM   964  C  CA  . PRO A 1 128 ? 16.312  9.149   -6.755  1.00 0.55 ? 215 PRO A CA  1 
ATOM   965  C  C   . PRO A 1 128 ? 16.237  10.653  -6.949  1.00 0.16 ? 215 PRO A C   1 
ATOM   966  O  O   . PRO A 1 128 ? 16.559  11.419  -6.044  1.00 0.56 ? 215 PRO A O   1 
ATOM   967  C  CB  . PRO A 1 128 ? 17.651  8.622   -7.199  1.00 0.30 ? 215 PRO A CB  1 
ATOM   968  C  CG  . PRO A 1 128 ? 17.462  7.674   -8.357  1.00 0.39 ? 215 PRO A CG  1 
ATOM   969  C  CD  . PRO A 1 128 ? 16.087  7.989   -8.914  1.00 0.45 ? 215 PRO A CD  1 
ATOM   970  N  N   . GLU A 1 129 ? 15.806  11.075  -8.129  1.00 0.41 ? 216 GLU A N   1 
ATOM   971  C  CA  . GLU A 1 129 ? 15.773  12.493  -8.473  1.00 0.35 ? 216 GLU A CA  1 
ATOM   972  C  C   . GLU A 1 129 ? 14.480  13.170  -8.021  1.00 0.57 ? 216 GLU A C   1 
ATOM   973  O  O   . GLU A 1 129 ? 14.302  14.384  -8.197  1.00 0.45 ? 216 GLU A O   1 
ATOM   974  C  CB  . GLU A 1 129 ? 15.905  12.671  -9.985  1.00 0.54 ? 216 GLU A CB  1 
ATOM   975  C  CG  . GLU A 1 129 ? 17.362  12.792  -10.437 1.00 0.66 ? 216 GLU A CG  1 
ATOM   976  C  CD  . GLU A 1 129 ? 17.555  13.793  -11.576 1.00 0.72 ? 216 GLU A CD  1 
ATOM   977  O  OE1 . GLU A 1 129 ? 17.372  13.423  -12.798 1.00 0.83 ? 216 GLU A OE1 1 
ATOM   978  O  OE2 . GLU A 1 129 ? 17.904  15.007  -11.315 1.00 0.90 ? 216 GLU A OE2 1 
ATOM   979  N  N   . GLU A 1 130 ? 13.591  12.394  -7.436  1.00 0.34 ? 217 GLU A N   1 
ATOM   980  C  CA  . GLU A 1 130 ? 12.288  12.932  -7.026  1.00 0.42 ? 217 GLU A CA  1 
ATOM   981  C  C   . GLU A 1 130 ? 11.891  12.531  -5.609  1.00 0.17 ? 217 GLU A C   1 
ATOM   982  O  O   . GLU A 1 130 ? 10.703  12.420  -5.320  1.00 0.66 ? 217 GLU A O   1 
ATOM   983  C  CB  . GLU A 1 130 ? 11.203  12.443  -7.981  1.00 0.24 ? 217 GLU A CB  1 
ATOM   984  C  CG  . GLU A 1 130 ? 11.315  13.070  -9.371  1.00 0.20 ? 217 GLU A CG  1 
ATOM   985  C  CD  . GLU A 1 130 ? 11.303  12.035  -10.495 1.00 0.48 ? 217 GLU A CD  1 
ATOM   986  O  OE1 . GLU A 1 130 ? 10.692  10.911  -10.328 1.00 0.70 ? 217 GLU A OE1 1 
ATOM   987  O  OE2 . GLU A 1 130 ? 11.903  12.284  -11.609 1.00 0.77 ? 217 GLU A OE2 1 
ATOM   988  N  N   . LYS A 1 131 ? 12.869  12.313  -4.763  1.00 0.26 ? 218 LYS A N   1 
ATOM   989  C  CA  . LYS A 1 131 ? 12.659  11.807  -3.401  1.00 0.44 ? 218 LYS A CA  1 
ATOM   990  C  C   . LYS A 1 131 ? 12.009  12.875  -2.535  1.00 0.57 ? 218 LYS A C   1 
ATOM   991  O  O   . LYS A 1 131 ? 11.257  12.579  -1.611  1.00 0.29 ? 218 LYS A O   1 
ATOM   992  C  CB  . LYS A 1 131 ? 14.002  11.416  -2.785  1.00 0.48 ? 218 LYS A CB  1 
ATOM   993  C  CG  . LYS A 1 131 ? 14.514  10.128  -3.409  1.00 0.45 ? 218 LYS A CG  1 
ATOM   994  C  CD  . LYS A 1 131 ? 15.897  9.809   -2.839  1.00 0.73 ? 218 LYS A CD  1 
ATOM   995  C  CE  . LYS A 1 131 ? 15.992  10.356  -1.421  1.00 0.33 ? 218 LYS A CE  1 
ATOM   996  N  NZ  . LYS A 1 131 ? 17.240  9.914   -0.790  1.00 0.46 ? 218 LYS A NZ  1 
ATOM   997  N  N   . ASP A 1 132 ? 12.317  14.133  -2.820  1.00 0.41 ? 221 ASP A N   1 
ATOM   998  C  CA  . ASP A 1 132 ? 11.727  15.229  -2.023  1.00 0.35 ? 221 ASP A CA  1 
ATOM   999  C  C   . ASP A 1 132 ? 10.271  15.417  -2.382  1.00 0.44 ? 221 ASP A C   1 
ATOM   1000 O  O   . ASP A 1 132 ? 9.541   16.147  -1.716  1.00 0.41 ? 221 ASP A O   1 
ATOM   1001 C  CB  . ASP A 1 132 ? 12.501  16.529  -2.229  1.00 0.32 ? 221 ASP A CB  1 
ATOM   1002 C  CG  . ASP A 1 132 ? 12.362  17.034  -3.665  1.00 0.62 ? 221 ASP A CG  1 
ATOM   1003 O  OD1 . ASP A 1 132 ? 11.853  16.308  -4.532  1.00 0.78 ? 221 ASP A OD1 1 
ATOM   1004 O  OD2 . ASP A 1 132 ? 12.767  18.168  -3.967  1.00 0.81 ? 221 ASP A OD2 1 
ATOM   1005 N  N   . GLU A 1 133 ? 9.818   14.766  -3.449  1.00 0.37 ? 222 GLU A N   1 
ATOM   1006 C  CA  . GLU A 1 133 ? 8.403   14.866  -3.840  1.00 0.29 ? 222 GLU A CA  1 
ATOM   1007 C  C   . GLU A 1 133 ? 7.531   13.931  -3.031  1.00 0.49 ? 222 GLU A C   1 
ATOM   1008 O  O   . GLU A 1 133 ? 6.318   13.869  -3.234  1.00 0.21 ? 222 GLU A O   1 
ATOM   1009 C  CB  . GLU A 1 133 ? 8.237   14.638  -5.318  1.00 0.29 ? 222 GLU A CB  1 
ATOM   1010 C  CG  . GLU A 1 133 ? 9.131   15.608  -6.098  1.00 0.37 ? 222 GLU A CG  1 
ATOM   1011 C  CD  . GLU A 1 133 ? 8.712   15.585  -7.563  1.00 0.46 ? 222 GLU A CD  1 
ATOM   1012 O  OE1 . GLU A 1 133 ? 7.882   14.742  -7.938  1.00 0.36 ? 222 GLU A OE1 1 
ATOM   1013 O  OE2 . GLU A 1 133 ? 9.199   16.389  -8.364  1.00 0.51 ? 222 GLU A OE2 1 
ATOM   1014 N  N   . TYR A 1 134 ? 8.137   13.203  -2.105  1.00 0.26 ? 223 TYR A N   1 
ATOM   1015 C  CA  . TYR A 1 134 ? 7.465   12.208  -1.308  1.00 0.08 ? 223 TYR A CA  1 
ATOM   1016 C  C   . TYR A 1 134 ? 7.773   12.345  0.177   1.00 0.19 ? 223 TYR A C   1 
ATOM   1017 O  O   . TYR A 1 134 ? 8.729   12.991  0.556   1.00 0.31 ? 223 TYR A O   1 
ATOM   1018 C  CB  . TYR A 1 134 ? 7.805   10.773  -1.725  1.00 0.24 ? 223 TYR A CB  1 
ATOM   1019 C  CG  . TYR A 1 134 ? 7.242   10.525  -3.126  1.00 0.10 ? 223 TYR A CG  1 
ATOM   1020 C  CD1 . TYR A 1 134 ? 8.041   10.832  -4.225  1.00 0.14 ? 223 TYR A CD1 1 
ATOM   1021 C  CD2 . TYR A 1 134 ? 5.965   10.013  -3.293  1.00 0.30 ? 223 TYR A CD2 1 
ATOM   1022 C  CE1 . TYR A 1 134 ? 7.552   10.623  -5.508  1.00 0.17 ? 223 TYR A CE1 1 
ATOM   1023 C  CE2 . TYR A 1 134 ? 5.477   9.803   -4.583  1.00 0.38 ? 223 TYR A CE2 1 
ATOM   1024 C  CZ  . TYR A 1 134 ? 6.268   10.107  -5.680  1.00 0.31 ? 223 TYR A CZ  1 
ATOM   1025 O  OH  . TYR A 1 134 ? 5.798   9.904   -6.967  1.00 0.41 ? 223 TYR A OH  1 
ATOM   1026 N  N   . GLU A 1 135 ? 6.936   11.701  0.964   1.00 0.20 ? 224 GLU A N   1 
ATOM   1027 C  CA  . GLU A 1 135 ? 7.211   11.423  2.368   1.00 0.33 ? 224 GLU A CA  1 
ATOM   1028 C  C   . GLU A 1 135 ? 6.526   10.126  2.781   1.00 0.15 ? 224 GLU A C   1 
ATOM   1029 O  O   . GLU A 1 135 ? 5.893   9.449   1.953   1.00 0.24 ? 224 GLU A O   1 
ATOM   1030 C  CB  . GLU A 1 135 ? 6.771   12.573  3.262   1.00 0.35 ? 224 GLU A CB  1 
ATOM   1031 C  CG  . GLU A 1 135 ? 5.352   13.037  2.993   1.00 0.34 ? 224 GLU A CG  1 
ATOM   1032 C  CD  . GLU A 1 135 ? 5.123   14.470  3.453   1.00 0.40 ? 224 GLU A CD  1 
ATOM   1033 O  OE1 . GLU A 1 135 ? 5.809   14.946  4.434   1.00 0.38 ? 224 GLU A OE1 1 
ATOM   1034 O  OE2 . GLU A 1 135 ? 4.249   15.199  2.857   1.00 0.44 ? 224 GLU A OE2 1 
ATOM   1035 N  N   . LEU A 1 136 ? 6.678   9.866   4.056   1.00 0.24 ? 225 LEU A N   1 
ATOM   1036 C  CA  . LEU A 1 136 ? 6.310   8.596   4.673   1.00 0.13 ? 225 LEU A CA  1 
ATOM   1037 C  C   . LEU A 1 136 ? 5.267   8.702   5.824   1.00 0.21 ? 225 LEU A C   1 
ATOM   1038 O  O   . LEU A 1 136 ? 5.453   9.581   6.660   1.00 0.34 ? 225 LEU A O   1 
ATOM   1039 C  CB  . LEU A 1 136 ? 7.550   8.049   5.403   1.00 0.52 ? 225 LEU A CB  1 
ATOM   1040 C  CG  . LEU A 1 136 ? 8.418   7.100   4.582   1.00 0.26 ? 225 LEU A CG  1 
ATOM   1041 C  CD1 . LEU A 1 136 ? 8.176   7.205   3.080   1.00 0.28 ? 225 LEU A CD1 1 
ATOM   1042 C  CD2 . LEU A 1 136 ? 9.921   7.326   4.790   1.00 0.22 ? 225 LEU A CD2 1 
ATOM   1043 N  N   . LEU A 1 137 ? 4.269   7.871   5.813   1.00 0.21 ? 226 LEU A N   1 
ATOM   1044 C  CA  . LEU A 1 137 ? 3.266   7.845   6.916   1.00 0.22 ? 226 LEU A CA  1 
ATOM   1045 C  C   . LEU A 1 137 ? 3.858   7.125   8.127   1.00 0.24 ? 226 LEU A C   1 
ATOM   1046 O  O   . LEU A 1 137 ? 4.224   5.955   8.008   1.00 0.28 ? 226 LEU A O   1 
ATOM   1047 C  CB  . LEU A 1 137 ? 2.050   7.054   6.444   1.00 0.46 ? 226 LEU A CB  1 
ATOM   1048 C  CG  . LEU A 1 137 ? 0.854   7.933   6.174   1.00 0.18 ? 226 LEU A CG  1 
ATOM   1049 C  CD1 . LEU A 1 137 ? 1.241   9.284   5.607   1.00 0.28 ? 226 LEU A CD1 1 
ATOM   1050 C  CD2 . LEU A 1 137 ? -0.206  7.256   5.306   1.00 0.32 ? 226 LEU A CD2 1 
ATOM   1051 N  N   . CYS A 1 138 ? 3.939   7.791   9.264   1.00 0.36 ? 227 CYS A N   1 
ATOM   1052 C  CA  . CYS A 1 138 ? 4.418   7.113   10.490  1.00 0.25 ? 227 CYS A CA  1 
ATOM   1053 C  C   . CYS A 1 138 ? 3.229   6.606   11.303  1.00 0.27 ? 227 CYS A C   1 
ATOM   1054 O  O   . CYS A 1 138 ? 2.104   7.026   11.047  1.00 0.33 ? 227 CYS A O   1 
ATOM   1055 C  CB  . CYS A 1 138 ? 5.244   8.067   11.350  1.00 0.15 ? 227 CYS A CB  1 
ATOM   1056 S  SG  . CYS A 1 138 ? 6.420   9.002   10.348  1.00 0.34 ? 227 CYS A SG  1 
ATOM   1057 N  N   . LEU A 1 139 ? 3.499   5.738   12.244  1.00 0.72 ? 228 LEU A N   1 
ATOM   1058 C  CA  . LEU A 1 139 ? 2.459   4.955   12.963  1.00 0.29 ? 228 LEU A CA  1 
ATOM   1059 C  C   . LEU A 1 139 ? 1.894   5.858   14.097  1.00 0.38 ? 228 LEU A C   1 
ATOM   1060 O  O   . LEU A 1 139 ? 0.862   5.557   14.663  1.00 0.41 ? 228 LEU A O   1 
ATOM   1061 C  CB  . LEU A 1 139 ? 3.137   3.759   13.634  1.00 0.29 ? 228 LEU A CB  1 
ATOM   1062 C  CG  . LEU A 1 139 ? 2.874   2.453   12.957  1.00 0.58 ? 228 LEU A CG  1 
ATOM   1063 C  CD1 . LEU A 1 139 ? 2.365   2.569   11.546  1.00 0.31 ? 228 LEU A CD1 1 
ATOM   1064 C  CD2 . LEU A 1 139 ? 3.975   1.414   13.090  1.00 0.36 ? 228 LEU A CD2 1 
ATOM   1065 N  N   . ASP A 1 140 ? 2.613   6.920   14.362  1.00 0.34 ? 229 ASP A N   1 
ATOM   1066 C  CA  . ASP A 1 140 ? 2.335   7.868   15.434  1.00 0.33 ? 229 ASP A CA  1 
ATOM   1067 C  C   . ASP A 1 140 ? 1.583   9.088   14.900  1.00 0.44 ? 229 ASP A C   1 
ATOM   1068 O  O   . ASP A 1 140 ? 1.512   10.101  15.594  1.00 0.47 ? 229 ASP A O   1 
ATOM   1069 C  CB  . ASP A 1 140 ? 3.642   8.350   16.078  1.00 0.25 ? 229 ASP A CB  1 
ATOM   1070 C  CG  . ASP A 1 140 ? 4.451   9.237   15.152  1.00 0.21 ? 229 ASP A CG  1 
ATOM   1071 O  OD1 . ASP A 1 140 ? 4.245   9.258   13.930  1.00 0.28 ? 229 ASP A OD1 1 
ATOM   1072 O  OD2 . ASP A 1 140 ? 5.358   9.965   15.619  1.00 0.35 ? 229 ASP A OD2 1 
ATOM   1073 N  N   . GLY A 1 141 ? 1.067   8.987   13.702  1.00 0.37 ? 230 GLY A N   1 
ATOM   1074 C  CA  . GLY A 1 141 ? 0.235   10.006  13.073  1.00 0.32 ? 230 GLY A CA  1 
ATOM   1075 C  C   . GLY A 1 141 ? 1.012   11.203  12.612  1.00 0.44 ? 230 GLY A C   1 
ATOM   1076 O  O   . GLY A 1 141 ? 0.464   12.305  12.474  1.00 0.31 ? 230 GLY A O   1 
ATOM   1077 N  N   . SER A 1 142 ? 2.308   11.058  12.349  1.00 0.30 ? 231 SER A N   1 
ATOM   1078 C  CA  . SER A 1 142 ? 3.033   12.154  11.670  1.00 0.17 ? 231 SER A CA  1 
ATOM   1079 C  C   . SER A 1 142 ? 3.479   11.739  10.285  1.00 0.25 ? 231 SER A C   1 
ATOM   1080 O  O   . SER A 1 142 ? 3.219   10.619  9.841   1.00 0.34 ? 231 SER A O   1 
ATOM   1081 C  CB  . SER A 1 142 ? 4.187   12.649  12.498  1.00 0.15 ? 231 SER A CB  1 
ATOM   1082 O  OG  . SER A 1 142 ? 5.089   11.576  12.785  1.00 0.35 ? 231 SER A OG  1 
ATOM   1083 N  N   . ARG A 1 143 ? 4.147   12.634  9.580   1.00 0.28 ? 232 ARG A N   1 
ATOM   1084 C  CA  . ARG A 1 143 ? 4.960   12.248  8.415   1.00 0.32 ? 232 ARG A CA  1 
ATOM   1085 C  C   . ARG A 1 143 ? 6.432   12.358  8.734   1.00 0.40 ? 232 ARG A C   1 
ATOM   1086 O  O   . ARG A 1 143 ? 6.832   13.121  9.619   1.00 0.38 ? 232 ARG A O   1 
ATOM   1087 C  CB  . ARG A 1 143 ? 4.584   13.105  7.204   1.00 0.36 ? 232 ARG A CB  1 
ATOM   1088 C  CG  . ARG A 1 143 ? 3.209   12.672  6.676   1.00 0.27 ? 232 ARG A CG  1 
ATOM   1089 C  CD  . ARG A 1 143 ? 2.740   13.578  5.542   1.00 0.22 ? 232 ARG A CD  1 
ATOM   1090 N  NE  . ARG A 1 143 ? 1.343   13.266  5.189   1.00 0.21 ? 232 ARG A NE  1 
ATOM   1091 C  CZ  . ARG A 1 143 ? 0.946   13.141  3.917   1.00 0.24 ? 232 ARG A CZ  1 
ATOM   1092 N  NH1 . ARG A 1 143 ? 1.592   13.754  2.924   1.00 0.15 ? 232 ARG A NH1 1 
ATOM   1093 N  NH2 . ARG A 1 143 ? -0.110  12.386  3.609   1.00 0.18 ? 232 ARG A NH2 1 
ATOM   1094 N  N   . GLN A 1 144 ? 7.272   11.602  8.050   1.00 0.34 ? 233 GLN A N   1 
ATOM   1095 C  CA  . GLN A 1 144 ? 8.698   11.994  7.934   1.00 0.21 ? 233 GLN A CA  1 
ATOM   1096 C  C   . GLN A 1 144 ? 9.188   11.808  6.525   1.00 0.17 ? 233 GLN A C   1 
ATOM   1097 O  O   . GLN A 1 144 ? 8.580   11.090  5.726   1.00 0.33 ? 233 GLN A O   1 
ATOM   1098 C  CB  . GLN A 1 144 ? 9.539   11.204  8.929   1.00 0.31 ? 233 GLN A CB  1 
ATOM   1099 C  CG  . GLN A 1 144 ? 8.949   11.368  10.349  1.00 0.34 ? 233 GLN A CG  1 
ATOM   1100 C  CD  . GLN A 1 144 ? 9.909   10.722  11.360  1.00 0.51 ? 233 GLN A CD  1 
ATOM   1101 O  OE1 . GLN A 1 144 ? 11.028  10.158  10.909  1.00 0.73 ? 233 GLN A OE1 1 
ATOM   1102 N  NE2 . GLN A 1 144 ? 9.629   10.732  12.652  1.00 0.33 ? 233 GLN A NE2 1 
ATOM   1103 N  N   . PRO A 1 145 ? 10.286  12.464  6.157   1.00 0.24 ? 234 PRO A N   1 
ATOM   1104 C  CA  . PRO A 1 145 ? 10.753  12.383  4.764   1.00 0.21 ? 234 PRO A CA  1 
ATOM   1105 C  C   . PRO A 1 145 ? 11.360  11.025  4.478   1.00 0.28 ? 234 PRO A C   1 
ATOM   1106 O  O   . PRO A 1 145 ? 11.546  10.201  5.379   1.00 0.32 ? 234 PRO A O   1 
ATOM   1107 C  CB  . PRO A 1 145 ? 11.804  13.468  4.761   1.00 0.23 ? 234 PRO A CB  1 
ATOM   1108 C  CG  . PRO A 1 145 ? 12.243  13.694  6.197   1.00 0.28 ? 234 PRO A CG  1 
ATOM   1109 C  CD  . PRO A 1 145 ? 11.049  13.325  7.041   1.00 0.22 ? 234 PRO A CD  1 
ATOM   1110 N  N   . VAL A 1 146 ? 11.675  10.756  3.223   1.00 0.55 ? 235 VAL A N   1 
ATOM   1111 C  CA  . VAL A 1 146 ? 11.787  9.355   2.769   1.00 0.27 ? 235 VAL A CA  1 
ATOM   1112 C  C   . VAL A 1 146 ? 12.978  8.666   3.390   1.00 0.28 ? 235 VAL A C   1 
ATOM   1113 O  O   . VAL A 1 146 ? 12.947  7.444   3.587   1.00 0.35 ? 235 VAL A O   1 
ATOM   1114 C  CB  . VAL A 1 146 ? 11.799  9.294   1.259   1.00 0.12 ? 235 VAL A CB  1 
ATOM   1115 C  CG1 . VAL A 1 146 ? 12.731  8.244   0.710   1.00 0.27 ? 235 VAL A CG1 1 
ATOM   1116 C  CG2 . VAL A 1 146 ? 10.465  9.317   0.499   1.00 0.26 ? 235 VAL A CG2 1 
ATOM   1117 N  N   . ASP A 1 147 ? 14.007  9.413   3.725   1.00 0.39 ? 236 ASP A N   1 
ATOM   1118 C  CA  . ASP A 1 147 ? 15.201  8.971   4.407   1.00 0.14 ? 236 ASP A CA  1 
ATOM   1119 C  C   . ASP A 1 147 ? 14.947  8.506   5.827   1.00 0.27 ? 236 ASP A C   1 
ATOM   1120 O  O   . ASP A 1 147 ? 15.754  7.728   6.351   1.00 0.46 ? 236 ASP A O   1 
ATOM   1121 C  CB  . ASP A 1 147 ? 16.286  10.048  4.434   1.00 0.39 ? 236 ASP A CB  1 
ATOM   1122 C  CG  . ASP A 1 147 ? 17.141  10.030  3.177   1.00 0.28 ? 236 ASP A CG  1 
ATOM   1123 O  OD1 . ASP A 1 147 ? 16.899  9.237   2.259   1.00 0.56 ? 236 ASP A OD1 1 
ATOM   1124 O  OD2 . ASP A 1 147 ? 18.098  10.822  3.067   1.00 0.61 ? 236 ASP A OD2 1 
ATOM   1125 N  N   . SER A 1 148 ? 13.888  8.963   6.467   1.00 0.58 ? 237 SER A N   1 
ATOM   1126 C  CA  . SER A 1 148 ? 13.687  8.766   7.900   1.00 0.22 ? 237 SER A CA  1 
ATOM   1127 C  C   . SER A 1 148 ? 13.045  7.446   8.233   1.00 0.23 ? 237 SER A C   1 
ATOM   1128 O  O   . SER A 1 148 ? 12.452  7.286   9.306   1.00 0.30 ? 237 SER A O   1 
ATOM   1129 C  CB  . SER A 1 148 ? 12.993  9.906   8.582   1.00 0.36 ? 237 SER A CB  1 
ATOM   1130 O  OG  . SER A 1 148 ? 13.717  11.130  8.429   1.00 0.42 ? 237 SER A OG  1 
ATOM   1131 N  N   . TYR A 1 149 ? 13.146  6.460   7.349   1.00 0.26 ? 238 TYR A N   1 
ATOM   1132 C  CA  . TYR A 1 149 ? 12.326  5.249   7.507   1.00 0.26 ? 238 TYR A CA  1 
ATOM   1133 C  C   . TYR A 1 149 ? 12.696  4.471   8.732   1.00 0.19 ? 238 TYR A C   1 
ATOM   1134 O  O   . TYR A 1 149 ? 11.851  3.782   9.326   1.00 0.35 ? 238 TYR A O   1 
ATOM   1135 C  CB  . TYR A 1 149 ? 12.382  4.381   6.251   1.00 0.44 ? 238 TYR A CB  1 
ATOM   1136 C  CG  . TYR A 1 149 ? 13.799  3.804   6.132   1.00 0.15 ? 238 TYR A CG  1 
ATOM   1137 C  CD1 . TYR A 1 149 ? 14.179  2.773   6.985   1.00 0.44 ? 238 TYR A CD1 1 
ATOM   1138 C  CD2 . TYR A 1 149 ? 14.686  4.313   5.200   1.00 0.81 ? 238 TYR A CD2 1 
ATOM   1139 C  CE1 . TYR A 1 149 ? 15.460  2.245   6.899   1.00 0.20 ? 238 TYR A CE1 1 
ATOM   1140 C  CE2 . TYR A 1 149 ? 15.971  3.781   5.112   1.00 0.31 ? 238 TYR A CE2 1 
ATOM   1141 C  CZ  . TYR A 1 149 ? 16.352  2.749   5.959   1.00 0.61 ? 238 TYR A CZ  1 
ATOM   1142 O  OH  . TYR A 1 149 ? 17.627  2.219   5.874   1.00 0.76 ? 238 TYR A OH  1 
ATOM   1143 N  N   . LYS A 1 150 ? 13.937  4.544   9.198   1.00 0.36 ? 239 LYS A N   1 
ATOM   1144 C  CA  . LYS A 1 150 ? 14.292  3.925   10.496  1.00 0.29 ? 239 LYS A CA  1 
ATOM   1145 C  C   . LYS A 1 150 ? 13.404  4.474   11.607  1.00 0.62 ? 239 LYS A C   1 
ATOM   1146 O  O   . LYS A 1 150 ? 13.068  3.778   12.552  1.00 0.58 ? 239 LYS A O   1 
ATOM   1147 C  CB  . LYS A 1 150 ? 15.742  4.217   10.842  1.00 0.41 ? 239 LYS A CB  1 
ATOM   1148 C  CG  . LYS A 1 150 ? 16.681  3.256   10.146  1.00 0.58 ? 239 LYS A CG  1 
ATOM   1149 C  CD  . LYS A 1 150 ? 18.032  3.928   9.925   1.00 0.90 ? 239 LYS A CD  1 
ATOM   1150 C  CE  . LYS A 1 150 ? 18.780  3.253   8.790   1.00 0.98 ? 239 LYS A CE  1 
ATOM   1151 N  NZ  . LYS A 1 150 ? 19.747  4.189   8.191   1.00 0.53 ? 239 LYS A NZ  1 
ATOM   1152 N  N   . THR A 1 151 ? 13.023  5.740   11.479  1.00 0.35 ? 240 THR A N   1 
ATOM   1153 C  CA  . THR A 1 151 ? 12.202  6.371   12.519  1.00 0.33 ? 240 THR A CA  1 
ATOM   1154 C  C   . THR A 1 151 ? 10.752  6.486   12.096  1.00 0.69 ? 240 THR A C   1 
ATOM   1155 O  O   . THR A 1 151 ? 9.978   7.202   12.743  1.00 0.46 ? 240 THR A O   1 
ATOM   1156 C  CB  . THR A 1 151 ? 12.775  7.723   12.888  1.00 0.27 ? 240 THR A CB  1 
ATOM   1157 O  OG1 . THR A 1 151 ? 12.995  8.510   11.725  1.00 0.34 ? 240 THR A OG1 1 
ATOM   1158 C  CG2 . THR A 1 151 ? 14.085  7.545   13.600  1.00 0.52 ? 240 THR A CG2 1 
ATOM   1159 N  N   . CYS A 1 152 ? 10.360  5.802   11.038  1.00 0.50 ? 241 CYS A N   1 
ATOM   1160 C  CA  . CYS A 1 152 ? 9.051   6.008   10.395  1.00 0.34 ? 241 CYS A CA  1 
ATOM   1161 C  C   . CYS A 1 152 ? 8.638   4.815   9.569   1.00 0.21 ? 241 CYS A C   1 
ATOM   1162 O  O   . CYS A 1 152 ? 8.580   4.881   8.337   1.00 0.28 ? 241 CYS A O   1 
ATOM   1163 C  CB  . CYS A 1 152 ? 9.071   7.280   9.547   1.00 0.07 ? 241 CYS A CB  1 
ATOM   1164 S  SG  . CYS A 1 152 ? 7.424   7.763   8.972   1.00 0.27 ? 241 CYS A SG  1 
ATOM   1165 N  N   . ASN A 1 153 ? 8.330   3.683   10.199  1.00 0.19 ? 242 ASN A N   1 
ATOM   1166 C  CA  . ASN A 1 153 ? 8.027   2.457   9.434   1.00 0.52 ? 242 ASN A CA  1 
ATOM   1167 C  C   . ASN A 1 153 ? 6.963   1.618   10.102  1.00 0.52 ? 242 ASN A C   1 
ATOM   1168 O  O   . ASN A 1 153 ? 6.864   1.613   11.337  1.00 0.44 ? 242 ASN A O   1 
ATOM   1169 C  CB  . ASN A 1 153 ? 9.295   1.673   9.157   1.00 0.15 ? 242 ASN A CB  1 
ATOM   1170 C  CG  . ASN A 1 153 ? 9.900   1.066   10.417  1.00 0.08 ? 242 ASN A CG  1 
ATOM   1171 O  OD1 . ASN A 1 153 ? 9.660   -0.201  10.728  1.00 0.36 ? 242 ASN A OD1 1 
ATOM   1172 N  ND2 . ASN A 1 153 ? 10.678  1.776   11.209  1.00 0.28 ? 242 ASN A ND2 1 
ATOM   1173 N  N   . TRP A 1 154 ? 6.143   0.903   9.335   1.00 0.41 ? 243 TRP A N   1 
ATOM   1174 C  CA  . TRP A 1 154 ? 5.144   -0.006  9.824   1.00 0.18 ? 243 TRP A CA  1 
ATOM   1175 C  C   . TRP A 1 154 ? 5.731   -1.252  10.464  1.00 0.42 ? 243 TRP A C   1 
ATOM   1176 O  O   . TRP A 1 154 ? 5.131   -1.783  11.408  1.00 0.42 ? 243 TRP A O   1 
ATOM   1177 C  CB  . TRP A 1 154 ? 3.973   -0.309  8.975   1.00 0.34 ? 243 TRP A CB  1 
ATOM   1178 C  CG  . TRP A 1 154 ? 3.026   0.823   8.628   1.00 0.33 ? 243 TRP A CG  1 
ATOM   1179 C  CD1 . TRP A 1 154 ? 3.367   2.133   8.548   1.00 0.13 ? 243 TRP A CD1 1 
ATOM   1180 C  CD2 . TRP A 1 154 ? 1.651   0.721   8.323   1.00 0.13 ? 243 TRP A CD2 1 
ATOM   1181 N  NE1 . TRP A 1 154 ? 2.188   2.854   8.191   1.00 0.50 ? 243 TRP A NE1 1 
ATOM   1182 C  CE2 . TRP A 1 154 ? 1.190   2.017   8.063   1.00 0.57 ? 243 TRP A CE2 1 
ATOM   1183 C  CE3 . TRP A 1 154 ? 0.719   -0.319  8.233   1.00 0.49 ? 243 TRP A CE3 1 
ATOM   1184 C  CZ2 . TRP A 1 154 ? -0.087  2.296   7.737   1.00 0.33 ? 243 TRP A CZ2 1 
ATOM   1185 C  CZ3 . TRP A 1 154 ? -0.594  -0.025  7.896   1.00 0.60 ? 243 TRP A CZ3 1 
ATOM   1186 C  CH2 . TRP A 1 154 ? -1.007  1.268   7.648   1.00 0.57 ? 243 TRP A CH2 1 
ATOM   1187 N  N   . ALA A 1 155 ? 6.871   -1.742  10.004  1.00 0.45 ? 244 ALA A N   1 
ATOM   1188 C  CA  . ALA A 1 155 ? 7.557   -2.858  10.664  1.00 0.25 ? 244 ALA A CA  1 
ATOM   1189 C  C   . ALA A 1 155 ? 8.885   -3.205  10.010  1.00 0.37 ? 244 ALA A C   1 
ATOM   1190 O  O   . ALA A 1 155 ? 9.128   -2.797  8.875   1.00 0.33 ? 244 ALA A O   1 
ATOM   1191 C  CB  . ALA A 1 155 ? 6.669   -4.087  10.704  1.00 0.38 ? 244 ALA A CB  1 
ATOM   1192 N  N   . ARG A 1 156 ? 9.722   -3.941  10.720  1.00 0.32 ? 245 ARG A N   1 
ATOM   1193 C  CA  . ARG A 1 156 ? 10.964  -4.519  10.202  1.00 0.36 ? 245 ARG A CA  1 
ATOM   1194 C  C   . ARG A 1 156 ? 10.750  -5.965  9.785   1.00 0.26 ? 245 ARG A C   1 
ATOM   1195 O  O   . ARG A 1 156 ? 10.316  -6.782  10.597  1.00 0.66 ? 245 ARG A O   1 
ATOM   1196 C  CB  . ARG A 1 156 ? 12.081  -4.463  11.254  1.00 0.40 ? 245 ARG A CB  1 
ATOM   1197 C  CG  . ARG A 1 156 ? 13.168  -5.494  10.942  1.00 0.50 ? 245 ARG A CG  1 
ATOM   1198 C  CD  . ARG A 1 156 ? 14.256  -5.488  12.025  1.00 0.35 ? 245 ARG A CD  1 
ATOM   1199 N  NE  . ARG A 1 156 ? 14.274  -6.766  12.741  1.00 0.68 ? 245 ARG A NE  1 
ATOM   1200 C  CZ  . ARG A 1 156 ? 14.799  -6.909  13.964  1.00 0.82 ? 245 ARG A CZ  1 
ATOM   1201 N  NH1 . ARG A 1 156 ? 15.883  -6.231  14.338  1.00 0.78 ? 245 ARG A NH1 1 
ATOM   1202 N  NH2 . ARG A 1 156 ? 14.255  -7.756  14.846  1.00 0.55 ? 245 ARG A NH2 1 
ATOM   1203 N  N   . VAL A 1 157 ? 11.044  -6.286  8.538   1.00 0.34 ? 246 VAL A N   1 
ATOM   1204 C  CA  . VAL A 1 157 ? 10.590  -7.555  7.947   1.00 0.43 ? 246 VAL A CA  1 
ATOM   1205 C  C   . VAL A 1 157 ? 11.770  -8.517  7.770   1.00 0.63 ? 246 VAL A C   1 
ATOM   1206 O  O   . VAL A 1 157 ? 12.809  -8.104  7.255   1.00 0.56 ? 246 VAL A O   1 
ATOM   1207 C  CB  . VAL A 1 157 ? 10.031  -7.320  6.540   1.00 0.41 ? 246 VAL A CB  1 
ATOM   1208 C  CG1 . VAL A 1 157 ? 9.537   -8.608  5.877   1.00 0.38 ? 246 VAL A CG1 1 
ATOM   1209 C  CG2 . VAL A 1 157 ? 8.848   -6.349  6.506   1.00 0.56 ? 246 VAL A CG2 1 
ATOM   1210 N  N   . ALA A 1 158 ? 11.584  -9.745  8.180   1.00 0.76 ? 247 ALA A N   1 
ATOM   1211 C  CA  . ALA A 1 158 ? 12.599  -10.799 8.165   1.00 0.51 ? 247 ALA A CA  1 
ATOM   1212 C  C   . ALA A 1 158 ? 12.917  -11.197 6.712   1.00 0.64 ? 247 ALA A C   1 
ATOM   1213 O  O   . ALA A 1 158 ? 11.968  -11.407 5.953   1.00 0.81 ? 247 ALA A O   1 
ATOM   1214 C  CB  . ALA A 1 158 ? 12.065  -12.036 8.890   1.00 0.70 ? 247 ALA A CB  1 
ATOM   1215 N  N   . ALA A 1 159 ? 14.172  -11.267 6.400   1.00 0.64 ? 248 ALA A N   1 
ATOM   1216 C  CA  . ALA A 1 159 ? 14.834  -11.749 5.236   1.00 0.87 ? 248 ALA A CA  1 
ATOM   1217 C  C   . ALA A 1 159 ? 13.975  -11.992 4.027   1.00 0.53 ? 248 ALA A C   1 
ATOM   1218 O  O   . ALA A 1 159 ? 14.173  -11.385 2.967   1.00 0.86 ? 248 ALA A O   1 
ATOM   1219 C  CB  . ALA A 1 159 ? 15.730  -12.943 5.526   1.00 0.56 ? 248 ALA A CB  1 
ATOM   1220 O  OXT . ALA A 1 159 ? 12.998  -12.833 4.053   1.00 0.86 ? 248 ALA A OXT 1 
HETATM 1221 FE FE  . FE  B 2 .   ? 8.865   -8.297  0.290   1.00 0.30 ? 300 FE  A FE  1 
HETATM 1222 C  C   . CO3 C 3 .   ? 6.732   -7.224  -0.261  1.00 0.34 ? 400 CO3 A C   1 
HETATM 1223 O  O1  . CO3 C 3 .   ? 5.807   -6.399  -0.655  1.00 0.27 ? 400 CO3 A O1  1 
HETATM 1224 O  O2  . CO3 C 3 .   ? 7.269   -7.067  0.908   1.00 0.28 ? 400 CO3 A O2  1 
HETATM 1225 O  O3  . CO3 C 3 .   ? 7.110   -8.185  -1.047  1.00 0.26 ? 400 CO3 A O3  1 
HETATM 1226 O  O   . HOH D 4 .   ? 3.576   -14.256 -1.175  1.00 0.65 ? 401 HOH A O   1 
HETATM 1227 O  O   . HOH D 4 .   ? 12.160  -13.119 -8.610  1.00 0.51 ? 402 HOH A O   1 
HETATM 1228 O  O   . HOH D 4 .   ? 7.504   -15.858 -7.522  1.00 0.45 ? 403 HOH A O   1 
HETATM 1229 O  O   . HOH D 4 .   ? -1.974  -14.708 -5.721  1.00 0.50 ? 404 HOH A O   1 
HETATM 1230 O  O   . HOH D 4 .   ? -1.813  11.746  -3.778  1.00 0.37 ? 405 HOH A O   1 
HETATM 1231 O  O   . HOH D 4 .   ? 14.840  -2.251  -3.349  1.00 0.18 ? 406 HOH A O   1 
HETATM 1232 O  O   . HOH D 4 .   ? 12.043  5.245   2.318   1.00 0.27 ? 407 HOH A O   1 
HETATM 1233 O  O   . HOH D 4 .   ? 10.952  4.144   0.271   1.00 0.26 ? 408 HOH A O   1 
HETATM 1234 O  O   . HOH D 4 .   ? 0.905   9.249   10.009  1.00 0.21 ? 409 HOH A O   1 
HETATM 1235 O  O   . HOH D 4 .   ? -5.192  14.461  10.313  1.00 0.21 ? 410 HOH A O   1 
HETATM 1236 O  O   . HOH D 4 .   ? 0.093   -1.582  -7.119  1.00 0.21 ? 411 HOH A O   1 
HETATM 1237 O  O   . HOH D 4 .   ? -7.299  -8.510  -21.942 1.00 0.45 ? 412 HOH A O   1 
HETATM 1238 O  O   . HOH D 4 .   ? 16.307  -11.756 -5.811  1.00 0.81 ? 413 HOH A O   1 
HETATM 1239 O  O   . HOH D 4 .   ? 12.075  -1.475  -6.462  1.00 0.25 ? 414 HOH A O   1 
HETATM 1240 O  O   . HOH D 4 .   ? 9.732   1.502   -12.339 1.00 0.62 ? 415 HOH A O   1 
HETATM 1241 O  O   . HOH D 4 .   ? 18.314  -2.974  -0.952  1.00 0.51 ? 416 HOH A O   1 
HETATM 1242 O  O   . HOH D 4 .   ? 8.923   19.275  -5.843  1.00 0.54 ? 417 HOH A O   1 
HETATM 1243 O  O   . HOH D 4 .   ? 6.343   4.621   6.689   1.00 0.12 ? 418 HOH A O   1 
HETATM 1244 O  O   . HOH D 4 .   ? 0.006   -1.439  -19.666 1.00 0.54 ? 419 HOH A O   1 
HETATM 1245 O  O   . HOH D 4 .   ? 3.781   -1.156  4.145   1.00 0.35 ? 420 HOH A O   1 
HETATM 1246 O  O   . HOH D 4 .   ? -13.852 8.196   5.248   1.00 0.54 ? 421 HOH A O   1 
HETATM 1247 O  O   . HOH D 4 .   ? -2.134  -14.947 8.545   1.00 0.81 ? 422 HOH A O   1 
HETATM 1248 O  O   . HOH D 4 .   ? -10.851 -0.826  -2.500  1.00 0.38 ? 423 HOH A O   1 
HETATM 1249 O  O   . HOH D 4 .   ? -10.443 11.091  9.446   1.00 0.31 ? 424 HOH A O   1 
HETATM 1250 O  O   . HOH D 4 .   ? -14.143 9.025   1.263   1.00 0.51 ? 425 HOH A O   1 
HETATM 1251 O  O   . HOH D 4 .   ? 12.495  -1.437  -4.126  1.00 0.44 ? 426 HOH A O   1 
HETATM 1252 O  O   . HOH D 4 .   ? 14.947  -10.064 -5.990  1.00 0.46 ? 427 HOH A O   1 
HETATM 1253 O  O   . HOH D 4 .   ? 6.415   4.810   12.058  1.00 0.22 ? 428 HOH A O   1 
HETATM 1254 O  O   . HOH D 4 .   ? -0.370  10.886  -1.154  1.00 0.34 ? 429 HOH A O   1 
HETATM 1255 O  O   . HOH D 4 .   ? 14.076  5.557   -0.803  1.00 0.30 ? 430 HOH A O   1 
HETATM 1256 O  O   . HOH D 4 .   ? 14.282  15.852  3.556   1.00 0.56 ? 431 HOH A O   1 
HETATM 1257 O  O   . HOH D 4 .   ? 16.621  6.253   8.415   1.00 0.29 ? 432 HOH A O   1 
HETATM 1258 O  O   . HOH D 4 .   ? 8.565   2.735   -10.280 1.00 0.45 ? 433 HOH A O   1 
HETATM 1259 O  O   . HOH D 4 .   ? 11.807  12.883  1.310   1.00 0.41 ? 434 HOH A O   1 
HETATM 1260 O  O   . HOH D 4 .   ? -0.764  9.874   -5.761  1.00 0.31 ? 435 HOH A O   1 
HETATM 1261 O  O   . HOH D 4 .   ? -7.665  8.345   -9.321  1.00 0.71 ? 436 HOH A O   1 
HETATM 1262 O  O   . HOH D 4 .   ? -2.176  -9.883  7.619   1.00 0.41 ? 437 HOH A O   1 
HETATM 1263 O  O   . HOH D 4 .   ? 10.482  -10.107 12.017  1.00 0.61 ? 438 HOH A O   1 
HETATM 1264 O  O   . HOH D 4 .   ? 2.896   -1.715  12.906  1.00 0.33 ? 439 HOH A O   1 
HETATM 1265 O  O   . HOH D 4 .   ? -14.818 -0.537  7.126   1.00 0.51 ? 440 HOH A O   1 
HETATM 1266 O  O   . HOH D 4 .   ? -12.220 -17.298 -0.935  1.00 0.41 ? 441 HOH A O   1 
HETATM 1267 O  O   . HOH D 4 .   ? -4.653  -15.810 -1.288  1.00 0.71 ? 442 HOH A O   1 
HETATM 1268 O  O   . HOH D 4 .   ? -17.355 -2.708  -0.666  1.00 0.81 ? 443 HOH A O   1 
HETATM 1269 O  O   . HOH D 4 .   ? -1.068  -3.949  -12.686 1.00 0.30 ? 444 HOH A O   1 
HETATM 1270 O  O   . HOH D 4 .   ? 7.761   11.726  -8.984  1.00 0.55 ? 445 HOH A O   1 
HETATM 1271 O  O   . HOH D 4 .   ? -15.222 1.239   0.310   1.00 0.56 ? 446 HOH A O   1 
HETATM 1272 O  O   . HOH D 4 .   ? 12.039  -4.483  -9.836  1.00 0.54 ? 447 HOH A O   1 
HETATM 1273 O  O   . HOH D 4 .   ? -12.325 5.507   -6.266  1.00 0.60 ? 448 HOH A O   1 
HETATM 1274 O  O   . HOH D 4 .   ? 12.792  -12.254 -3.541  1.00 0.61 ? 449 HOH A O   1 
HETATM 1275 O  O   . HOH D 4 .   ? 19.423  5.786   3.740   1.00 0.64 ? 450 HOH A O   1 
HETATM 1276 O  O   . HOH D 4 .   ? 18.382  -2.850  15.395  1.00 0.81 ? 451 HOH A O   1 
HETATM 1277 O  O   . HOH D 4 .   ? -12.580 7.848   10.237  1.00 0.52 ? 452 HOH A O   1 
HETATM 1278 O  O   . HOH D 4 .   ? -6.873  4.337   9.395   1.00 0.25 ? 453 HOH A O   1 
HETATM 1279 O  O   . HOH D 4 .   ? -5.737  13.863  -3.607  1.00 0.63 ? 454 HOH A O   1 
HETATM 1280 O  O   . HOH D 4 .   ? 1.854   -1.462  15.542  1.00 0.47 ? 455 HOH A O   1 
HETATM 1281 O  O   . HOH D 4 .   ? -11.148 9.892   2.433   1.00 0.34 ? 456 HOH A O   1 
HETATM 1282 O  O   . HOH D 4 .   ? 8.357   0.218   13.754  1.00 0.50 ? 457 HOH A O   1 
HETATM 1283 O  O   . HOH D 4 .   ? -11.156 4.466   10.739  1.00 0.61 ? 458 HOH A O   1 
HETATM 1284 O  O   . HOH D 4 .   ? -8.834  9.239   -4.070  1.00 0.70 ? 459 HOH A O   1 
HETATM 1285 O  O   . HOH D 4 .   ? -9.975  -13.550 1.646   1.00 0.71 ? 460 HOH A O   1 
HETATM 1286 O  O   . HOH D 4 .   ? -8.623  -16.001 2.281   1.00 0.51 ? 461 HOH A O   1 
HETATM 1287 O  O   . HOH D 4 .   ? -10.965 -12.432 -11.446 1.00 0.71 ? 462 HOH A O   1 
HETATM 1288 O  O   . HOH D 4 .   ? -8.504  -14.519 5.755   1.00 0.46 ? 463 HOH A O   1 
HETATM 1289 O  O   . HOH D 4 .   ? -0.831  -16.159 -2.032  1.00 0.70 ? 464 HOH A O   1 
HETATM 1290 O  O   . HOH D 4 .   ? -8.652  1.729   19.839  1.00 0.47 ? 465 HOH A O   1 
HETATM 1291 O  O   . HOH D 4 .   ? -10.429 9.619   -0.222  1.00 0.51 ? 466 HOH A O   1 
HETATM 1292 O  O   . HOH D 4 .   ? 3.016   -9.528  -6.843  1.00 0.45 ? 467 HOH A O   1 
HETATM 1293 O  O   . HOH D 4 .   ? -8.289  -0.694  -14.121 1.00 0.61 ? 468 HOH A O   1 
HETATM 1294 O  O   . HOH D 4 .   ? -8.702  -17.222 -8.278  1.00 0.36 ? 469 HOH A O   1 
HETATM 1295 O  O   . HOH D 4 .   ? 15.850  6.893   0.833   1.00 0.39 ? 470 HOH A O   1 
HETATM 1296 O  O   . HOH D 4 .   ? 19.783  -0.160  2.934   1.00 0.71 ? 471 HOH A O   1 
HETATM 1297 O  O   . HOH D 4 .   ? 14.109  10.113  -10.764 1.00 0.42 ? 472 HOH A O   1 
HETATM 1298 O  O   . HOH D 4 .   ? 14.445  12.170  2.103   1.00 0.37 ? 473 HOH A O   1 
HETATM 1299 O  O   . HOH D 4 .   ? 9.321   5.861   -11.481 1.00 0.51 ? 474 HOH A O   1 
HETATM 1300 O  O   . HOH D 4 .   ? -2.649  8.290   14.720  1.00 0.45 ? 475 HOH A O   1 
HETATM 1301 O  O   . HOH D 4 .   ? -10.587 9.866   11.454  1.00 0.61 ? 476 HOH A O   1 
HETATM 1302 O  O   . HOH D 4 .   ? -2.626  9.969   12.070  1.00 0.43 ? 477 HOH A O   1 
HETATM 1303 O  O   . HOH D 4 .   ? -12.274 -11.368 12.649  1.00 0.51 ? 478 HOH A O   1 
HETATM 1304 O  O   . HOH D 4 .   ? 9.657   -4.369  -8.189  1.00 0.37 ? 479 HOH A O   1 
HETATM 1305 O  O   . HOH D 4 .   ? 12.512  -7.600  -0.810  1.00 0.48 ? 480 HOH A O   1 
HETATM 1306 O  O   . HOH D 4 .   ? -1.992  3.402   -20.421 1.00 0.71 ? 481 HOH A O   1 
HETATM 1307 O  O   . HOH D 4 .   ? -16.416 -18.949 1.080   1.00 0.57 ? 482 HOH A O   1 
HETATM 1308 O  O   . HOH D 4 .   ? -8.551  2.365   -13.504 1.00 0.51 ? 483 HOH A O   1 
HETATM 1309 O  O   . HOH D 4 .   ? 8.914   15.567  4.555   1.00 0.32 ? 484 HOH A O   1 
HETATM 1310 O  O   . HOH D 4 .   ? 6.722   -7.130  -10.880 1.00 0.40 ? 485 HOH A O   1 
HETATM 1311 O  O   . HOH D 4 .   ? 4.971   -10.984 6.429   1.00 0.52 ? 486 HOH A O   1 
HETATM 1312 O  O   . HOH D 4 .   ? 13.589  1.202   13.132  1.00 0.45 ? 487 HOH A O   1 
HETATM 1313 O  O   . HOH D 4 .   ? -4.716  0.678   -18.572 1.00 0.53 ? 488 HOH A O   1 
HETATM 1314 O  O   . HOH D 4 .   ? -4.033  16.687  -2.231  1.00 0.42 ? 489 HOH A O   1 
HETATM 1315 O  O   . HOH D 4 .   ? -0.912  3.540   14.415  1.00 0.41 ? 490 HOH A O   1 
HETATM 1316 O  O   . HOH D 4 .   ? 12.036  16.464  -7.369  1.00 0.60 ? 491 HOH A O   1 
HETATM 1317 O  O   . HOH D 4 .   ? 19.822  10.679  -0.873  1.00 0.61 ? 492 HOH A O   1 
HETATM 1318 O  O   . HOH D 4 .   ? -6.720  -14.608 -16.319 1.00 0.61 ? 493 HOH A O   1 
HETATM 1319 O  O   . HOH D 4 .   ? -7.694  -11.728 -11.951 1.00 0.51 ? 494 HOH A O   1 
HETATM 1320 O  O   . HOH D 4 .   ? 7.439   -8.420  -12.852 1.00 0.51 ? 495 HOH A O   1 
HETATM 1321 O  O   . HOH D 4 .   ? -11.988 -19.649 6.221   1.00 0.71 ? 496 HOH A O   1 
HETATM 1322 O  O   . HOH D 4 .   ? -11.200 8.670   -3.432  1.00 0.72 ? 497 HOH A O   1 
HETATM 1323 O  O   . HOH D 4 .   ? -13.948 -20.621 4.231   1.00 0.52 ? 498 HOH A O   1 
HETATM 1324 O  O   . HOH D 4 .   ? -11.532 -17.167 8.175   1.00 0.81 ? 499 HOH A O   1 
HETATM 1325 O  O   . HOH D 4 .   ? -2.333  11.663  -14.501 1.00 0.61 ? 500 HOH A O   1 
HETATM 1326 O  O   . HOH D 4 .   ? 1.942   12.592  -10.073 1.00 0.81 ? 501 HOH A O   1 
HETATM 1327 O  O   . HOH D 4 .   ? 5.380   -12.435 2.646   1.00 0.63 ? 502 HOH A O   1 
HETATM 1328 O  O   . HOH D 4 .   ? 19.732  -4.242  3.346   1.00 0.53 ? 503 HOH A O   1 
HETATM 1329 O  O   . HOH D 4 .   ? -18.012 -14.807 2.668   1.00 0.81 ? 504 HOH A O   1 
HETATM 1330 O  O   . HOH D 4 .   ? -7.358  -1.257  18.631  1.00 0.90 ? 505 HOH A O   1 
HETATM 1331 O  O   . HOH D 4 .   ? 20.448  3.643   -3.269  1.00 0.51 ? 506 HOH A O   1 
# 
